data_2EP8
#
_entry.id   2EP8
#
_entity_poly.entity_id   1
_entity_poly.type   'polypeptide(L)'
_entity_poly.pdbx_seq_one_letter_code
;GSSGSSGKHKKLFEGLKFFLNREVPREALAFIIRSFGGEVSWDKSLCIGATYDVTDSRITHQIVDRPGQQTSVIGRCYVQ
PQWVFDSVNARLLLPVAEYF
;
_entity_poly.pdbx_strand_id   A
#
# COMPACT_ATOMS: atom_id res chain seq x y z
N GLY A 1 17.25 -0.32 11.83
CA GLY A 1 16.65 0.54 10.82
C GLY A 1 17.64 1.54 10.25
N SER A 2 17.29 2.15 9.13
CA SER A 2 18.16 3.12 8.48
C SER A 2 17.40 4.42 8.20
N SER A 3 18.06 5.55 8.44
CA SER A 3 17.45 6.85 8.22
C SER A 3 18.12 7.56 7.04
N GLY A 4 17.48 8.64 6.57
CA GLY A 4 18.03 9.38 5.46
C GLY A 4 16.96 10.13 4.68
N SER A 5 17.35 11.24 4.06
CA SER A 5 16.42 12.05 3.29
C SER A 5 16.43 11.65 1.82
N SER A 6 15.36 11.99 1.11
CA SER A 6 15.24 11.66 -0.30
C SER A 6 15.47 12.90 -1.17
N GLY A 7 14.83 14.01 -0.79
CA GLY A 7 14.98 15.23 -1.55
C GLY A 7 13.95 16.28 -1.15
N LYS A 8 12.70 16.02 -1.53
CA LYS A 8 11.60 16.95 -1.21
C LYS A 8 10.44 16.21 -0.57
N HIS A 9 9.42 16.96 -0.17
CA HIS A 9 8.24 16.38 0.47
C HIS A 9 7.08 16.31 -0.52
N LYS A 10 7.32 15.73 -1.69
CA LYS A 10 6.30 15.60 -2.72
C LYS A 10 6.20 14.16 -3.21
N LYS A 11 5.31 13.38 -2.57
CA LYS A 11 5.11 11.99 -2.95
C LYS A 11 3.63 11.68 -3.09
N LEU A 12 3.31 10.78 -4.03
CA LEU A 12 1.93 10.39 -4.27
C LEU A 12 1.36 9.62 -3.08
N PHE A 13 2.22 8.81 -2.45
CA PHE A 13 1.81 8.02 -1.30
C PHE A 13 2.50 8.51 -0.02
N GLU A 14 2.67 9.83 0.08
CA GLU A 14 3.31 10.42 1.25
C GLU A 14 2.54 10.08 2.53
N GLY A 15 3.17 9.28 3.39
CA GLY A 15 2.53 8.89 4.63
C GLY A 15 1.60 7.71 4.47
N LEU A 16 0.72 7.79 3.46
CA LEU A 16 -0.23 6.72 3.21
C LEU A 16 0.39 5.35 3.49
N LYS A 17 -0.32 4.54 4.26
CA LYS A 17 0.15 3.20 4.61
C LYS A 17 -0.57 2.14 3.79
N PHE A 18 0.21 1.24 3.18
CA PHE A 18 -0.36 0.17 2.37
C PHE A 18 0.06 -1.19 2.91
N PHE A 19 -0.64 -2.24 2.46
CA PHE A 19 -0.35 -3.60 2.89
C PHE A 19 -0.52 -4.58 1.75
N LEU A 20 0.40 -5.54 1.64
CA LEU A 20 0.34 -6.55 0.59
C LEU A 20 0.13 -7.94 1.19
N ASN A 21 -0.60 -8.79 0.46
CA ASN A 21 -0.87 -10.15 0.90
C ASN A 21 -0.02 -11.16 0.14
N ARG A 22 -0.02 -12.40 0.59
CA ARG A 22 0.75 -13.46 -0.04
C ARG A 22 0.12 -13.84 -1.38
N GLU A 23 -1.11 -13.40 -1.61
CA GLU A 23 -1.82 -13.69 -2.84
C GLU A 23 -1.41 -12.74 -3.96
N VAL A 24 -1.37 -11.45 -3.63
CA VAL A 24 -1.00 -10.43 -4.60
C VAL A 24 0.53 -10.28 -4.68
N PRO A 25 1.01 -9.89 -5.87
CA PRO A 25 2.44 -9.70 -6.12
C PRO A 25 3.01 -8.50 -5.37
N ARG A 26 3.99 -8.75 -4.51
CA ARG A 26 4.62 -7.69 -3.73
C ARG A 26 5.87 -7.16 -4.44
N GLU A 27 6.62 -8.06 -5.05
CA GLU A 27 7.84 -7.68 -5.76
C GLU A 27 7.60 -6.46 -6.64
N ALA A 28 6.42 -6.39 -7.24
CA ALA A 28 6.07 -5.27 -8.11
C ALA A 28 5.48 -4.12 -7.29
N LEU A 29 4.41 -4.39 -6.56
CA LEU A 29 3.76 -3.38 -5.73
C LEU A 29 4.76 -2.72 -4.79
N ALA A 30 5.36 -3.52 -3.93
CA ALA A 30 6.34 -3.02 -2.97
C ALA A 30 7.28 -2.02 -3.63
N PHE A 31 8.07 -2.48 -4.59
CA PHE A 31 9.01 -1.63 -5.29
C PHE A 31 8.34 -0.33 -5.75
N ILE A 32 7.11 -0.46 -6.23
CA ILE A 32 6.35 0.70 -6.69
C ILE A 32 6.02 1.64 -5.54
N ILE A 33 5.09 1.22 -4.69
CA ILE A 33 4.68 2.03 -3.55
C ILE A 33 5.89 2.71 -2.89
N ARG A 34 7.00 1.97 -2.83
CA ARG A 34 8.22 2.50 -2.22
C ARG A 34 8.80 3.63 -3.05
N SER A 35 9.01 3.36 -4.35
CA SER A 35 9.55 4.37 -5.25
C SER A 35 8.72 5.63 -5.23
N PHE A 36 7.40 5.47 -5.10
CA PHE A 36 6.49 6.61 -5.06
C PHE A 36 6.47 7.24 -3.68
N GLY A 37 7.40 6.84 -2.83
CA GLY A 37 7.47 7.38 -1.48
C GLY A 37 6.27 6.98 -0.64
N GLY A 38 5.94 5.70 -0.65
CA GLY A 38 4.81 5.21 0.12
C GLY A 38 5.19 4.14 1.11
N GLU A 39 4.34 3.92 2.11
CA GLU A 39 4.61 2.92 3.14
C GLU A 39 3.96 1.59 2.78
N VAL A 40 4.73 0.52 2.86
CA VAL A 40 4.23 -0.82 2.55
C VAL A 40 4.92 -1.88 3.40
N SER A 41 4.12 -2.79 3.95
CA SER A 41 4.65 -3.86 4.78
C SER A 41 3.98 -5.19 4.47
N TRP A 42 4.64 -6.28 4.81
CA TRP A 42 4.11 -7.62 4.56
C TRP A 42 4.17 -8.48 5.82
N ASP A 43 3.50 -9.62 5.78
CA ASP A 43 3.49 -10.53 6.91
C ASP A 43 4.90 -10.93 7.31
N LYS A 44 5.27 -10.66 8.56
CA LYS A 44 6.59 -10.99 9.06
C LYS A 44 6.93 -12.46 8.79
N SER A 45 6.00 -13.35 9.12
CA SER A 45 6.19 -14.78 8.92
C SER A 45 6.47 -15.08 7.44
N LEU A 46 5.65 -14.53 6.57
CA LEU A 46 5.80 -14.73 5.14
C LEU A 46 7.24 -14.45 4.70
N CYS A 47 7.75 -13.28 5.08
CA CYS A 47 9.11 -12.89 4.73
C CYS A 47 9.62 -11.79 5.66
N ILE A 48 10.88 -11.90 6.06
CA ILE A 48 11.48 -10.91 6.94
C ILE A 48 11.62 -9.56 6.26
N GLY A 49 11.69 -8.51 7.06
CA GLY A 49 11.82 -7.17 6.51
C GLY A 49 10.55 -6.35 6.66
N ALA A 50 9.63 -6.83 7.52
CA ALA A 50 8.38 -6.13 7.75
C ALA A 50 8.45 -5.28 9.02
N THR A 51 7.53 -4.34 9.14
CA THR A 51 7.48 -3.45 10.30
C THR A 51 6.20 -3.66 11.11
N TYR A 52 5.07 -3.28 10.53
CA TYR A 52 3.78 -3.41 11.19
C TYR A 52 3.04 -4.65 10.69
N ASP A 53 2.28 -5.28 11.58
CA ASP A 53 1.51 -6.47 11.22
C ASP A 53 0.19 -6.09 10.55
N VAL A 54 -0.55 -7.10 10.11
CA VAL A 54 -1.83 -6.88 9.44
C VAL A 54 -2.90 -6.50 10.45
N THR A 55 -2.51 -6.37 11.71
CA THR A 55 -3.44 -6.02 12.77
C THR A 55 -3.15 -4.63 13.33
N ASP A 56 -2.57 -3.77 12.49
CA ASP A 56 -2.24 -2.41 12.90
C ASP A 56 -3.21 -1.41 12.30
N SER A 57 -4.16 -0.96 13.10
CA SER A 57 -5.16 0.00 12.66
C SER A 57 -4.53 1.08 11.79
N ARG A 58 -3.30 1.46 12.14
CA ARG A 58 -2.57 2.50 11.41
C ARG A 58 -2.80 2.34 9.90
N ILE A 59 -2.72 1.10 9.43
CA ILE A 59 -2.90 0.82 8.01
C ILE A 59 -4.09 1.59 7.44
N THR A 60 -3.85 2.35 6.38
CA THR A 60 -4.90 3.13 5.75
C THR A 60 -5.55 2.35 4.61
N HIS A 61 -4.73 1.73 3.78
CA HIS A 61 -5.23 0.95 2.65
C HIS A 61 -4.65 -0.46 2.66
N GLN A 62 -5.50 -1.45 2.41
CA GLN A 62 -5.07 -2.85 2.40
C GLN A 62 -5.34 -3.49 1.05
N ILE A 63 -4.29 -4.02 0.43
CA ILE A 63 -4.41 -4.67 -0.87
C ILE A 63 -4.67 -6.16 -0.72
N VAL A 64 -5.63 -6.67 -1.48
CA VAL A 64 -5.98 -8.09 -1.43
C VAL A 64 -6.51 -8.56 -2.79
N ASP A 65 -6.34 -9.85 -3.06
CA ASP A 65 -6.80 -10.43 -4.32
C ASP A 65 -8.31 -10.64 -4.29
N ARG A 66 -8.86 -10.85 -3.10
CA ARG A 66 -10.29 -11.06 -2.94
C ARG A 66 -10.84 -10.24 -1.77
N PRO A 67 -11.08 -8.95 -2.03
CA PRO A 67 -11.61 -8.03 -1.00
C PRO A 67 -13.07 -8.35 -0.64
N GLY A 68 -13.74 -9.10 -1.50
CA GLY A 68 -15.13 -9.45 -1.25
C GLY A 68 -15.26 -10.57 -0.23
N GLN A 69 -14.76 -11.75 -0.57
CA GLN A 69 -14.82 -12.90 0.31
C GLN A 69 -14.51 -12.49 1.75
N GLN A 70 -13.33 -11.93 1.95
CA GLN A 70 -12.91 -11.49 3.28
C GLN A 70 -13.53 -10.16 3.64
N THR A 71 -14.14 -10.10 4.83
CA THR A 71 -14.79 -8.87 5.28
C THR A 71 -13.77 -7.75 5.47
N SER A 72 -14.25 -6.58 5.89
CA SER A 72 -13.39 -5.43 6.10
C SER A 72 -13.26 -5.11 7.59
N VAL A 73 -12.48 -4.08 7.91
CA VAL A 73 -12.27 -3.67 9.28
C VAL A 73 -12.60 -2.19 9.47
N ILE A 74 -13.28 -1.87 10.57
CA ILE A 74 -13.66 -0.49 10.86
C ILE A 74 -12.49 0.46 10.60
N GLY A 75 -12.73 1.45 9.74
CA GLY A 75 -11.69 2.42 9.42
C GLY A 75 -10.84 1.98 8.24
N ARG A 76 -10.45 0.71 8.24
CA ARG A 76 -9.61 0.17 7.17
C ARG A 76 -10.46 -0.21 5.96
N CYS A 77 -9.98 0.12 4.77
CA CYS A 77 -10.70 -0.19 3.55
C CYS A 77 -9.86 -1.08 2.64
N TYR A 78 -10.36 -2.28 2.37
CA TYR A 78 -9.65 -3.24 1.51
C TYR A 78 -9.88 -2.91 0.03
N VAL A 79 -8.86 -3.15 -0.78
CA VAL A 79 -8.95 -2.90 -2.21
C VAL A 79 -8.06 -3.84 -3.00
N GLN A 80 -8.28 -3.92 -4.31
CA GLN A 80 -7.50 -4.79 -5.18
C GLN A 80 -6.14 -4.16 -5.48
N PRO A 81 -5.18 -5.01 -5.87
CA PRO A 81 -3.82 -4.56 -6.19
C PRO A 81 -3.76 -3.76 -7.49
N GLN A 82 -4.90 -3.67 -8.17
CA GLN A 82 -4.99 -2.93 -9.42
C GLN A 82 -5.26 -1.46 -9.17
N TRP A 83 -5.86 -1.15 -8.01
CA TRP A 83 -6.17 0.22 -7.65
C TRP A 83 -4.92 1.08 -7.61
N VAL A 84 -3.80 0.46 -7.21
CA VAL A 84 -2.52 1.17 -7.12
C VAL A 84 -1.92 1.38 -8.50
N PHE A 85 -1.89 0.31 -9.30
CA PHE A 85 -1.34 0.38 -10.64
C PHE A 85 -2.06 1.43 -11.48
N ASP A 86 -3.37 1.55 -11.27
CA ASP A 86 -4.18 2.52 -12.01
C ASP A 86 -3.93 3.93 -11.49
N SER A 87 -3.54 4.04 -10.22
CA SER A 87 -3.28 5.34 -9.61
C SER A 87 -1.94 5.89 -10.06
N VAL A 88 -0.90 5.07 -9.94
CA VAL A 88 0.45 5.48 -10.34
C VAL A 88 0.45 5.99 -11.78
N ASN A 89 -0.26 5.29 -12.66
CA ASN A 89 -0.33 5.67 -14.06
C ASN A 89 -1.11 6.98 -14.23
N ALA A 90 -2.12 7.17 -13.40
CA ALA A 90 -2.95 8.37 -13.45
C ALA A 90 -2.43 9.44 -12.50
N ARG A 91 -1.31 9.14 -11.83
CA ARG A 91 -0.70 10.08 -10.89
C ARG A 91 -1.77 10.73 -10.02
N LEU A 92 -2.70 9.92 -9.52
CA LEU A 92 -3.77 10.41 -8.67
C LEU A 92 -4.40 9.27 -7.86
N LEU A 93 -4.99 9.61 -6.72
CA LEU A 93 -5.63 8.62 -5.87
C LEU A 93 -7.06 8.35 -6.33
N LEU A 94 -7.25 7.26 -7.05
CA LEU A 94 -8.57 6.89 -7.55
C LEU A 94 -9.49 6.51 -6.39
N PRO A 95 -10.81 6.65 -6.62
CA PRO A 95 -11.82 6.33 -5.61
C PRO A 95 -11.93 4.83 -5.36
N VAL A 96 -11.41 4.38 -4.22
CA VAL A 96 -11.45 2.97 -3.86
C VAL A 96 -12.87 2.43 -3.92
N ALA A 97 -13.84 3.33 -3.94
CA ALA A 97 -15.25 2.94 -3.99
C ALA A 97 -15.53 2.10 -5.23
N GLU A 98 -14.70 2.26 -6.25
CA GLU A 98 -14.87 1.51 -7.49
C GLU A 98 -14.19 0.16 -7.41
N TYR A 99 -13.10 0.08 -6.65
CA TYR A 99 -12.36 -1.15 -6.49
C TYR A 99 -12.67 -1.80 -5.14
N PHE A 100 -13.93 -1.75 -4.74
CA PHE A 100 -14.36 -2.32 -3.47
C PHE A 100 -15.64 -3.14 -3.64
N GLY A 1 14.34 5.35 5.23
CA GLY A 1 15.37 6.22 4.68
C GLY A 1 15.70 5.90 3.24
N SER A 2 16.35 6.82 2.56
CA SER A 2 16.71 6.63 1.15
C SER A 2 17.66 7.73 0.68
N SER A 3 18.73 7.33 0.00
CA SER A 3 19.71 8.28 -0.51
C SER A 3 19.33 8.78 -1.90
N GLY A 4 19.90 9.91 -2.29
CA GLY A 4 19.61 10.47 -3.59
C GLY A 4 19.13 11.90 -3.52
N SER A 5 19.67 12.76 -4.38
CA SER A 5 19.29 14.17 -4.39
C SER A 5 17.79 14.33 -4.23
N SER A 6 17.38 15.37 -3.52
CA SER A 6 15.96 15.64 -3.29
C SER A 6 15.56 16.98 -3.89
N GLY A 7 14.42 17.00 -4.57
CA GLY A 7 13.93 18.23 -5.19
C GLY A 7 12.56 18.63 -4.69
N LYS A 8 11.53 17.96 -5.18
CA LYS A 8 10.16 18.26 -4.77
C LYS A 8 9.90 17.75 -3.36
N HIS A 9 8.86 18.29 -2.73
CA HIS A 9 8.49 17.89 -1.37
C HIS A 9 7.09 17.28 -1.34
N LYS A 10 6.79 16.46 -2.34
CA LYS A 10 5.49 15.81 -2.43
C LYS A 10 5.62 14.42 -3.05
N LYS A 11 4.79 13.49 -2.60
CA LYS A 11 4.80 12.12 -3.11
C LYS A 11 3.39 11.63 -3.39
N LEU A 12 3.23 10.86 -4.46
CA LEU A 12 1.94 10.32 -4.84
C LEU A 12 1.31 9.56 -3.67
N PHE A 13 2.11 8.78 -2.97
CA PHE A 13 1.62 8.01 -1.83
C PHE A 13 2.23 8.53 -0.53
N GLU A 14 2.17 9.85 -0.34
CA GLU A 14 2.71 10.46 0.87
C GLU A 14 1.81 10.20 2.07
N GLY A 15 2.43 9.89 3.20
CA GLY A 15 1.67 9.61 4.41
C GLY A 15 0.55 8.61 4.17
N LEU A 16 0.92 7.41 3.73
CA LEU A 16 -0.06 6.36 3.47
C LEU A 16 0.55 4.97 3.69
N LYS A 17 -0.06 4.21 4.59
CA LYS A 17 0.41 2.87 4.91
C LYS A 17 -0.41 1.82 4.18
N PHE A 18 0.27 0.99 3.39
CA PHE A 18 -0.40 -0.07 2.64
C PHE A 18 0.02 -1.45 3.13
N PHE A 19 -0.73 -2.47 2.76
CA PHE A 19 -0.44 -3.84 3.15
C PHE A 19 -0.65 -4.80 1.99
N LEU A 20 0.43 -5.46 1.57
CA LEU A 20 0.35 -6.40 0.46
C LEU A 20 0.14 -7.82 0.98
N ASN A 21 -0.69 -8.59 0.26
CA ASN A 21 -0.97 -9.96 0.65
C ASN A 21 -0.06 -10.94 -0.09
N ARG A 22 -0.28 -12.24 0.14
CA ARG A 22 0.51 -13.27 -0.51
C ARG A 22 -0.06 -13.61 -1.89
N GLU A 23 -1.34 -13.29 -2.09
CA GLU A 23 -2.01 -13.58 -3.35
C GLU A 23 -1.64 -12.54 -4.40
N VAL A 24 -1.11 -11.40 -3.95
CA VAL A 24 -0.71 -10.32 -4.85
C VAL A 24 0.81 -10.21 -4.93
N PRO A 25 1.31 -9.76 -6.09
CA PRO A 25 2.74 -9.58 -6.31
C PRO A 25 3.33 -8.44 -5.49
N ARG A 26 4.28 -8.78 -4.63
CA ARG A 26 4.92 -7.77 -3.78
C ARG A 26 6.08 -7.10 -4.51
N GLU A 27 7.04 -7.91 -4.97
CA GLU A 27 8.19 -7.39 -5.68
C GLU A 27 7.81 -6.22 -6.57
N ALA A 28 6.64 -6.33 -7.21
CA ALA A 28 6.16 -5.27 -8.09
C ALA A 28 5.56 -4.13 -7.29
N LEU A 29 4.46 -4.41 -6.59
CA LEU A 29 3.79 -3.40 -5.78
C LEU A 29 4.74 -2.79 -4.75
N ALA A 30 5.25 -3.63 -3.86
CA ALA A 30 6.17 -3.18 -2.83
C ALA A 30 7.19 -2.20 -3.40
N PHE A 31 7.80 -2.56 -4.51
CA PHE A 31 8.79 -1.70 -5.16
C PHE A 31 8.16 -0.39 -5.62
N ILE A 32 7.03 -0.50 -6.32
CA ILE A 32 6.33 0.68 -6.82
C ILE A 32 6.02 1.66 -5.69
N ILE A 33 5.18 1.23 -4.76
CA ILE A 33 4.80 2.06 -3.63
C ILE A 33 6.03 2.63 -2.93
N ARG A 34 7.01 1.78 -2.66
CA ARG A 34 8.24 2.20 -2.00
C ARG A 34 9.01 3.18 -2.89
N SER A 35 8.78 3.11 -4.19
CA SER A 35 9.46 3.98 -5.14
C SER A 35 8.74 5.32 -5.25
N PHE A 36 7.43 5.31 -5.05
CA PHE A 36 6.63 6.52 -5.12
C PHE A 36 6.67 7.28 -3.81
N GLY A 37 7.24 6.66 -2.78
CA GLY A 37 7.35 7.31 -1.49
C GLY A 37 6.18 6.95 -0.57
N GLY A 38 5.82 5.68 -0.57
CA GLY A 38 4.71 5.23 0.27
C GLY A 38 5.11 4.12 1.22
N GLU A 39 4.28 3.88 2.23
CA GLU A 39 4.57 2.84 3.21
C GLU A 39 3.91 1.52 2.82
N VAL A 40 4.67 0.43 2.93
CA VAL A 40 4.16 -0.89 2.59
C VAL A 40 4.82 -1.97 3.43
N SER A 41 4.00 -2.77 4.10
CA SER A 41 4.51 -3.85 4.95
C SER A 41 3.85 -5.18 4.59
N TRP A 42 4.49 -6.28 5.00
CA TRP A 42 3.96 -7.61 4.73
C TRP A 42 4.11 -8.51 5.94
N ASP A 43 3.53 -9.70 5.86
CA ASP A 43 3.60 -10.66 6.96
C ASP A 43 5.03 -11.18 7.13
N LYS A 44 5.66 -10.81 8.24
CA LYS A 44 7.02 -11.24 8.51
C LYS A 44 7.21 -12.71 8.18
N SER A 45 6.36 -13.55 8.75
CA SER A 45 6.43 -14.99 8.52
C SER A 45 6.70 -15.29 7.05
N LEU A 46 5.82 -14.83 6.18
CA LEU A 46 5.97 -15.05 4.74
C LEU A 46 7.35 -14.62 4.27
N CYS A 47 7.74 -13.40 4.63
CA CYS A 47 9.03 -12.86 4.24
C CYS A 47 9.50 -11.80 5.24
N ILE A 48 10.80 -11.79 5.52
CA ILE A 48 11.37 -10.82 6.44
C ILE A 48 11.45 -9.43 5.82
N GLY A 49 12.04 -8.50 6.55
CA GLY A 49 12.17 -7.14 6.06
C GLY A 49 10.95 -6.29 6.35
N ALA A 50 9.85 -6.95 6.72
CA ALA A 50 8.61 -6.25 7.02
C ALA A 50 8.77 -5.35 8.25
N THR A 51 7.81 -4.46 8.46
CA THR A 51 7.86 -3.55 9.59
C THR A 51 6.69 -3.77 10.54
N TYR A 52 5.49 -3.42 10.08
CA TYR A 52 4.28 -3.59 10.89
C TYR A 52 3.40 -4.69 10.31
N ASP A 53 2.82 -5.50 11.20
CA ASP A 53 1.96 -6.59 10.78
C ASP A 53 0.54 -6.09 10.52
N VAL A 54 -0.29 -6.95 9.95
CA VAL A 54 -1.67 -6.59 9.64
C VAL A 54 -2.43 -6.23 10.91
N THR A 55 -1.90 -6.65 12.06
CA THR A 55 -2.53 -6.37 13.34
C THR A 55 -2.13 -5.00 13.86
N ASP A 56 -1.77 -4.10 12.95
CA ASP A 56 -1.35 -2.75 13.31
C ASP A 56 -2.34 -1.71 12.78
N SER A 57 -2.92 -0.94 13.69
CA SER A 57 -3.89 0.09 13.31
C SER A 57 -3.27 1.08 12.33
N ARG A 58 -1.99 1.38 12.53
CA ARG A 58 -1.28 2.32 11.68
C ARG A 58 -1.70 2.15 10.21
N ILE A 59 -1.87 0.89 9.80
CA ILE A 59 -2.27 0.60 8.43
C ILE A 59 -3.42 1.48 7.99
N THR A 60 -3.36 1.96 6.75
CA THR A 60 -4.41 2.82 6.21
C THR A 60 -5.15 2.13 5.07
N HIS A 61 -4.48 1.16 4.45
CA HIS A 61 -5.08 0.41 3.34
C HIS A 61 -4.54 -1.01 3.29
N GLN A 62 -5.31 -1.91 2.69
CA GLN A 62 -4.90 -3.31 2.57
C GLN A 62 -5.21 -3.85 1.18
N ILE A 63 -4.15 -4.13 0.42
CA ILE A 63 -4.30 -4.65 -0.93
C ILE A 63 -4.53 -6.16 -0.92
N VAL A 64 -5.71 -6.57 -1.33
CA VAL A 64 -6.05 -7.99 -1.37
C VAL A 64 -6.66 -8.37 -2.72
N ASP A 65 -6.41 -9.61 -3.15
CA ASP A 65 -6.95 -10.09 -4.42
C ASP A 65 -8.47 -10.10 -4.41
N ARG A 66 -9.05 -10.54 -3.30
CA ARG A 66 -10.50 -10.60 -3.17
C ARG A 66 -10.95 -9.99 -1.84
N PRO A 67 -11.05 -8.65 -1.82
CA PRO A 67 -11.47 -7.92 -0.61
C PRO A 67 -12.95 -8.14 -0.29
N GLY A 68 -13.69 -8.70 -1.24
CA GLY A 68 -15.10 -8.95 -1.03
C GLY A 68 -15.35 -10.13 -0.10
N GLN A 69 -14.60 -11.22 -0.32
CA GLN A 69 -14.75 -12.41 0.51
C GLN A 69 -14.39 -12.12 1.96
N GLN A 70 -13.38 -11.27 2.16
CA GLN A 70 -12.94 -10.92 3.50
C GLN A 70 -13.53 -9.58 3.93
N THR A 71 -14.33 -9.60 4.99
CA THR A 71 -14.95 -8.39 5.50
C THR A 71 -13.93 -7.27 5.68
N SER A 72 -14.41 -6.09 6.06
CA SER A 72 -13.54 -4.94 6.26
C SER A 72 -13.34 -4.67 7.75
N VAL A 73 -12.54 -3.66 8.07
CA VAL A 73 -12.27 -3.29 9.45
C VAL A 73 -12.71 -1.86 9.74
N ILE A 74 -13.37 -1.67 10.88
CA ILE A 74 -13.84 -0.35 11.27
C ILE A 74 -12.73 0.69 11.18
N GLY A 75 -12.78 1.51 10.15
CA GLY A 75 -11.77 2.53 9.96
C GLY A 75 -10.85 2.24 8.79
N ARG A 76 -10.67 0.96 8.50
CA ARG A 76 -9.80 0.55 7.40
C ARG A 76 -10.62 0.07 6.21
N CYS A 77 -10.09 0.27 5.01
CA CYS A 77 -10.77 -0.14 3.79
C CYS A 77 -9.88 -1.05 2.94
N TYR A 78 -10.42 -2.17 2.50
CA TYR A 78 -9.68 -3.12 1.69
C TYR A 78 -9.86 -2.83 0.20
N VAL A 79 -8.76 -2.78 -0.52
CA VAL A 79 -8.78 -2.50 -1.95
C VAL A 79 -7.98 -3.54 -2.73
N GLN A 80 -8.16 -3.56 -4.05
CA GLN A 80 -7.45 -4.50 -4.91
C GLN A 80 -6.08 -3.94 -5.31
N PRO A 81 -5.19 -4.84 -5.76
CA PRO A 81 -3.83 -4.47 -6.18
C PRO A 81 -3.84 -3.67 -7.49
N GLN A 82 -5.01 -3.57 -8.11
CA GLN A 82 -5.15 -2.83 -9.37
C GLN A 82 -5.26 -1.34 -9.11
N TRP A 83 -5.71 -0.98 -7.92
CA TRP A 83 -5.87 0.43 -7.54
C TRP A 83 -4.54 1.16 -7.63
N VAL A 84 -3.47 0.51 -7.17
CA VAL A 84 -2.15 1.11 -7.19
C VAL A 84 -1.64 1.26 -8.63
N PHE A 85 -1.56 0.13 -9.34
CA PHE A 85 -1.09 0.14 -10.72
C PHE A 85 -1.87 1.16 -11.55
N ASP A 86 -3.09 1.44 -11.14
CA ASP A 86 -3.94 2.40 -11.84
C ASP A 86 -3.64 3.82 -11.39
N SER A 87 -3.63 4.03 -10.08
CA SER A 87 -3.37 5.34 -9.51
C SER A 87 -2.03 5.88 -9.99
N VAL A 88 -0.98 5.07 -9.84
CA VAL A 88 0.36 5.46 -10.25
C VAL A 88 0.37 5.87 -11.72
N ASN A 89 -0.35 5.13 -12.55
CA ASN A 89 -0.43 5.42 -13.98
C ASN A 89 -1.39 6.56 -14.26
N ALA A 90 -2.14 6.96 -13.23
CA ALA A 90 -3.11 8.04 -13.37
C ALA A 90 -2.69 9.26 -12.55
N ARG A 91 -1.48 9.22 -12.02
CA ARG A 91 -0.96 10.32 -11.20
C ARG A 91 -2.08 10.97 -10.40
N LEU A 92 -2.95 10.14 -9.83
CA LEU A 92 -4.06 10.65 -9.03
C LEU A 92 -4.64 9.54 -8.15
N LEU A 93 -5.07 9.91 -6.95
CA LEU A 93 -5.65 8.95 -6.02
C LEU A 93 -7.04 8.53 -6.47
N LEU A 94 -7.10 7.47 -7.28
CA LEU A 94 -8.36 6.95 -7.78
C LEU A 94 -9.31 6.60 -6.63
N PRO A 95 -10.62 6.64 -6.90
CA PRO A 95 -11.64 6.32 -5.91
C PRO A 95 -11.66 4.85 -5.53
N VAL A 96 -11.21 4.54 -4.32
CA VAL A 96 -11.18 3.17 -3.85
C VAL A 96 -12.57 2.53 -3.89
N ALA A 97 -13.60 3.37 -3.91
CA ALA A 97 -14.97 2.89 -3.96
C ALA A 97 -15.21 2.02 -5.19
N GLU A 98 -14.24 2.05 -6.12
CA GLU A 98 -14.35 1.26 -7.35
C GLU A 98 -13.60 -0.05 -7.21
N TYR A 99 -12.58 -0.07 -6.37
CA TYR A 99 -11.77 -1.27 -6.15
C TYR A 99 -12.04 -1.86 -4.77
N PHE A 100 -13.30 -1.79 -4.34
CA PHE A 100 -13.69 -2.31 -3.04
C PHE A 100 -14.61 -3.52 -3.19
N GLY A 1 23.48 8.14 9.58
CA GLY A 1 22.65 9.31 9.47
C GLY A 1 22.99 10.16 8.26
N SER A 2 23.39 11.40 8.51
CA SER A 2 23.74 12.32 7.43
C SER A 2 22.78 12.19 6.26
N SER A 3 21.48 12.21 6.57
CA SER A 3 20.45 12.09 5.55
C SER A 3 19.80 13.44 5.27
N GLY A 4 19.39 14.13 6.33
CA GLY A 4 18.76 15.42 6.18
C GLY A 4 17.50 15.37 5.33
N SER A 5 16.75 16.47 5.30
CA SER A 5 15.52 16.54 4.53
C SER A 5 15.70 17.44 3.31
N SER A 6 14.71 17.42 2.43
CA SER A 6 14.74 18.23 1.22
C SER A 6 13.72 19.36 1.29
N GLY A 7 13.61 19.99 2.46
CA GLY A 7 12.66 21.08 2.63
C GLY A 7 11.23 20.60 2.61
N LYS A 8 10.57 20.80 1.47
CA LYS A 8 9.18 20.38 1.32
C LYS A 8 8.95 19.75 -0.05
N HIS A 9 8.51 18.49 -0.05
CA HIS A 9 8.25 17.78 -1.29
C HIS A 9 6.84 17.20 -1.30
N LYS A 10 6.43 16.68 -2.45
CA LYS A 10 5.09 16.10 -2.59
C LYS A 10 5.17 14.67 -3.12
N LYS A 11 4.74 13.72 -2.30
CA LYS A 11 4.76 12.32 -2.68
C LYS A 11 3.34 11.79 -2.88
N LEU A 12 3.11 11.13 -4.01
CA LEU A 12 1.80 10.57 -4.32
C LEU A 12 1.26 9.76 -3.15
N PHE A 13 2.06 8.80 -2.69
CA PHE A 13 1.67 7.96 -1.57
C PHE A 13 2.25 8.47 -0.26
N GLU A 14 2.20 9.80 -0.08
CA GLU A 14 2.72 10.42 1.13
C GLU A 14 1.81 10.14 2.32
N GLY A 15 2.42 9.84 3.47
CA GLY A 15 1.65 9.56 4.65
C GLY A 15 0.52 8.57 4.40
N LEU A 16 0.85 7.44 3.78
CA LEU A 16 -0.15 6.43 3.47
C LEU A 16 0.40 5.03 3.73
N LYS A 17 -0.27 4.28 4.59
CA LYS A 17 0.16 2.92 4.92
C LYS A 17 -0.56 1.90 4.04
N PHE A 18 0.20 1.01 3.42
CA PHE A 18 -0.36 -0.02 2.55
C PHE A 18 0.10 -1.40 2.99
N PHE A 19 -0.71 -2.41 2.71
CA PHE A 19 -0.40 -3.78 3.06
C PHE A 19 -0.62 -4.72 1.88
N LEU A 20 0.34 -5.63 1.66
CA LEU A 20 0.25 -6.59 0.57
C LEU A 20 0.06 -8.01 1.10
N ASN A 21 -0.82 -8.76 0.46
CA ASN A 21 -1.09 -10.13 0.86
C ASN A 21 -0.10 -11.10 0.21
N ARG A 22 -0.27 -12.39 0.48
CA ARG A 22 0.61 -13.40 -0.07
C ARG A 22 0.21 -13.77 -1.50
N GLU A 23 -1.06 -13.52 -1.83
CA GLU A 23 -1.57 -13.81 -3.16
C GLU A 23 -1.13 -12.74 -4.16
N VAL A 24 -1.23 -11.49 -3.76
CA VAL A 24 -0.83 -10.38 -4.63
C VAL A 24 0.69 -10.25 -4.70
N PRO A 25 1.18 -9.77 -5.85
CA PRO A 25 2.62 -9.59 -6.08
C PRO A 25 3.21 -8.46 -5.23
N ARG A 26 4.23 -8.78 -4.45
CA ARG A 26 4.88 -7.79 -3.60
C ARG A 26 6.02 -7.09 -4.34
N GLU A 27 7.00 -7.87 -4.78
CA GLU A 27 8.15 -7.33 -5.49
C GLU A 27 7.71 -6.21 -6.43
N ALA A 28 6.56 -6.39 -7.08
CA ALA A 28 6.04 -5.40 -8.02
C ALA A 28 5.43 -4.22 -7.26
N LEU A 29 4.41 -4.51 -6.45
CA LEU A 29 3.72 -3.48 -5.69
C LEU A 29 4.70 -2.78 -4.74
N ALA A 30 5.24 -3.54 -3.79
CA ALA A 30 6.18 -3.00 -2.82
C ALA A 30 7.14 -2.01 -3.48
N PHE A 31 7.82 -2.46 -4.53
CA PHE A 31 8.77 -1.64 -5.25
C PHE A 31 8.10 -0.35 -5.74
N ILE A 32 6.90 -0.49 -6.30
CA ILE A 32 6.16 0.66 -6.80
C ILE A 32 5.82 1.63 -5.67
N ILE A 33 4.95 1.20 -4.77
CA ILE A 33 4.53 2.02 -3.65
C ILE A 33 5.74 2.67 -2.97
N ARG A 34 6.80 1.88 -2.79
CA ARG A 34 8.02 2.36 -2.15
C ARG A 34 8.72 3.39 -3.04
N SER A 35 8.57 3.22 -4.35
CA SER A 35 9.20 4.12 -5.31
C SER A 35 8.43 5.43 -5.42
N PHE A 36 7.10 5.34 -5.28
CA PHE A 36 6.24 6.52 -5.36
C PHE A 36 6.18 7.24 -4.02
N GLY A 37 7.02 6.80 -3.08
CA GLY A 37 7.05 7.43 -1.77
C GLY A 37 5.87 7.01 -0.91
N GLY A 38 5.81 5.73 -0.58
CA GLY A 38 4.72 5.22 0.24
C GLY A 38 5.17 4.10 1.16
N GLU A 39 4.45 3.93 2.27
CA GLU A 39 4.78 2.89 3.24
C GLU A 39 4.00 1.61 2.94
N VAL A 40 4.72 0.50 2.80
CA VAL A 40 4.09 -0.78 2.52
C VAL A 40 4.62 -1.86 3.45
N SER A 41 3.74 -2.75 3.89
CA SER A 41 4.12 -3.84 4.79
C SER A 41 3.55 -5.17 4.31
N TRP A 42 4.15 -6.25 4.76
CA TRP A 42 3.71 -7.60 4.38
C TRP A 42 3.96 -8.60 5.49
N ASP A 43 3.35 -9.78 5.38
CA ASP A 43 3.52 -10.82 6.39
C ASP A 43 4.99 -11.15 6.58
N LYS A 44 5.53 -10.77 7.74
CA LYS A 44 6.93 -11.04 8.06
C LYS A 44 7.25 -12.52 7.91
N SER A 45 6.30 -13.36 8.25
CA SER A 45 6.49 -14.81 8.16
C SER A 45 6.90 -15.21 6.75
N LEU A 46 6.08 -14.82 5.77
CA LEU A 46 6.36 -15.14 4.37
C LEU A 46 7.73 -14.64 3.95
N CYS A 47 8.05 -13.40 4.33
CA CYS A 47 9.33 -12.80 4.00
C CYS A 47 9.74 -11.77 5.05
N ILE A 48 11.00 -11.82 5.47
CA ILE A 48 11.51 -10.88 6.46
C ILE A 48 11.83 -9.52 5.83
N GLY A 49 11.55 -8.46 6.58
CA GLY A 49 11.81 -7.12 6.07
C GLY A 49 10.65 -6.17 6.31
N ALA A 50 9.43 -6.73 6.32
CA ALA A 50 8.24 -5.93 6.54
C ALA A 50 8.42 -4.97 7.71
N THR A 51 7.46 -4.06 7.89
CA THR A 51 7.51 -3.09 8.97
C THR A 51 6.61 -3.50 10.13
N TYR A 52 5.30 -3.45 9.91
CA TYR A 52 4.34 -3.82 10.94
C TYR A 52 3.59 -5.09 10.54
N ASP A 53 2.78 -5.60 11.47
CA ASP A 53 2.01 -6.80 11.22
C ASP A 53 0.67 -6.47 10.55
N VAL A 54 0.02 -7.49 9.99
CA VAL A 54 -1.26 -7.30 9.32
C VAL A 54 -2.33 -6.86 10.30
N THR A 55 -2.13 -7.17 11.58
CA THR A 55 -3.09 -6.81 12.62
C THR A 55 -2.87 -5.39 13.09
N ASP A 56 -2.28 -4.57 12.23
CA ASP A 56 -2.01 -3.18 12.58
C ASP A 56 -3.12 -2.26 12.05
N SER A 57 -4.02 -1.87 12.94
CA SER A 57 -5.12 -1.01 12.56
C SER A 57 -4.62 0.24 11.82
N ARG A 58 -3.52 0.79 12.32
CA ARG A 58 -2.94 1.98 11.71
C ARG A 58 -3.06 1.94 10.19
N ILE A 59 -2.83 0.75 9.62
CA ILE A 59 -2.91 0.58 8.17
C ILE A 59 -4.10 1.32 7.60
N THR A 60 -3.83 2.24 6.67
CA THR A 60 -4.90 3.02 6.04
C THR A 60 -5.56 2.23 4.91
N HIS A 61 -4.75 1.50 4.14
CA HIS A 61 -5.26 0.70 3.03
C HIS A 61 -4.68 -0.71 3.06
N GLN A 62 -5.45 -1.68 2.60
CA GLN A 62 -5.00 -3.06 2.56
C GLN A 62 -5.23 -3.68 1.19
N ILE A 63 -4.14 -4.04 0.52
CA ILE A 63 -4.23 -4.64 -0.80
C ILE A 63 -4.49 -6.15 -0.71
N VAL A 64 -5.52 -6.61 -1.43
CA VAL A 64 -5.88 -8.01 -1.43
C VAL A 64 -6.48 -8.43 -2.77
N ASP A 65 -6.46 -9.73 -3.04
CA ASP A 65 -7.00 -10.26 -4.28
C ASP A 65 -8.53 -10.34 -4.22
N ARG A 66 -9.04 -10.74 -3.06
CA ARG A 66 -10.48 -10.87 -2.87
C ARG A 66 -10.93 -10.14 -1.59
N PRO A 67 -11.09 -8.83 -1.69
CA PRO A 67 -11.51 -7.99 -0.57
C PRO A 67 -12.96 -8.24 -0.18
N GLY A 68 -13.71 -8.89 -1.07
CA GLY A 68 -15.10 -9.18 -0.80
C GLY A 68 -15.28 -10.13 0.38
N GLN A 69 -14.61 -11.28 0.32
CA GLN A 69 -14.70 -12.26 1.38
C GLN A 69 -13.65 -12.02 2.46
N GLN A 70 -13.29 -10.75 2.63
CA GLN A 70 -12.29 -10.37 3.63
C GLN A 70 -12.93 -9.65 4.81
N THR A 71 -12.74 -10.19 6.00
CA THR A 71 -13.30 -9.60 7.21
C THR A 71 -12.81 -8.17 7.41
N SER A 72 -13.51 -7.21 6.79
CA SER A 72 -13.13 -5.82 6.89
C SER A 72 -12.97 -5.39 8.34
N VAL A 73 -12.26 -4.30 8.57
CA VAL A 73 -12.02 -3.79 9.92
C VAL A 73 -12.36 -2.31 10.02
N ILE A 74 -12.96 -1.92 11.14
CA ILE A 74 -13.34 -0.53 11.36
C ILE A 74 -12.17 0.40 11.09
N GLY A 75 -12.31 1.25 10.08
CA GLY A 75 -11.26 2.19 9.74
C GLY A 75 -10.44 1.75 8.55
N ARG A 76 -10.04 0.47 8.55
CA ARG A 76 -9.24 -0.08 7.47
C ARG A 76 -10.12 -0.45 6.28
N CYS A 77 -9.59 -0.27 5.08
CA CYS A 77 -10.34 -0.58 3.86
C CYS A 77 -9.56 -1.56 2.99
N TYR A 78 -10.24 -2.58 2.49
CA TYR A 78 -9.62 -3.59 1.64
C TYR A 78 -9.84 -3.27 0.17
N VAL A 79 -8.75 -3.01 -0.55
CA VAL A 79 -8.83 -2.70 -1.97
C VAL A 79 -7.96 -3.65 -2.79
N GLN A 80 -8.27 -3.77 -4.08
CA GLN A 80 -7.51 -4.64 -4.97
C GLN A 80 -6.18 -4.03 -5.33
N PRO A 81 -5.22 -4.88 -5.76
CA PRO A 81 -3.88 -4.44 -6.14
C PRO A 81 -3.88 -3.65 -7.45
N GLN A 82 -5.05 -3.55 -8.07
CA GLN A 82 -5.19 -2.82 -9.32
C GLN A 82 -5.39 -1.33 -9.07
N TRP A 83 -5.74 -0.98 -7.83
CA TRP A 83 -5.97 0.41 -7.46
C TRP A 83 -4.68 1.20 -7.55
N VAL A 84 -3.57 0.60 -7.14
CA VAL A 84 -2.27 1.25 -7.17
C VAL A 84 -1.76 1.37 -8.60
N PHE A 85 -1.72 0.26 -9.31
CA PHE A 85 -1.26 0.25 -10.70
C PHE A 85 -1.96 1.32 -11.52
N ASP A 86 -3.25 1.52 -11.24
CA ASP A 86 -4.03 2.52 -11.96
C ASP A 86 -3.66 3.93 -11.52
N SER A 87 -3.54 4.13 -10.21
CA SER A 87 -3.18 5.43 -9.67
C SER A 87 -1.86 5.92 -10.25
N VAL A 88 -0.81 5.13 -10.07
CA VAL A 88 0.51 5.48 -10.57
C VAL A 88 0.44 5.92 -12.03
N ASN A 89 -0.32 5.19 -12.83
CA ASN A 89 -0.48 5.50 -14.24
C ASN A 89 -1.21 6.84 -14.43
N ALA A 90 -2.27 7.04 -13.66
CA ALA A 90 -3.04 8.27 -13.72
C ALA A 90 -2.45 9.35 -12.84
N ARG A 91 -1.25 9.10 -12.32
CA ARG A 91 -0.57 10.05 -11.45
C ARG A 91 -1.57 10.75 -10.54
N LEU A 92 -2.58 10.02 -10.08
CA LEU A 92 -3.60 10.58 -9.21
C LEU A 92 -4.19 9.50 -8.29
N LEU A 93 -4.53 9.90 -7.07
CA LEU A 93 -5.10 8.96 -6.10
C LEU A 93 -6.55 8.65 -6.44
N LEU A 94 -6.75 7.63 -7.25
CA LEU A 94 -8.10 7.22 -7.65
C LEU A 94 -8.93 6.82 -6.43
N PRO A 95 -10.26 6.94 -6.56
CA PRO A 95 -11.20 6.60 -5.49
C PRO A 95 -11.25 5.10 -5.21
N VAL A 96 -10.79 4.70 -4.04
CA VAL A 96 -10.78 3.28 -3.66
C VAL A 96 -12.18 2.68 -3.77
N ALA A 97 -13.20 3.53 -3.60
CA ALA A 97 -14.58 3.08 -3.68
C ALA A 97 -14.82 2.24 -4.93
N GLU A 98 -14.06 2.52 -5.99
CA GLU A 98 -14.18 1.80 -7.24
C GLU A 98 -13.49 0.44 -7.14
N TYR A 99 -12.37 0.39 -6.42
CA TYR A 99 -11.62 -0.84 -6.26
C TYR A 99 -11.81 -1.42 -4.86
N PHE A 100 -13.06 -1.52 -4.43
CA PHE A 100 -13.38 -2.06 -3.11
C PHE A 100 -14.30 -3.27 -3.22
N GLY A 1 17.27 18.25 14.30
CA GLY A 1 18.68 18.53 14.17
C GLY A 1 18.98 20.02 14.13
N SER A 2 19.39 20.51 12.98
CA SER A 2 19.71 21.93 12.82
C SER A 2 19.29 22.44 11.44
N SER A 3 18.98 23.73 11.36
CA SER A 3 18.55 24.34 10.12
C SER A 3 19.61 24.17 9.03
N GLY A 4 19.17 24.04 7.79
CA GLY A 4 20.09 23.87 6.68
C GLY A 4 19.45 24.17 5.34
N SER A 5 18.60 23.26 4.87
CA SER A 5 17.92 23.44 3.59
C SER A 5 16.53 22.80 3.62
N SER A 6 15.54 23.53 3.12
CA SER A 6 14.16 23.05 3.09
C SER A 6 13.90 22.26 1.81
N GLY A 7 13.88 20.94 1.93
CA GLY A 7 13.63 20.09 0.77
C GLY A 7 12.15 19.95 0.47
N LYS A 8 11.63 20.85 -0.35
CA LYS A 8 10.23 20.82 -0.72
C LYS A 8 9.94 19.70 -1.71
N HIS A 9 9.35 18.61 -1.20
CA HIS A 9 9.02 17.47 -2.04
C HIS A 9 7.52 17.20 -2.04
N LYS A 10 7.09 16.28 -2.89
CA LYS A 10 5.67 15.93 -2.99
C LYS A 10 5.50 14.54 -3.61
N LYS A 11 5.11 13.59 -2.78
CA LYS A 11 4.90 12.21 -3.24
C LYS A 11 3.41 11.86 -3.27
N LEU A 12 3.04 10.96 -4.16
CA LEU A 12 1.64 10.54 -4.29
C LEU A 12 1.20 9.75 -3.06
N PHE A 13 1.99 8.75 -2.69
CA PHE A 13 1.67 7.92 -1.53
C PHE A 13 2.24 8.54 -0.25
N GLU A 14 2.31 9.86 -0.21
CA GLU A 14 2.83 10.58 0.94
C GLU A 14 1.92 10.39 2.15
N GLY A 15 2.46 9.78 3.20
CA GLY A 15 1.68 9.54 4.41
C GLY A 15 0.55 8.56 4.18
N LEU A 16 0.87 7.43 3.57
CA LEU A 16 -0.13 6.40 3.30
C LEU A 16 0.44 5.00 3.52
N LYS A 17 -0.19 4.24 4.41
CA LYS A 17 0.26 2.89 4.72
C LYS A 17 -0.52 1.86 3.89
N PHE A 18 0.19 0.85 3.41
CA PHE A 18 -0.43 -0.20 2.61
C PHE A 18 0.01 -1.58 3.07
N PHE A 19 -0.82 -2.58 2.83
CA PHE A 19 -0.52 -3.95 3.23
C PHE A 19 -0.71 -4.92 2.07
N LEU A 20 0.37 -5.56 1.65
CA LEU A 20 0.32 -6.51 0.55
C LEU A 20 0.14 -7.94 1.05
N ASN A 21 -0.81 -8.66 0.46
CA ASN A 21 -1.08 -10.03 0.85
C ASN A 21 -0.24 -11.01 0.04
N ARG A 22 -0.18 -12.26 0.51
CA ARG A 22 0.59 -13.29 -0.17
C ARG A 22 0.00 -13.59 -1.56
N GLU A 23 -1.31 -13.41 -1.68
CA GLU A 23 -1.99 -13.67 -2.95
C GLU A 23 -1.54 -12.67 -4.01
N VAL A 24 -1.30 -11.43 -3.61
CA VAL A 24 -0.87 -10.39 -4.52
C VAL A 24 0.65 -10.32 -4.58
N PRO A 25 1.17 -9.89 -5.75
CA PRO A 25 2.62 -9.76 -5.97
C PRO A 25 3.23 -8.62 -5.15
N ARG A 26 4.28 -8.92 -4.42
CA ARG A 26 4.96 -7.91 -3.59
C ARG A 26 6.10 -7.26 -4.37
N GLU A 27 6.94 -8.09 -4.98
CA GLU A 27 8.08 -7.58 -5.75
C GLU A 27 7.67 -6.39 -6.62
N ALA A 28 6.47 -6.47 -7.19
CA ALA A 28 5.95 -5.40 -8.03
C ALA A 28 5.39 -4.26 -7.19
N LEU A 29 4.31 -4.54 -6.46
CA LEU A 29 3.67 -3.54 -5.62
C LEU A 29 4.69 -2.88 -4.69
N ALA A 30 5.29 -3.68 -3.82
CA ALA A 30 6.29 -3.18 -2.89
C ALA A 30 7.21 -2.17 -3.56
N PHE A 31 7.91 -2.61 -4.59
CA PHE A 31 8.83 -1.75 -5.32
C PHE A 31 8.15 -0.45 -5.74
N ILE A 32 6.97 -0.57 -6.34
CA ILE A 32 6.21 0.58 -6.78
C ILE A 32 5.92 1.53 -5.62
N ILE A 33 5.05 1.10 -4.72
CA ILE A 33 4.69 1.91 -3.57
C ILE A 33 5.92 2.57 -2.95
N ARG A 34 6.94 1.77 -2.66
CA ARG A 34 8.17 2.27 -2.07
C ARG A 34 8.88 3.22 -3.04
N SER A 35 8.63 3.05 -4.33
CA SER A 35 9.26 3.88 -5.35
C SER A 35 8.53 5.21 -5.47
N PHE A 36 7.23 5.20 -5.19
CA PHE A 36 6.41 6.41 -5.27
C PHE A 36 6.37 7.12 -3.92
N GLY A 37 7.25 6.72 -3.02
CA GLY A 37 7.29 7.33 -1.69
C GLY A 37 6.10 6.94 -0.85
N GLY A 38 5.92 5.64 -0.64
CA GLY A 38 4.81 5.15 0.16
C GLY A 38 5.23 4.07 1.13
N GLU A 39 4.40 3.85 2.16
CA GLU A 39 4.69 2.83 3.17
C GLU A 39 4.00 1.52 2.83
N VAL A 40 4.74 0.43 2.96
CA VAL A 40 4.21 -0.90 2.66
C VAL A 40 4.84 -1.96 3.55
N SER A 41 4.01 -2.84 4.12
CA SER A 41 4.50 -3.90 4.99
C SER A 41 3.89 -5.24 4.60
N TRP A 42 4.49 -6.32 5.08
CA TRP A 42 4.00 -7.66 4.78
C TRP A 42 4.04 -8.54 6.03
N ASP A 43 3.69 -9.81 5.86
CA ASP A 43 3.70 -10.75 6.97
C ASP A 43 5.12 -11.18 7.33
N LYS A 44 5.53 -10.88 8.56
CA LYS A 44 6.87 -11.23 9.02
C LYS A 44 7.10 -12.73 8.93
N SER A 45 6.02 -13.49 8.79
CA SER A 45 6.11 -14.94 8.69
C SER A 45 6.44 -15.37 7.27
N LEU A 46 6.04 -14.56 6.30
CA LEU A 46 6.29 -14.84 4.89
C LEU A 46 7.75 -14.56 4.53
N CYS A 47 8.22 -13.38 4.89
CA CYS A 47 9.58 -12.98 4.60
C CYS A 47 10.04 -11.87 5.55
N ILE A 48 11.29 -11.97 6.01
CA ILE A 48 11.84 -10.97 6.92
C ILE A 48 11.77 -9.57 6.32
N GLY A 49 11.76 -8.56 7.19
CA GLY A 49 11.69 -7.19 6.73
C GLY A 49 10.28 -6.61 6.86
N ALA A 50 9.59 -6.97 7.93
CA ALA A 50 8.24 -6.48 8.16
C ALA A 50 8.21 -5.42 9.25
N THR A 51 7.81 -4.21 8.88
CA THR A 51 7.75 -3.10 9.83
C THR A 51 6.62 -3.31 10.84
N TYR A 52 5.39 -3.40 10.34
CA TYR A 52 4.23 -3.59 11.20
C TYR A 52 3.41 -4.79 10.74
N ASP A 53 2.62 -5.34 11.65
CA ASP A 53 1.77 -6.48 11.34
C ASP A 53 0.43 -6.04 10.77
N VAL A 54 -0.34 -7.00 10.26
CA VAL A 54 -1.64 -6.70 9.68
C VAL A 54 -2.63 -6.26 10.76
N THR A 55 -2.23 -6.42 12.02
CA THR A 55 -3.09 -6.04 13.14
C THR A 55 -2.74 -4.64 13.64
N ASP A 56 -1.98 -3.90 12.84
CA ASP A 56 -1.58 -2.55 13.19
C ASP A 56 -2.62 -1.54 12.75
N SER A 57 -3.36 -0.99 13.70
CA SER A 57 -4.39 -0.01 13.41
C SER A 57 -3.85 1.11 12.52
N ARG A 58 -2.55 1.37 12.64
CA ARG A 58 -1.91 2.42 11.85
C ARG A 58 -2.16 2.21 10.36
N ILE A 59 -2.33 0.95 9.96
CA ILE A 59 -2.57 0.62 8.56
C ILE A 59 -3.74 1.43 8.01
N THR A 60 -3.51 2.10 6.89
CA THR A 60 -4.54 2.92 6.26
C THR A 60 -5.25 2.14 5.16
N HIS A 61 -4.48 1.42 4.35
CA HIS A 61 -5.04 0.63 3.26
C HIS A 61 -4.51 -0.79 3.30
N GLN A 62 -5.28 -1.72 2.73
CA GLN A 62 -4.88 -3.12 2.70
C GLN A 62 -5.15 -3.73 1.32
N ILE A 63 -4.08 -4.13 0.64
CA ILE A 63 -4.19 -4.72 -0.69
C ILE A 63 -4.55 -6.19 -0.59
N VAL A 64 -5.49 -6.62 -1.44
CA VAL A 64 -5.93 -8.01 -1.45
C VAL A 64 -6.56 -8.37 -2.80
N ASP A 65 -6.30 -9.59 -3.26
CA ASP A 65 -6.84 -10.07 -4.53
C ASP A 65 -8.37 -10.05 -4.50
N ARG A 66 -8.94 -10.29 -3.33
CA ARG A 66 -10.39 -10.31 -3.17
C ARG A 66 -10.82 -9.41 -2.02
N PRO A 67 -10.89 -8.10 -2.29
CA PRO A 67 -11.29 -7.11 -1.28
C PRO A 67 -12.78 -7.22 -0.91
N GLY A 68 -13.49 -8.12 -1.59
CA GLY A 68 -14.89 -8.31 -1.32
C GLY A 68 -15.18 -9.60 -0.57
N GLN A 69 -14.62 -10.70 -1.06
CA GLN A 69 -14.81 -12.00 -0.43
C GLN A 69 -14.47 -11.94 1.06
N GLN A 70 -13.17 -11.89 1.35
CA GLN A 70 -12.71 -11.82 2.74
C GLN A 70 -13.36 -10.66 3.48
N THR A 71 -13.91 -10.94 4.65
CA THR A 71 -14.56 -9.92 5.46
C THR A 71 -13.56 -8.85 5.90
N SER A 72 -13.92 -7.59 5.71
CA SER A 72 -13.06 -6.47 6.09
C SER A 72 -13.24 -6.11 7.56
N VAL A 73 -12.19 -5.62 8.18
CA VAL A 73 -12.23 -5.23 9.59
C VAL A 73 -12.96 -3.91 9.76
N ILE A 74 -14.10 -3.95 10.44
CA ILE A 74 -14.90 -2.75 10.68
C ILE A 74 -14.01 -1.54 10.92
N GLY A 75 -13.91 -0.67 9.92
CA GLY A 75 -13.08 0.51 10.03
C GLY A 75 -12.02 0.59 8.96
N ARG A 76 -11.34 -0.53 8.73
CA ARG A 76 -10.28 -0.59 7.71
C ARG A 76 -10.87 -0.65 6.31
N CYS A 77 -10.07 -0.28 5.32
CA CYS A 77 -10.51 -0.30 3.93
C CYS A 77 -9.61 -1.19 3.08
N TYR A 78 -10.22 -2.02 2.24
CA TYR A 78 -9.48 -2.92 1.38
C TYR A 78 -9.63 -2.54 -0.09
N VAL A 79 -8.59 -2.78 -0.88
CA VAL A 79 -8.61 -2.45 -2.29
C VAL A 79 -7.70 -3.38 -3.09
N GLN A 80 -8.11 -3.70 -4.31
CA GLN A 80 -7.33 -4.59 -5.17
C GLN A 80 -5.96 -4.00 -5.46
N PRO A 81 -5.00 -4.87 -5.84
CA PRO A 81 -3.64 -4.46 -6.15
C PRO A 81 -3.55 -3.64 -7.44
N GLN A 82 -4.68 -3.52 -8.13
CA GLN A 82 -4.74 -2.77 -9.38
C GLN A 82 -4.97 -1.29 -9.12
N TRP A 83 -5.46 -0.97 -7.92
CA TRP A 83 -5.72 0.41 -7.56
C TRP A 83 -4.43 1.22 -7.50
N VAL A 84 -3.35 0.57 -7.09
CA VAL A 84 -2.05 1.21 -6.99
C VAL A 84 -1.48 1.51 -8.38
N PHE A 85 -1.78 0.64 -9.33
CA PHE A 85 -1.29 0.80 -10.70
C PHE A 85 -2.05 1.90 -11.42
N ASP A 86 -3.37 1.72 -11.53
CA ASP A 86 -4.22 2.70 -12.21
C ASP A 86 -4.01 4.09 -11.63
N SER A 87 -3.43 4.14 -10.42
CA SER A 87 -3.17 5.41 -9.75
C SER A 87 -1.89 6.06 -10.27
N VAL A 88 -0.80 5.29 -10.23
CA VAL A 88 0.49 5.79 -10.70
C VAL A 88 0.42 6.24 -12.16
N ASN A 89 -0.35 5.49 -12.96
CA ASN A 89 -0.51 5.82 -14.38
C ASN A 89 -1.38 7.06 -14.56
N ALA A 90 -2.36 7.23 -13.68
CA ALA A 90 -3.26 8.38 -13.74
C ALA A 90 -2.77 9.50 -12.83
N ARG A 91 -1.56 9.35 -12.30
CA ARG A 91 -0.99 10.35 -11.41
C ARG A 91 -2.06 10.95 -10.52
N LEU A 92 -3.07 10.15 -10.18
CA LEU A 92 -4.16 10.62 -9.32
C LEU A 92 -4.69 9.48 -8.45
N LEU A 93 -4.83 9.74 -7.16
CA LEU A 93 -5.32 8.75 -6.23
C LEU A 93 -6.78 8.42 -6.51
N LEU A 94 -7.01 7.49 -7.43
CA LEU A 94 -8.36 7.08 -7.79
C LEU A 94 -9.18 6.72 -6.55
N PRO A 95 -10.52 6.84 -6.67
CA PRO A 95 -11.43 6.53 -5.56
C PRO A 95 -11.48 5.04 -5.25
N VAL A 96 -11.10 4.68 -4.03
CA VAL A 96 -11.10 3.29 -3.60
C VAL A 96 -12.52 2.72 -3.57
N ALA A 97 -13.50 3.61 -3.40
CA ALA A 97 -14.89 3.21 -3.35
C ALA A 97 -15.28 2.40 -4.59
N GLU A 98 -14.43 2.47 -5.62
CA GLU A 98 -14.69 1.75 -6.86
C GLU A 98 -13.98 0.41 -6.86
N TYR A 99 -12.84 0.33 -6.18
CA TYR A 99 -12.07 -0.90 -6.10
C TYR A 99 -12.39 -1.67 -4.83
N PHE A 100 -13.65 -1.58 -4.40
CA PHE A 100 -14.10 -2.26 -3.18
C PHE A 100 -14.79 -3.58 -3.53
N GLY A 1 14.16 10.54 -3.22
CA GLY A 1 15.26 10.33 -4.14
C GLY A 1 16.29 11.44 -4.09
N SER A 2 17.35 11.30 -4.86
CA SER A 2 18.41 12.30 -4.90
C SER A 2 18.25 13.22 -6.11
N SER A 3 17.02 13.62 -6.38
CA SER A 3 16.73 14.50 -7.51
C SER A 3 17.75 15.63 -7.58
N GLY A 4 17.98 16.29 -6.45
CA GLY A 4 18.93 17.38 -6.41
C GLY A 4 18.64 18.36 -5.29
N SER A 5 18.82 19.65 -5.56
CA SER A 5 18.58 20.69 -4.56
C SER A 5 17.19 21.29 -4.72
N SER A 6 16.20 20.64 -4.12
CA SER A 6 14.81 21.11 -4.19
C SER A 6 14.00 20.58 -3.02
N GLY A 7 13.16 21.44 -2.46
CA GLY A 7 12.33 21.06 -1.33
C GLY A 7 10.89 20.81 -1.73
N LYS A 8 10.63 19.63 -2.28
CA LYS A 8 9.27 19.28 -2.71
C LYS A 8 8.43 18.81 -1.52
N HIS A 9 8.96 17.84 -0.78
CA HIS A 9 8.26 17.31 0.39
C HIS A 9 6.80 16.99 0.04
N LYS A 10 6.61 16.33 -1.08
CA LYS A 10 5.26 15.96 -1.53
C LYS A 10 5.30 14.71 -2.40
N LYS A 11 4.80 13.61 -1.87
CA LYS A 11 4.77 12.35 -2.60
C LYS A 11 3.34 11.87 -2.82
N LEU A 12 3.14 11.10 -3.89
CA LEU A 12 1.82 10.58 -4.21
C LEU A 12 1.27 9.72 -3.06
N PHE A 13 2.04 8.71 -2.66
CA PHE A 13 1.64 7.82 -1.59
C PHE A 13 2.22 8.28 -0.25
N GLU A 14 2.29 9.60 -0.06
CA GLU A 14 2.83 10.16 1.17
C GLU A 14 1.85 9.96 2.33
N GLY A 15 2.40 9.63 3.49
CA GLY A 15 1.58 9.41 4.67
C GLY A 15 0.48 8.41 4.42
N LEU A 16 0.83 7.27 3.83
CA LEU A 16 -0.14 6.22 3.54
C LEU A 16 0.47 4.84 3.76
N LYS A 17 -0.16 4.06 4.64
CA LYS A 17 0.32 2.71 4.94
C LYS A 17 -0.43 1.67 4.11
N PHE A 18 0.33 0.84 3.40
CA PHE A 18 -0.26 -0.20 2.57
C PHE A 18 0.18 -1.59 3.04
N PHE A 19 -0.66 -2.59 2.78
CA PHE A 19 -0.36 -3.96 3.17
C PHE A 19 -0.58 -4.92 2.00
N LEU A 20 0.45 -5.69 1.66
CA LEU A 20 0.36 -6.65 0.57
C LEU A 20 0.17 -8.07 1.10
N ASN A 21 -0.79 -8.79 0.51
CA ASN A 21 -1.07 -10.16 0.94
C ASN A 21 -0.20 -11.15 0.16
N ARG A 22 -0.12 -12.38 0.67
CA ARG A 22 0.68 -13.42 0.03
C ARG A 22 0.10 -13.78 -1.34
N GLU A 23 -1.12 -13.33 -1.60
CA GLU A 23 -1.78 -13.60 -2.87
C GLU A 23 -1.38 -12.56 -3.92
N VAL A 24 -1.43 -11.30 -3.54
CA VAL A 24 -1.07 -10.21 -4.45
C VAL A 24 0.44 -10.09 -4.58
N PRO A 25 0.90 -9.60 -5.76
CA PRO A 25 2.32 -9.42 -6.04
C PRO A 25 2.94 -8.28 -5.23
N ARG A 26 4.03 -8.59 -4.54
CA ARG A 26 4.71 -7.59 -3.72
C ARG A 26 5.86 -6.95 -4.50
N GLU A 27 6.76 -7.77 -5.01
CA GLU A 27 7.91 -7.28 -5.77
C GLU A 27 7.50 -6.11 -6.67
N ALA A 28 6.35 -6.23 -7.30
CA ALA A 28 5.85 -5.19 -8.19
C ALA A 28 5.25 -4.04 -7.38
N LEU A 29 4.36 -4.36 -6.46
CA LEU A 29 3.71 -3.34 -5.62
C LEU A 29 4.73 -2.66 -4.72
N ALA A 30 5.32 -3.43 -3.81
CA ALA A 30 6.32 -2.89 -2.89
C ALA A 30 7.22 -1.88 -3.59
N PHE A 31 7.82 -2.29 -4.70
CA PHE A 31 8.70 -1.42 -5.47
C PHE A 31 7.99 -0.14 -5.88
N ILE A 32 6.78 -0.29 -6.41
CA ILE A 32 5.99 0.87 -6.85
C ILE A 32 5.65 1.77 -5.68
N ILE A 33 4.80 1.26 -4.78
CA ILE A 33 4.38 2.02 -3.61
C ILE A 33 5.58 2.72 -2.95
N ARG A 34 6.72 2.04 -2.95
CA ARG A 34 7.94 2.60 -2.36
C ARG A 34 8.59 3.61 -3.30
N SER A 35 8.48 3.36 -4.60
CA SER A 35 9.06 4.25 -5.59
C SER A 35 8.32 5.59 -5.63
N PHE A 36 7.04 5.55 -5.29
CA PHE A 36 6.22 6.76 -5.27
C PHE A 36 6.18 7.37 -3.87
N GLY A 37 7.15 7.01 -3.04
CA GLY A 37 7.19 7.52 -1.69
C GLY A 37 6.02 7.07 -0.85
N GLY A 38 5.91 5.76 -0.63
CA GLY A 38 4.81 5.22 0.15
C GLY A 38 5.27 4.16 1.13
N GLU A 39 4.42 3.84 2.10
CA GLU A 39 4.74 2.83 3.11
C GLU A 39 4.00 1.53 2.82
N VAL A 40 4.74 0.42 2.81
CA VAL A 40 4.16 -0.89 2.55
C VAL A 40 4.73 -1.94 3.49
N SER A 41 3.88 -2.82 3.99
CA SER A 41 4.30 -3.87 4.89
C SER A 41 3.58 -5.18 4.59
N TRP A 42 4.24 -6.30 4.86
CA TRP A 42 3.66 -7.61 4.61
C TRP A 42 3.83 -8.52 5.83
N ASP A 43 3.27 -9.72 5.75
CA ASP A 43 3.36 -10.68 6.84
C ASP A 43 4.80 -11.07 7.11
N LYS A 44 5.30 -10.71 8.29
CA LYS A 44 6.68 -11.02 8.66
C LYS A 44 7.03 -12.47 8.31
N SER A 45 6.13 -13.38 8.64
CA SER A 45 6.35 -14.80 8.36
C SER A 45 6.67 -15.01 6.89
N LEU A 46 5.82 -14.47 6.02
CA LEU A 46 6.01 -14.61 4.57
C LEU A 46 7.45 -14.32 4.19
N CYS A 47 7.97 -13.19 4.66
CA CYS A 47 9.34 -12.79 4.37
C CYS A 47 9.77 -11.63 5.27
N ILE A 48 11.08 -11.54 5.50
CA ILE A 48 11.62 -10.47 6.34
C ILE A 48 11.37 -9.09 5.72
N GLY A 49 11.77 -8.05 6.43
CA GLY A 49 11.57 -6.70 5.94
C GLY A 49 10.30 -6.06 6.45
N ALA A 50 9.25 -6.87 6.57
CA ALA A 50 7.96 -6.38 7.06
C ALA A 50 8.14 -5.49 8.28
N THR A 51 7.21 -4.55 8.47
CA THR A 51 7.27 -3.64 9.60
C THR A 51 6.08 -3.84 10.53
N TYR A 52 4.88 -3.55 10.03
CA TYR A 52 3.66 -3.70 10.82
C TYR A 52 2.80 -4.85 10.29
N ASP A 53 2.13 -5.55 11.19
CA ASP A 53 1.28 -6.67 10.82
C ASP A 53 -0.14 -6.18 10.52
N VAL A 54 -0.96 -7.08 10.00
CA VAL A 54 -2.35 -6.76 9.67
C VAL A 54 -3.15 -6.47 10.93
N THR A 55 -2.64 -6.90 12.08
CA THR A 55 -3.30 -6.69 13.35
C THR A 55 -3.10 -5.26 13.85
N ASP A 56 -2.58 -4.40 12.99
CA ASP A 56 -2.33 -3.01 13.35
C ASP A 56 -3.42 -2.11 12.79
N SER A 57 -3.82 -1.12 13.59
CA SER A 57 -4.86 -0.18 13.18
C SER A 57 -4.29 0.90 12.26
N ARG A 58 -3.10 1.38 12.59
CA ARG A 58 -2.44 2.41 11.80
C ARG A 58 -2.72 2.22 10.32
N ILE A 59 -2.64 0.97 9.86
CA ILE A 59 -2.89 0.65 8.46
C ILE A 59 -4.06 1.46 7.91
N THR A 60 -3.88 1.98 6.69
CA THR A 60 -4.91 2.77 6.04
C THR A 60 -5.45 2.08 4.80
N HIS A 61 -4.63 1.22 4.21
CA HIS A 61 -5.01 0.48 3.01
C HIS A 61 -4.52 -0.97 3.07
N GLN A 62 -5.33 -1.88 2.55
CA GLN A 62 -4.98 -3.30 2.56
C GLN A 62 -5.32 -3.94 1.22
N ILE A 63 -4.29 -4.27 0.45
CA ILE A 63 -4.49 -4.90 -0.85
C ILE A 63 -4.79 -6.38 -0.72
N VAL A 64 -5.88 -6.83 -1.32
CA VAL A 64 -6.27 -8.23 -1.27
C VAL A 64 -6.80 -8.71 -2.61
N ASP A 65 -6.73 -10.01 -2.85
CA ASP A 65 -7.20 -10.60 -4.09
C ASP A 65 -8.71 -10.80 -4.06
N ARG A 66 -9.26 -10.91 -2.86
CA ARG A 66 -10.69 -11.11 -2.68
C ARG A 66 -11.26 -10.11 -1.67
N PRO A 67 -11.57 -8.89 -2.15
CA PRO A 67 -12.12 -7.83 -1.30
C PRO A 67 -13.55 -8.13 -0.87
N GLY A 68 -14.20 -9.04 -1.58
CA GLY A 68 -15.58 -9.39 -1.25
C GLY A 68 -15.68 -10.12 0.08
N GLN A 69 -14.94 -11.21 0.22
CA GLN A 69 -14.95 -11.99 1.45
C GLN A 69 -14.85 -11.08 2.68
N GLN A 70 -14.11 -9.99 2.54
CA GLN A 70 -13.93 -9.04 3.62
C GLN A 70 -15.08 -8.05 3.68
N THR A 71 -15.39 -7.57 4.89
CA THR A 71 -16.46 -6.61 5.08
C THR A 71 -15.94 -5.19 5.13
N SER A 72 -15.25 -4.85 6.22
CA SER A 72 -14.69 -3.52 6.40
C SER A 72 -13.85 -3.45 7.67
N VAL A 73 -13.03 -2.40 7.77
CA VAL A 73 -12.18 -2.22 8.94
C VAL A 73 -12.26 -0.78 9.45
N ILE A 74 -11.99 -0.61 10.74
CA ILE A 74 -12.04 0.71 11.37
C ILE A 74 -10.90 1.60 10.86
N GLY A 75 -11.22 2.46 9.90
CA GLY A 75 -10.22 3.36 9.35
C GLY A 75 -9.56 2.79 8.10
N ARG A 76 -9.38 1.47 8.09
CA ARG A 76 -8.75 0.81 6.95
C ARG A 76 -9.80 0.32 5.95
N CYS A 77 -9.43 0.25 4.68
CA CYS A 77 -10.33 -0.19 3.64
C CYS A 77 -9.65 -1.20 2.72
N TYR A 78 -10.39 -2.23 2.32
CA TYR A 78 -9.86 -3.26 1.44
C TYR A 78 -9.90 -2.82 -0.01
N VAL A 79 -8.85 -3.15 -0.76
CA VAL A 79 -8.77 -2.79 -2.17
C VAL A 79 -7.95 -3.81 -2.95
N GLN A 80 -8.03 -3.74 -4.27
CA GLN A 80 -7.31 -4.65 -5.14
C GLN A 80 -5.92 -4.10 -5.46
N PRO A 81 -5.01 -5.00 -5.88
CA PRO A 81 -3.63 -4.63 -6.23
C PRO A 81 -3.56 -3.82 -7.52
N GLN A 82 -4.72 -3.65 -8.16
CA GLN A 82 -4.79 -2.90 -9.41
C GLN A 82 -4.91 -1.41 -9.14
N TRP A 83 -5.56 -1.06 -8.04
CA TRP A 83 -5.75 0.33 -7.67
C TRP A 83 -4.43 1.10 -7.71
N VAL A 84 -3.35 0.44 -7.29
CA VAL A 84 -2.03 1.06 -7.28
C VAL A 84 -1.58 1.38 -8.70
N PHE A 85 -1.45 0.35 -9.53
CA PHE A 85 -1.02 0.52 -10.91
C PHE A 85 -1.86 1.58 -11.62
N ASP A 86 -3.11 1.71 -11.18
CA ASP A 86 -4.02 2.69 -11.77
C ASP A 86 -3.65 4.10 -11.33
N SER A 87 -3.52 4.30 -10.03
CA SER A 87 -3.18 5.61 -9.48
C SER A 87 -1.84 6.10 -10.04
N VAL A 88 -0.85 5.22 -10.03
CA VAL A 88 0.48 5.56 -10.54
C VAL A 88 0.42 5.92 -12.03
N ASN A 89 -0.28 5.11 -12.80
CA ASN A 89 -0.41 5.35 -14.23
C ASN A 89 -1.28 6.56 -14.51
N ALA A 90 -1.90 7.09 -13.45
CA ALA A 90 -2.76 8.26 -13.57
C ALA A 90 -2.29 9.39 -12.68
N ARG A 91 -1.20 9.14 -11.95
CA ARG A 91 -0.64 10.14 -11.04
C ARG A 91 -1.74 10.80 -10.23
N LEU A 92 -2.79 10.05 -9.93
CA LEU A 92 -3.91 10.57 -9.15
C LEU A 92 -4.45 9.51 -8.19
N LEU A 93 -4.82 9.94 -6.98
CA LEU A 93 -5.34 9.03 -5.98
C LEU A 93 -6.75 8.57 -6.35
N LEU A 94 -6.84 7.57 -7.22
CA LEU A 94 -8.12 7.04 -7.65
C LEU A 94 -8.96 6.60 -6.46
N PRO A 95 -10.29 6.57 -6.64
CA PRO A 95 -11.23 6.18 -5.58
C PRO A 95 -11.14 4.68 -5.27
N VAL A 96 -10.73 4.36 -4.04
CA VAL A 96 -10.61 2.98 -3.63
C VAL A 96 -11.97 2.29 -3.57
N ALA A 97 -13.02 3.10 -3.47
CA ALA A 97 -14.38 2.58 -3.41
C ALA A 97 -14.75 1.86 -4.70
N GLU A 98 -14.23 2.37 -5.82
CA GLU A 98 -14.50 1.78 -7.12
C GLU A 98 -13.72 0.49 -7.32
N TYR A 99 -12.95 0.11 -6.30
CA TYR A 99 -12.15 -1.11 -6.35
C TYR A 99 -12.44 -2.01 -5.17
N PHE A 100 -13.72 -2.13 -4.82
CA PHE A 100 -14.14 -2.96 -3.71
C PHE A 100 -14.51 -4.37 -4.18
N GLY A 1 29.57 16.17 1.22
CA GLY A 1 28.18 16.44 0.90
C GLY A 1 28.03 17.42 -0.25
N SER A 2 27.50 18.60 0.04
CA SER A 2 27.30 19.62 -0.98
C SER A 2 26.76 19.00 -2.26
N SER A 3 25.72 18.18 -2.13
CA SER A 3 25.11 17.52 -3.28
C SER A 3 23.61 17.81 -3.33
N GLY A 4 23.23 18.75 -4.19
CA GLY A 4 21.83 19.11 -4.33
C GLY A 4 21.29 19.81 -3.09
N SER A 5 19.97 19.84 -2.97
CA SER A 5 19.33 20.49 -1.83
C SER A 5 18.02 19.79 -1.47
N SER A 6 17.63 19.91 -0.20
CA SER A 6 16.41 19.28 0.28
C SER A 6 15.30 20.32 0.47
N GLY A 7 14.06 19.85 0.55
CA GLY A 7 12.93 20.76 0.73
C GLY A 7 12.15 20.96 -0.55
N LYS A 8 10.85 21.18 -0.41
CA LYS A 8 9.98 21.40 -1.57
C LYS A 8 9.88 20.14 -2.42
N HIS A 9 9.71 19.00 -1.76
CA HIS A 9 9.61 17.73 -2.46
C HIS A 9 8.35 16.97 -2.02
N LYS A 10 7.39 16.84 -2.93
CA LYS A 10 6.15 16.14 -2.64
C LYS A 10 6.17 14.74 -3.24
N LYS A 11 5.38 13.85 -2.65
CA LYS A 11 5.30 12.46 -3.12
C LYS A 11 3.85 12.02 -3.27
N LEU A 12 3.58 11.20 -4.27
CA LEU A 12 2.23 10.70 -4.52
C LEU A 12 1.70 9.94 -3.31
N PHE A 13 2.46 8.93 -2.87
CA PHE A 13 2.06 8.13 -1.73
C PHE A 13 2.63 8.71 -0.43
N GLU A 14 2.63 10.03 -0.33
CA GLU A 14 3.15 10.70 0.85
C GLU A 14 2.12 10.71 1.97
N GLY A 15 2.35 9.89 2.99
CA GLY A 15 1.43 9.81 4.11
C GLY A 15 0.32 8.80 3.89
N LEU A 16 0.69 7.64 3.36
CA LEU A 16 -0.29 6.58 3.10
C LEU A 16 0.31 5.21 3.39
N LYS A 17 -0.36 4.45 4.26
CA LYS A 17 0.10 3.12 4.61
C LYS A 17 -0.60 2.05 3.77
N PHE A 18 0.17 1.05 3.34
CA PHE A 18 -0.37 -0.03 2.52
C PHE A 18 0.13 -1.39 3.02
N PHE A 19 -0.72 -2.40 2.87
CA PHE A 19 -0.37 -3.75 3.31
C PHE A 19 -0.63 -4.76 2.19
N LEU A 20 0.43 -5.38 1.70
CA LEU A 20 0.32 -6.38 0.64
C LEU A 20 0.14 -7.78 1.22
N ASN A 21 -0.60 -8.62 0.50
CA ASN A 21 -0.84 -9.99 0.94
C ASN A 21 -0.05 -10.99 0.10
N ARG A 22 -0.14 -12.25 0.45
CA ARG A 22 0.56 -13.31 -0.27
C ARG A 22 -0.10 -13.60 -1.61
N GLU A 23 -1.38 -13.24 -1.71
CA GLU A 23 -2.13 -13.47 -2.94
C GLU A 23 -1.69 -12.50 -4.03
N VAL A 24 -1.36 -11.27 -3.63
CA VAL A 24 -0.93 -10.25 -4.57
C VAL A 24 0.60 -10.19 -4.65
N PRO A 25 1.12 -9.79 -5.83
CA PRO A 25 2.56 -9.68 -6.05
C PRO A 25 3.19 -8.53 -5.27
N ARG A 26 4.15 -8.86 -4.41
CA ARG A 26 4.83 -7.85 -3.61
C ARG A 26 6.01 -7.25 -4.37
N GLU A 27 6.86 -8.12 -4.91
CA GLU A 27 8.03 -7.68 -5.66
C GLU A 27 7.68 -6.51 -6.57
N ALA A 28 6.48 -6.53 -7.13
CA ALA A 28 6.02 -5.48 -8.02
C ALA A 28 5.46 -4.30 -7.23
N LEU A 29 4.37 -4.55 -6.51
CA LEU A 29 3.73 -3.51 -5.70
C LEU A 29 4.74 -2.86 -4.76
N ALA A 30 5.33 -3.67 -3.89
CA ALA A 30 6.32 -3.17 -2.93
C ALA A 30 7.28 -2.19 -3.59
N PHE A 31 8.00 -2.67 -4.61
CA PHE A 31 8.95 -1.82 -5.32
C PHE A 31 8.31 -0.51 -5.76
N ILE A 32 7.08 -0.62 -6.28
CA ILE A 32 6.35 0.56 -6.75
C ILE A 32 6.06 1.51 -5.60
N ILE A 33 5.13 1.12 -4.73
CA ILE A 33 4.76 1.95 -3.59
C ILE A 33 5.98 2.62 -2.97
N ARG A 34 7.06 1.84 -2.82
CA ARG A 34 8.29 2.36 -2.25
C ARG A 34 8.94 3.38 -3.18
N SER A 35 8.84 3.13 -4.48
CA SER A 35 9.42 4.02 -5.48
C SER A 35 8.66 5.35 -5.54
N PHE A 36 7.34 5.27 -5.50
CA PHE A 36 6.49 6.45 -5.55
C PHE A 36 6.54 7.21 -4.22
N GLY A 37 7.12 6.58 -3.21
CA GLY A 37 7.23 7.20 -1.90
C GLY A 37 6.05 6.87 -1.01
N GLY A 38 5.81 5.59 -0.79
CA GLY A 38 4.70 5.17 0.04
C GLY A 38 5.10 4.12 1.06
N GLU A 39 4.28 3.97 2.10
CA GLU A 39 4.57 3.00 3.16
C GLU A 39 3.91 1.67 2.84
N VAL A 40 4.71 0.60 2.84
CA VAL A 40 4.21 -0.74 2.56
C VAL A 40 4.82 -1.77 3.50
N SER A 41 4.00 -2.71 3.96
CA SER A 41 4.47 -3.74 4.87
C SER A 41 3.91 -5.10 4.47
N TRP A 42 4.67 -6.16 4.74
CA TRP A 42 4.26 -7.51 4.42
C TRP A 42 4.38 -8.43 5.63
N ASP A 43 4.10 -9.72 5.41
CA ASP A 43 4.19 -10.70 6.49
C ASP A 43 5.65 -11.07 6.78
N LYS A 44 6.18 -10.57 7.89
CA LYS A 44 7.56 -10.84 8.28
C LYS A 44 7.92 -12.29 7.97
N SER A 45 7.02 -13.21 8.28
CA SER A 45 7.26 -14.63 8.04
C SER A 45 7.64 -14.87 6.58
N LEU A 46 6.75 -14.48 5.67
CA LEU A 46 7.00 -14.65 4.24
C LEU A 46 8.37 -14.12 3.85
N CYS A 47 8.66 -12.89 4.28
CA CYS A 47 9.95 -12.26 3.98
C CYS A 47 10.24 -11.15 4.98
N ILE A 48 11.45 -11.17 5.55
CA ILE A 48 11.87 -10.17 6.52
C ILE A 48 11.86 -8.78 5.90
N GLY A 49 12.15 -7.78 6.73
CA GLY A 49 12.18 -6.41 6.25
C GLY A 49 10.99 -5.60 6.74
N ALA A 50 9.82 -6.23 6.76
CA ALA A 50 8.61 -5.56 7.22
C ALA A 50 8.89 -4.64 8.41
N THR A 51 8.01 -3.67 8.62
CA THR A 51 8.17 -2.73 9.73
C THR A 51 7.07 -2.91 10.77
N TYR A 52 5.84 -3.02 10.29
CA TYR A 52 4.69 -3.19 11.18
C TYR A 52 3.88 -4.42 10.80
N ASP A 53 2.89 -4.75 11.62
CA ASP A 53 2.05 -5.91 11.37
C ASP A 53 0.63 -5.48 10.98
N VAL A 54 -0.17 -6.43 10.52
CA VAL A 54 -1.54 -6.15 10.12
C VAL A 54 -2.34 -5.58 11.28
N THR A 55 -2.00 -5.98 12.50
CA THR A 55 -2.68 -5.51 13.69
C THR A 55 -2.49 -4.00 13.87
N ASP A 56 -1.52 -3.45 13.17
CA ASP A 56 -1.23 -2.02 13.25
C ASP A 56 -2.39 -1.21 12.68
N SER A 57 -3.23 -0.69 13.57
CA SER A 57 -4.38 0.11 13.16
C SER A 57 -3.97 1.16 12.14
N ARG A 58 -2.83 1.80 12.37
CA ARG A 58 -2.33 2.83 11.47
C ARG A 58 -2.66 2.49 10.03
N ILE A 59 -2.42 1.23 9.65
CA ILE A 59 -2.70 0.78 8.29
C ILE A 59 -3.92 1.49 7.71
N THR A 60 -3.71 2.19 6.59
CA THR A 60 -4.80 2.90 5.94
C THR A 60 -5.46 2.04 4.87
N HIS A 61 -4.65 1.35 4.07
CA HIS A 61 -5.16 0.50 3.01
C HIS A 61 -4.51 -0.89 3.09
N GLN A 62 -5.27 -1.91 2.73
CA GLN A 62 -4.78 -3.28 2.74
C GLN A 62 -5.08 -3.99 1.43
N ILE A 63 -4.12 -3.97 0.51
CA ILE A 63 -4.29 -4.62 -0.78
C ILE A 63 -4.58 -6.11 -0.63
N VAL A 64 -5.60 -6.58 -1.34
CA VAL A 64 -5.99 -7.99 -1.27
C VAL A 64 -6.63 -8.44 -2.58
N ASP A 65 -6.58 -9.73 -2.84
CA ASP A 65 -7.16 -10.29 -4.06
C ASP A 65 -8.68 -10.20 -4.02
N ARG A 66 -9.26 -10.43 -2.84
CA ARG A 66 -10.71 -10.37 -2.69
C ARG A 66 -11.09 -9.36 -1.61
N PRO A 67 -11.18 -8.08 -2.01
CA PRO A 67 -11.54 -6.98 -1.09
C PRO A 67 -13.00 -7.06 -0.64
N GLY A 68 -13.24 -7.68 0.50
CA GLY A 68 -14.58 -7.81 1.02
C GLY A 68 -14.77 -9.03 1.88
N GLN A 69 -14.15 -10.14 1.48
CA GLN A 69 -14.25 -11.39 2.23
C GLN A 69 -12.88 -11.84 2.72
N GLN A 70 -12.39 -11.19 3.77
CA GLN A 70 -11.08 -11.53 4.33
C GLN A 70 -10.85 -10.78 5.64
N THR A 71 -10.96 -11.50 6.75
CA THR A 71 -10.75 -10.92 8.07
C THR A 71 -11.21 -9.46 8.09
N SER A 72 -12.40 -9.22 7.56
CA SER A 72 -12.96 -7.87 7.52
C SER A 72 -12.70 -7.14 8.83
N VAL A 73 -12.57 -5.82 8.76
CA VAL A 73 -12.33 -5.00 9.94
C VAL A 73 -13.23 -3.77 9.95
N ILE A 74 -14.19 -3.76 10.87
CA ILE A 74 -15.11 -2.64 10.99
C ILE A 74 -14.37 -1.31 11.04
N GLY A 75 -14.32 -0.62 9.91
CA GLY A 75 -13.64 0.66 9.84
C GLY A 75 -12.61 0.71 8.73
N ARG A 76 -11.85 -0.37 8.59
CA ARG A 76 -10.82 -0.44 7.56
C ARG A 76 -11.42 -0.79 6.20
N CYS A 77 -10.71 -0.44 5.14
CA CYS A 77 -11.18 -0.72 3.78
C CYS A 77 -10.17 -1.57 3.02
N TYR A 78 -10.67 -2.45 2.16
CA TYR A 78 -9.81 -3.32 1.36
C TYR A 78 -9.99 -3.05 -0.12
N VAL A 79 -8.86 -2.89 -0.83
CA VAL A 79 -8.90 -2.64 -2.26
C VAL A 79 -7.97 -3.59 -3.01
N GLN A 80 -8.27 -3.82 -4.29
CA GLN A 80 -7.47 -4.71 -5.11
C GLN A 80 -6.12 -4.08 -5.45
N PRO A 81 -5.16 -4.92 -5.87
CA PRO A 81 -3.82 -4.47 -6.22
C PRO A 81 -3.81 -3.65 -7.52
N GLN A 82 -4.96 -3.57 -8.16
CA GLN A 82 -5.09 -2.82 -9.41
C GLN A 82 -5.35 -1.35 -9.15
N TRP A 83 -5.76 -1.03 -7.92
CA TRP A 83 -6.04 0.34 -7.54
C TRP A 83 -4.77 1.19 -7.57
N VAL A 84 -3.65 0.58 -7.21
CA VAL A 84 -2.37 1.29 -7.19
C VAL A 84 -1.76 1.34 -8.60
N PHE A 85 -1.71 0.20 -9.26
CA PHE A 85 -1.15 0.13 -10.61
C PHE A 85 -1.79 1.18 -11.51
N ASP A 86 -3.04 1.53 -11.24
CA ASP A 86 -3.76 2.52 -12.02
C ASP A 86 -3.47 3.93 -11.51
N SER A 87 -3.54 4.11 -10.20
CA SER A 87 -3.29 5.41 -9.60
C SER A 87 -1.90 5.93 -9.97
N VAL A 88 -0.90 5.06 -9.85
CA VAL A 88 0.47 5.42 -10.18
C VAL A 88 0.55 6.06 -11.56
N ASN A 89 -0.16 5.48 -12.53
CA ASN A 89 -0.16 6.00 -13.89
C ASN A 89 -1.00 7.27 -13.98
N ALA A 90 -2.14 7.27 -13.29
CA ALA A 90 -3.04 8.43 -13.29
C ALA A 90 -2.50 9.54 -12.41
N ARG A 91 -1.34 9.30 -11.79
CA ARG A 91 -0.72 10.29 -10.91
C ARG A 91 -1.77 10.94 -10.02
N LEU A 92 -2.65 10.12 -9.45
CA LEU A 92 -3.69 10.62 -8.57
C LEU A 92 -4.34 9.48 -7.78
N LEU A 93 -4.69 9.76 -6.53
CA LEU A 93 -5.32 8.76 -5.67
C LEU A 93 -6.73 8.43 -6.15
N LEU A 94 -6.84 7.39 -6.96
CA LEU A 94 -8.14 6.98 -7.49
C LEU A 94 -9.09 6.59 -6.36
N PRO A 95 -10.40 6.75 -6.62
CA PRO A 95 -11.44 6.42 -5.64
C PRO A 95 -11.55 4.91 -5.38
N VAL A 96 -11.22 4.50 -4.16
CA VAL A 96 -11.30 3.10 -3.78
C VAL A 96 -12.70 2.55 -3.96
N ALA A 97 -13.70 3.42 -3.86
CA ALA A 97 -15.08 3.03 -4.01
C ALA A 97 -15.29 2.21 -5.29
N GLU A 98 -14.46 2.49 -6.29
CA GLU A 98 -14.56 1.78 -7.57
C GLU A 98 -13.91 0.41 -7.47
N TYR A 99 -12.98 0.26 -6.55
CA TYR A 99 -12.29 -1.01 -6.35
C TYR A 99 -12.77 -1.71 -5.08
N PHE A 100 -14.07 -1.61 -4.82
CA PHE A 100 -14.65 -2.23 -3.63
C PHE A 100 -15.42 -3.49 -4.00
N GLY A 1 19.94 8.65 0.91
CA GLY A 1 19.94 9.39 -0.34
C GLY A 1 18.66 10.17 -0.56
N SER A 2 18.77 11.33 -1.21
CA SER A 2 17.62 12.17 -1.47
C SER A 2 17.92 13.19 -2.57
N SER A 3 16.89 13.81 -3.11
CA SER A 3 17.04 14.81 -4.16
C SER A 3 17.71 16.06 -3.61
N GLY A 4 18.19 16.91 -4.51
CA GLY A 4 18.84 18.14 -4.11
C GLY A 4 17.92 19.34 -4.20
N SER A 5 16.75 19.24 -3.57
CA SER A 5 15.77 20.32 -3.59
C SER A 5 14.75 20.15 -2.46
N SER A 6 14.78 21.07 -1.49
CA SER A 6 13.86 21.02 -0.37
C SER A 6 12.84 22.14 -0.45
N GLY A 7 11.56 21.77 -0.42
CA GLY A 7 10.50 22.76 -0.49
C GLY A 7 9.18 22.22 0.02
N LYS A 8 8.57 21.33 -0.74
CA LYS A 8 7.29 20.73 -0.37
C LYS A 8 7.14 19.33 -0.95
N HIS A 9 7.26 18.32 -0.11
CA HIS A 9 7.13 16.93 -0.53
C HIS A 9 5.68 16.50 -0.54
N LYS A 10 5.16 16.16 -1.72
CA LYS A 10 3.78 15.71 -1.86
C LYS A 10 3.71 14.33 -2.50
N LYS A 11 4.60 13.45 -2.08
CA LYS A 11 4.64 12.08 -2.62
C LYS A 11 3.24 11.52 -2.77
N LEU A 12 2.95 10.94 -3.92
CA LEU A 12 1.65 10.35 -4.20
C LEU A 12 1.15 9.55 -3.00
N PHE A 13 1.97 8.61 -2.55
CA PHE A 13 1.62 7.77 -1.41
C PHE A 13 2.25 8.29 -0.13
N GLU A 14 2.32 9.61 -0.01
CA GLU A 14 2.90 10.25 1.17
C GLU A 14 2.14 9.86 2.43
N GLY A 15 2.82 9.17 3.34
CA GLY A 15 2.18 8.74 4.58
C GLY A 15 1.26 7.57 4.38
N LEU A 16 0.42 7.64 3.36
CA LEU A 16 -0.52 6.56 3.07
C LEU A 16 0.10 5.20 3.33
N LYS A 17 -0.57 4.39 4.15
CA LYS A 17 -0.08 3.06 4.49
C LYS A 17 -0.70 2.00 3.58
N PHE A 18 0.08 0.98 3.25
CA PHE A 18 -0.39 -0.09 2.39
C PHE A 18 0.00 -1.46 2.95
N PHE A 19 -0.77 -2.48 2.63
CA PHE A 19 -0.51 -3.83 3.09
C PHE A 19 -0.77 -4.86 1.99
N LEU A 20 0.28 -5.56 1.58
CA LEU A 20 0.16 -6.57 0.54
C LEU A 20 0.03 -7.97 1.13
N ASN A 21 -0.67 -8.85 0.42
CA ASN A 21 -0.88 -10.21 0.89
C ASN A 21 -0.05 -11.19 0.06
N ARG A 22 0.12 -12.41 0.58
CA ARG A 22 0.89 -13.43 -0.10
C ARG A 22 0.26 -13.78 -1.45
N GLU A 23 -1.06 -13.66 -1.52
CA GLU A 23 -1.78 -13.95 -2.76
C GLU A 23 -1.38 -12.98 -3.87
N VAL A 24 -1.24 -11.72 -3.52
CA VAL A 24 -0.87 -10.69 -4.48
C VAL A 24 0.65 -10.52 -4.53
N PRO A 25 1.16 -10.11 -5.71
CA PRO A 25 2.59 -9.90 -5.92
C PRO A 25 3.11 -8.68 -5.15
N ARG A 26 4.05 -8.92 -4.24
CA ARG A 26 4.63 -7.83 -3.44
C ARG A 26 5.84 -7.24 -4.15
N GLU A 27 6.62 -8.09 -4.80
CA GLU A 27 7.82 -7.65 -5.51
C GLU A 27 7.51 -6.47 -6.42
N ALA A 28 6.38 -6.55 -7.12
CA ALA A 28 5.97 -5.49 -8.03
C ALA A 28 5.43 -4.29 -7.26
N LEU A 29 4.35 -4.50 -6.52
CA LEU A 29 3.74 -3.43 -5.73
C LEU A 29 4.77 -2.77 -4.82
N ALA A 30 5.37 -3.55 -3.93
CA ALA A 30 6.38 -3.03 -3.01
C ALA A 30 7.26 -1.98 -3.69
N PHE A 31 7.92 -2.40 -4.78
CA PHE A 31 8.80 -1.49 -5.52
C PHE A 31 8.06 -0.22 -5.90
N ILE A 32 6.84 -0.37 -6.41
CA ILE A 32 6.04 0.78 -6.82
C ILE A 32 5.79 1.72 -5.65
N ILE A 33 4.99 1.27 -4.69
CA ILE A 33 4.67 2.07 -3.51
C ILE A 33 5.89 2.82 -3.01
N ARG A 34 6.94 2.07 -2.70
CA ARG A 34 8.19 2.66 -2.21
C ARG A 34 8.76 3.65 -3.21
N SER A 35 8.78 3.25 -4.48
CA SER A 35 9.30 4.12 -5.54
C SER A 35 8.59 5.46 -5.55
N PHE A 36 7.30 5.45 -5.22
CA PHE A 36 6.51 6.67 -5.19
C PHE A 36 6.39 7.20 -3.77
N GLY A 37 7.40 6.93 -2.95
CA GLY A 37 7.39 7.39 -1.57
C GLY A 37 6.14 6.94 -0.82
N GLY A 38 5.87 5.64 -0.86
CA GLY A 38 4.70 5.11 -0.18
C GLY A 38 5.07 4.09 0.88
N GLU A 39 4.20 3.93 1.87
CA GLU A 39 4.43 2.98 2.95
C GLU A 39 3.79 1.63 2.63
N VAL A 40 4.50 0.55 2.94
CA VAL A 40 4.00 -0.80 2.69
C VAL A 40 4.65 -1.80 3.64
N SER A 41 3.85 -2.75 4.11
CA SER A 41 4.34 -3.78 5.03
C SER A 41 3.72 -5.14 4.69
N TRP A 42 4.52 -6.19 4.87
CA TRP A 42 4.06 -7.55 4.58
C TRP A 42 4.16 -8.43 5.83
N ASP A 43 3.68 -9.65 5.72
CA ASP A 43 3.71 -10.59 6.84
C ASP A 43 5.14 -10.95 7.20
N LYS A 44 5.63 -10.37 8.30
CA LYS A 44 6.99 -10.63 8.76
C LYS A 44 7.38 -12.08 8.51
N SER A 45 6.48 -12.99 8.84
CA SER A 45 6.74 -14.42 8.65
C SER A 45 7.19 -14.72 7.23
N LEU A 46 6.46 -14.18 6.26
CA LEU A 46 6.80 -14.38 4.85
C LEU A 46 8.25 -14.00 4.58
N CYS A 47 8.65 -12.83 5.07
CA CYS A 47 10.02 -12.36 4.88
C CYS A 47 10.35 -11.25 5.88
N ILE A 48 11.63 -11.07 6.14
CA ILE A 48 12.08 -10.04 7.07
C ILE A 48 11.95 -8.65 6.47
N GLY A 49 11.93 -7.63 7.33
CA GLY A 49 11.80 -6.27 6.86
C GLY A 49 10.49 -5.64 7.27
N ALA A 50 9.46 -6.47 7.46
CA ALA A 50 8.15 -5.98 7.86
C ALA A 50 8.26 -4.90 8.92
N THR A 51 7.31 -3.96 8.91
CA THR A 51 7.31 -2.87 9.87
C THR A 51 6.17 -3.03 10.88
N TYR A 52 4.95 -2.96 10.39
CA TYR A 52 3.77 -3.09 11.25
C TYR A 52 2.95 -4.32 10.85
N ASP A 53 2.36 -4.97 11.84
CA ASP A 53 1.54 -6.15 11.60
C ASP A 53 0.20 -5.77 10.97
N VAL A 54 -0.57 -6.78 10.60
CA VAL A 54 -1.88 -6.55 9.99
C VAL A 54 -2.87 -5.98 11.00
N THR A 55 -2.59 -6.22 12.28
CA THR A 55 -3.46 -5.73 13.35
C THR A 55 -3.09 -4.31 13.76
N ASP A 56 -2.48 -3.58 12.83
CA ASP A 56 -2.08 -2.20 13.09
C ASP A 56 -3.11 -1.22 12.51
N SER A 57 -3.95 -0.67 13.39
CA SER A 57 -4.98 0.28 12.98
C SER A 57 -4.39 1.32 12.03
N ARG A 58 -3.11 1.62 12.19
CA ARG A 58 -2.44 2.60 11.35
C ARG A 58 -2.75 2.37 9.88
N ILE A 59 -2.78 1.10 9.49
CA ILE A 59 -3.07 0.73 8.11
C ILE A 59 -4.17 1.61 7.52
N THR A 60 -4.09 1.88 6.23
CA THR A 60 -5.08 2.71 5.55
C THR A 60 -5.66 1.98 4.34
N HIS A 61 -4.85 1.12 3.72
CA HIS A 61 -5.29 0.37 2.55
C HIS A 61 -4.62 -0.99 2.50
N GLN A 62 -5.41 -2.05 2.74
CA GLN A 62 -4.89 -3.41 2.73
C GLN A 62 -5.12 -4.07 1.37
N ILE A 63 -4.08 -4.11 0.54
CA ILE A 63 -4.18 -4.72 -0.78
C ILE A 63 -4.36 -6.23 -0.67
N VAL A 64 -5.52 -6.71 -1.09
CA VAL A 64 -5.82 -8.13 -1.05
C VAL A 64 -6.28 -8.64 -2.41
N ASP A 65 -6.59 -9.93 -2.49
CA ASP A 65 -7.05 -10.53 -3.74
C ASP A 65 -8.58 -10.53 -3.82
N ARG A 66 -9.22 -10.81 -2.70
CA ARG A 66 -10.68 -10.84 -2.65
C ARG A 66 -11.20 -9.98 -1.50
N PRO A 67 -11.27 -8.66 -1.73
CA PRO A 67 -11.75 -7.70 -0.72
C PRO A 67 -13.24 -7.83 -0.47
N GLY A 68 -13.92 -8.60 -1.32
CA GLY A 68 -15.35 -8.79 -1.16
C GLY A 68 -15.68 -9.92 -0.19
N GLN A 69 -14.72 -10.80 0.04
CA GLN A 69 -14.92 -11.93 0.93
C GLN A 69 -14.24 -11.67 2.28
N GLN A 70 -13.03 -11.15 2.23
CA GLN A 70 -12.27 -10.86 3.46
C GLN A 70 -13.16 -10.17 4.48
N THR A 71 -12.70 -10.15 5.73
CA THR A 71 -13.45 -9.52 6.81
C THR A 71 -13.11 -8.04 6.93
N SER A 72 -14.12 -7.19 6.79
CA SER A 72 -13.94 -5.74 6.88
C SER A 72 -13.60 -5.32 8.30
N VAL A 73 -12.88 -4.22 8.42
CA VAL A 73 -12.49 -3.71 9.73
C VAL A 73 -12.81 -2.22 9.86
N ILE A 74 -13.74 -1.89 10.75
CA ILE A 74 -14.14 -0.50 10.96
C ILE A 74 -12.93 0.43 10.87
N GLY A 75 -12.96 1.33 9.89
CA GLY A 75 -11.87 2.27 9.72
C GLY A 75 -10.94 1.88 8.59
N ARG A 76 -10.58 0.60 8.53
CA ARG A 76 -9.70 0.10 7.49
C ARG A 76 -10.44 -0.07 6.17
N CYS A 77 -9.69 -0.07 5.06
CA CYS A 77 -10.28 -0.23 3.75
C CYS A 77 -9.51 -1.25 2.91
N TYR A 78 -10.24 -2.17 2.29
CA TYR A 78 -9.62 -3.20 1.47
C TYR A 78 -9.84 -2.92 -0.02
N VAL A 79 -8.75 -2.86 -0.77
CA VAL A 79 -8.82 -2.60 -2.20
C VAL A 79 -7.89 -3.54 -2.97
N GLN A 80 -8.19 -3.75 -4.25
CA GLN A 80 -7.40 -4.61 -5.10
C GLN A 80 -6.04 -3.98 -5.41
N PRO A 81 -5.07 -4.83 -5.79
CA PRO A 81 -3.71 -4.36 -6.13
C PRO A 81 -3.67 -3.58 -7.43
N GLN A 82 -4.81 -3.55 -8.13
CA GLN A 82 -4.89 -2.84 -9.40
C GLN A 82 -5.08 -1.34 -9.16
N TRP A 83 -5.63 -0.99 -8.01
CA TRP A 83 -5.87 0.40 -7.65
C TRP A 83 -4.56 1.19 -7.64
N VAL A 84 -3.47 0.50 -7.36
CA VAL A 84 -2.16 1.13 -7.31
C VAL A 84 -1.67 1.48 -8.72
N PHE A 85 -1.58 0.48 -9.58
CA PHE A 85 -1.13 0.69 -10.95
C PHE A 85 -1.88 1.84 -11.60
N ASP A 86 -3.21 1.76 -11.58
CA ASP A 86 -4.05 2.80 -12.16
C ASP A 86 -3.71 4.17 -11.59
N SER A 87 -3.56 4.23 -10.27
CA SER A 87 -3.23 5.48 -9.60
C SER A 87 -1.95 6.08 -10.15
N VAL A 88 -0.84 5.39 -9.91
CA VAL A 88 0.47 5.85 -10.40
C VAL A 88 0.39 6.27 -11.86
N ASN A 89 -0.34 5.49 -12.66
CA ASN A 89 -0.49 5.78 -14.07
C ASN A 89 -1.33 7.03 -14.30
N ALA A 90 -2.33 7.22 -13.44
CA ALA A 90 -3.20 8.38 -13.53
C ALA A 90 -2.69 9.53 -12.68
N ARG A 91 -1.44 9.41 -12.22
CA ARG A 91 -0.84 10.45 -11.39
C ARG A 91 -1.86 11.06 -10.44
N LEU A 92 -2.67 10.21 -9.81
CA LEU A 92 -3.68 10.66 -8.88
C LEU A 92 -4.20 9.50 -8.03
N LEU A 93 -4.63 9.81 -6.80
CA LEU A 93 -5.16 8.79 -5.90
C LEU A 93 -6.61 8.48 -6.23
N LEU A 94 -6.82 7.66 -7.25
CA LEU A 94 -8.16 7.27 -7.65
C LEU A 94 -9.02 6.89 -6.44
N PRO A 95 -10.34 6.99 -6.60
CA PRO A 95 -11.30 6.66 -5.53
C PRO A 95 -11.35 5.16 -5.24
N VAL A 96 -11.00 4.78 -4.02
CA VAL A 96 -11.01 3.38 -3.62
C VAL A 96 -12.42 2.80 -3.64
N ALA A 97 -13.40 3.69 -3.52
CA ALA A 97 -14.81 3.27 -3.53
C ALA A 97 -15.12 2.42 -4.76
N GLU A 98 -14.26 2.52 -5.77
CA GLU A 98 -14.44 1.76 -7.00
C GLU A 98 -13.78 0.39 -6.90
N TYR A 99 -12.67 0.32 -6.18
CA TYR A 99 -11.94 -0.93 -6.01
C TYR A 99 -12.35 -1.62 -4.72
N PHE A 100 -13.62 -1.51 -4.37
CA PHE A 100 -14.14 -2.14 -3.16
C PHE A 100 -15.28 -3.09 -3.48
N GLY A 1 31.20 9.40 1.45
CA GLY A 1 31.23 10.38 2.51
C GLY A 1 30.11 11.39 2.39
N SER A 2 30.06 12.08 1.25
CA SER A 2 29.04 13.10 1.01
C SER A 2 28.15 12.71 -0.17
N SER A 3 27.02 13.38 -0.30
CA SER A 3 26.08 13.10 -1.38
C SER A 3 24.96 14.13 -1.41
N GLY A 4 24.35 14.31 -2.58
CA GLY A 4 23.27 15.26 -2.71
C GLY A 4 22.12 14.72 -3.53
N SER A 5 21.72 15.45 -4.56
CA SER A 5 20.61 15.04 -5.41
C SER A 5 19.41 14.63 -4.58
N SER A 6 19.07 15.46 -3.60
CA SER A 6 17.94 15.18 -2.72
C SER A 6 16.96 16.36 -2.70
N GLY A 7 15.67 16.05 -2.67
CA GLY A 7 14.65 17.09 -2.65
C GLY A 7 13.41 16.67 -1.89
N LYS A 8 12.30 17.35 -2.16
CA LYS A 8 11.04 17.05 -1.50
C LYS A 8 9.85 17.54 -2.34
N HIS A 9 8.79 16.75 -2.35
CA HIS A 9 7.59 17.11 -3.11
C HIS A 9 6.42 16.20 -2.73
N LYS A 10 5.21 16.64 -3.05
CA LYS A 10 4.01 15.88 -2.75
C LYS A 10 4.05 14.51 -3.42
N LYS A 11 4.57 13.52 -2.71
CA LYS A 11 4.67 12.16 -3.24
C LYS A 11 3.29 11.61 -3.54
N LEU A 12 3.24 10.56 -4.36
CA LEU A 12 1.98 9.92 -4.73
C LEU A 12 1.38 9.17 -3.55
N PHE A 13 2.23 8.50 -2.79
CA PHE A 13 1.78 7.74 -1.63
C PHE A 13 2.41 8.28 -0.35
N GLU A 14 2.49 9.60 -0.25
CA GLU A 14 3.07 10.25 0.92
C GLU A 14 2.35 9.82 2.19
N GLY A 15 3.07 9.11 3.07
CA GLY A 15 2.47 8.65 4.31
C GLY A 15 1.55 7.46 4.11
N LEU A 16 0.67 7.58 3.12
CA LEU A 16 -0.29 6.51 2.82
C LEU A 16 0.35 5.13 3.05
N LYS A 17 -0.30 4.32 3.87
CA LYS A 17 0.20 2.98 4.18
C LYS A 17 -0.58 1.93 3.39
N PHE A 18 0.08 0.81 3.09
CA PHE A 18 -0.54 -0.27 2.34
C PHE A 18 -0.09 -1.63 2.87
N PHE A 19 -0.93 -2.64 2.67
CA PHE A 19 -0.62 -3.99 3.13
C PHE A 19 -0.84 -5.01 2.02
N LEU A 20 0.25 -5.66 1.60
CA LEU A 20 0.17 -6.66 0.55
C LEU A 20 -0.07 -8.06 1.13
N ASN A 21 -0.80 -8.88 0.38
CA ASN A 21 -1.11 -10.24 0.82
C ASN A 21 -0.21 -11.25 0.11
N ARG A 22 -0.16 -12.46 0.65
CA ARG A 22 0.65 -13.52 0.07
C ARG A 22 0.12 -13.94 -1.30
N GLU A 23 -1.12 -13.57 -1.58
CA GLU A 23 -1.75 -13.89 -2.85
C GLU A 23 -1.26 -12.95 -3.95
N VAL A 24 -1.27 -11.66 -3.67
CA VAL A 24 -0.83 -10.66 -4.63
C VAL A 24 0.69 -10.48 -4.59
N PRO A 25 1.27 -10.14 -5.75
CA PRO A 25 2.72 -9.93 -5.87
C PRO A 25 3.19 -8.68 -5.15
N ARG A 26 4.32 -8.78 -4.46
CA ARG A 26 4.87 -7.66 -3.72
C ARG A 26 6.04 -7.03 -4.49
N GLU A 27 6.96 -7.86 -4.95
CA GLU A 27 8.12 -7.39 -5.70
C GLU A 27 7.75 -6.20 -6.57
N ALA A 28 6.64 -6.31 -7.28
CA ALA A 28 6.18 -5.24 -8.15
C ALA A 28 5.56 -4.10 -7.35
N LEU A 29 4.53 -4.41 -6.59
CA LEU A 29 3.85 -3.42 -5.76
C LEU A 29 4.83 -2.73 -4.82
N ALA A 30 5.42 -3.50 -3.91
CA ALA A 30 6.37 -2.96 -2.96
C ALA A 30 7.29 -1.94 -3.61
N PHE A 31 7.94 -2.34 -4.71
CA PHE A 31 8.84 -1.46 -5.43
C PHE A 31 8.14 -0.17 -5.84
N ILE A 32 6.92 -0.31 -6.35
CA ILE A 32 6.14 0.85 -6.79
C ILE A 32 5.77 1.72 -5.60
N ILE A 33 4.91 1.20 -4.73
CA ILE A 33 4.46 1.94 -3.55
C ILE A 33 5.63 2.69 -2.90
N ARG A 34 6.81 2.07 -2.95
CA ARG A 34 8.00 2.68 -2.36
C ARG A 34 8.59 3.73 -3.30
N SER A 35 8.69 3.39 -4.58
CA SER A 35 9.25 4.30 -5.57
C SER A 35 8.48 5.62 -5.59
N PHE A 36 7.19 5.55 -5.25
CA PHE A 36 6.35 6.74 -5.23
C PHE A 36 6.20 7.27 -3.81
N GLY A 37 7.20 6.99 -2.97
CA GLY A 37 7.17 7.45 -1.59
C GLY A 37 5.96 6.93 -0.84
N GLY A 38 5.84 5.61 -0.77
CA GLY A 38 4.72 4.99 -0.07
C GLY A 38 5.16 3.94 0.92
N GLU A 39 4.38 3.77 1.99
CA GLU A 39 4.69 2.78 3.01
C GLU A 39 3.93 1.49 2.77
N VAL A 40 4.64 0.37 2.86
CA VAL A 40 4.03 -0.94 2.66
C VAL A 40 4.63 -1.98 3.60
N SER A 41 3.79 -2.89 4.07
CA SER A 41 4.25 -3.95 4.98
C SER A 41 3.56 -5.27 4.66
N TRP A 42 4.19 -6.37 5.06
CA TRP A 42 3.65 -7.70 4.83
C TRP A 42 3.82 -8.59 6.04
N ASP A 43 2.81 -9.40 6.33
CA ASP A 43 2.85 -10.31 7.47
C ASP A 43 4.22 -10.98 7.59
N LYS A 44 4.93 -10.69 8.67
CA LYS A 44 6.24 -11.27 8.90
C LYS A 44 6.25 -12.77 8.58
N SER A 45 5.37 -13.51 9.25
CA SER A 45 5.27 -14.95 9.04
C SER A 45 5.38 -15.30 7.56
N LEU A 46 4.63 -14.58 6.74
CA LEU A 46 4.64 -14.81 5.30
C LEU A 46 6.02 -14.55 4.71
N CYS A 47 6.59 -13.39 5.03
CA CYS A 47 7.91 -13.03 4.55
C CYS A 47 8.58 -12.02 5.47
N ILE A 48 9.88 -12.19 5.68
CA ILE A 48 10.63 -11.30 6.56
C ILE A 48 10.78 -9.91 5.94
N GLY A 49 11.12 -8.93 6.77
CA GLY A 49 11.29 -7.57 6.28
C GLY A 49 10.02 -6.75 6.42
N ALA A 50 9.31 -6.93 7.52
CA ALA A 50 8.08 -6.20 7.77
C ALA A 50 8.22 -5.25 8.95
N THR A 51 7.49 -4.15 8.91
CA THR A 51 7.55 -3.15 9.98
C THR A 51 6.38 -3.32 10.95
N TYR A 52 5.19 -2.95 10.49
CA TYR A 52 3.99 -3.06 11.32
C TYR A 52 3.15 -4.26 10.91
N ASP A 53 2.26 -4.68 11.80
CA ASP A 53 1.40 -5.82 11.53
C ASP A 53 0.10 -5.37 10.87
N VAL A 54 -0.67 -6.33 10.36
CA VAL A 54 -1.95 -6.03 9.71
C VAL A 54 -2.99 -5.58 10.71
N THR A 55 -2.64 -5.65 12.00
CA THR A 55 -3.55 -5.25 13.06
C THR A 55 -3.21 -3.85 13.57
N ASP A 56 -2.45 -3.11 12.77
CA ASP A 56 -2.06 -1.75 13.15
C ASP A 56 -3.02 -0.72 12.56
N SER A 57 -3.67 0.04 13.44
CA SER A 57 -4.62 1.06 13.00
C SER A 57 -3.99 1.97 11.96
N ARG A 58 -2.75 2.38 12.20
CA ARG A 58 -2.04 3.26 11.28
C ARG A 58 -2.34 2.89 9.84
N ILE A 59 -2.40 1.59 9.56
CA ILE A 59 -2.67 1.10 8.22
C ILE A 59 -3.88 1.82 7.61
N THR A 60 -3.65 2.57 6.54
CA THR A 60 -4.71 3.30 5.88
C THR A 60 -5.42 2.41 4.86
N HIS A 61 -4.65 1.66 4.09
CA HIS A 61 -5.20 0.77 3.08
C HIS A 61 -4.64 -0.64 3.23
N GLN A 62 -5.35 -1.62 2.68
CA GLN A 62 -4.93 -3.01 2.74
C GLN A 62 -5.20 -3.73 1.44
N ILE A 63 -4.14 -4.04 0.70
CA ILE A 63 -4.27 -4.74 -0.58
C ILE A 63 -4.57 -6.22 -0.37
N VAL A 64 -5.47 -6.76 -1.19
CA VAL A 64 -5.83 -8.16 -1.10
C VAL A 64 -6.35 -8.69 -2.43
N ASP A 65 -5.96 -9.91 -2.78
CA ASP A 65 -6.38 -10.53 -4.03
C ASP A 65 -7.82 -10.13 -4.37
N ARG A 66 -8.70 -10.20 -3.38
CA ARG A 66 -10.10 -9.85 -3.56
C ARG A 66 -10.78 -9.57 -2.23
N PRO A 67 -11.33 -8.36 -2.09
CA PRO A 67 -12.02 -7.93 -0.87
C PRO A 67 -13.33 -8.66 -0.65
N GLY A 68 -13.64 -9.59 -1.56
CA GLY A 68 -14.87 -10.36 -1.45
C GLY A 68 -14.68 -11.70 -0.78
N GLN A 69 -13.49 -12.28 -0.96
CA GLN A 69 -13.18 -13.58 -0.36
C GLN A 69 -12.52 -13.40 1.00
N GLN A 70 -12.90 -12.34 1.70
CA GLN A 70 -12.34 -12.07 3.02
C GLN A 70 -13.04 -10.87 3.67
N THR A 71 -13.21 -10.94 4.98
CA THR A 71 -13.87 -9.87 5.72
C THR A 71 -12.90 -8.71 5.98
N SER A 72 -13.47 -7.53 6.22
CA SER A 72 -12.66 -6.34 6.47
C SER A 72 -12.80 -5.89 7.93
N VAL A 73 -11.91 -5.00 8.35
CA VAL A 73 -11.93 -4.50 9.72
C VAL A 73 -12.62 -3.14 9.79
N ILE A 74 -13.58 -3.01 10.70
CA ILE A 74 -14.32 -1.76 10.87
C ILE A 74 -13.37 -0.57 10.86
N GLY A 75 -13.45 0.23 9.81
CA GLY A 75 -12.61 1.40 9.70
C GLY A 75 -11.60 1.29 8.56
N ARG A 76 -11.03 0.11 8.40
CA ARG A 76 -10.04 -0.12 7.34
C ARG A 76 -10.73 -0.35 6.00
N CYS A 77 -10.03 -0.01 4.92
CA CYS A 77 -10.58 -0.19 3.58
C CYS A 77 -9.70 -1.12 2.75
N TYR A 78 -10.26 -2.26 2.37
CA TYR A 78 -9.53 -3.24 1.58
C TYR A 78 -9.77 -3.02 0.08
N VAL A 79 -8.68 -2.98 -0.67
CA VAL A 79 -8.77 -2.77 -2.12
C VAL A 79 -7.86 -3.75 -2.87
N GLN A 80 -8.04 -3.82 -4.18
CA GLN A 80 -7.23 -4.71 -5.01
C GLN A 80 -5.91 -4.05 -5.39
N PRO A 81 -4.93 -4.88 -5.79
CA PRO A 81 -3.60 -4.40 -6.18
C PRO A 81 -3.62 -3.63 -7.50
N GLN A 82 -4.77 -3.64 -8.16
CA GLN A 82 -4.93 -2.95 -9.44
C GLN A 82 -5.15 -1.46 -9.21
N TRP A 83 -5.42 -1.08 -7.97
CA TRP A 83 -5.66 0.32 -7.63
C TRP A 83 -4.33 1.07 -7.49
N VAL A 84 -3.24 0.32 -7.43
CA VAL A 84 -1.91 0.92 -7.29
C VAL A 84 -1.30 1.20 -8.66
N PHE A 85 -1.60 0.34 -9.63
CA PHE A 85 -1.08 0.50 -10.98
C PHE A 85 -1.82 1.61 -11.72
N ASP A 86 -3.09 1.81 -11.36
CA ASP A 86 -3.91 2.84 -11.99
C ASP A 86 -3.61 4.21 -11.40
N SER A 87 -3.69 4.31 -10.08
CA SER A 87 -3.43 5.57 -9.39
C SER A 87 -2.13 6.20 -9.88
N VAL A 88 -1.09 5.39 -9.97
CA VAL A 88 0.22 5.87 -10.41
C VAL A 88 0.16 6.34 -11.87
N ASN A 89 -0.52 5.57 -12.71
CA ASN A 89 -0.66 5.90 -14.12
C ASN A 89 -1.44 7.20 -14.30
N ALA A 90 -2.39 7.44 -13.39
CA ALA A 90 -3.20 8.65 -13.45
C ALA A 90 -2.65 9.72 -12.53
N ARG A 91 -1.46 9.49 -11.98
CA ARG A 91 -0.83 10.44 -11.08
C ARG A 91 -1.85 11.07 -10.13
N LEU A 92 -2.78 10.25 -9.65
CA LEU A 92 -3.82 10.72 -8.75
C LEU A 92 -4.38 9.57 -7.91
N LEU A 93 -4.82 9.89 -6.70
CA LEU A 93 -5.37 8.89 -5.80
C LEU A 93 -6.81 8.55 -6.19
N LEU A 94 -6.97 7.55 -7.05
CA LEU A 94 -8.29 7.12 -7.49
C LEU A 94 -9.18 6.76 -6.31
N PRO A 95 -10.50 6.93 -6.48
CA PRO A 95 -11.47 6.63 -5.44
C PRO A 95 -11.60 5.12 -5.19
N VAL A 96 -11.08 4.68 -4.04
CA VAL A 96 -11.14 3.26 -3.69
C VAL A 96 -12.57 2.74 -3.72
N ALA A 97 -13.53 3.67 -3.67
CA ALA A 97 -14.94 3.30 -3.70
C ALA A 97 -15.27 2.51 -4.97
N GLU A 98 -14.36 2.54 -5.94
CA GLU A 98 -14.57 1.83 -7.20
C GLU A 98 -13.84 0.49 -7.18
N TYR A 99 -12.89 0.34 -6.26
CA TYR A 99 -12.12 -0.89 -6.15
C TYR A 99 -12.42 -1.60 -4.83
N PHE A 100 -13.63 -1.40 -4.32
CA PHE A 100 -14.04 -2.02 -3.07
C PHE A 100 -15.05 -3.13 -3.32
N GLY A 1 27.88 16.95 -4.35
CA GLY A 1 28.70 16.75 -3.16
C GLY A 1 28.05 15.80 -2.17
N SER A 2 28.50 14.54 -2.19
CA SER A 2 27.96 13.53 -1.29
C SER A 2 26.45 13.65 -1.18
N SER A 3 25.79 13.80 -2.32
CA SER A 3 24.33 13.93 -2.36
C SER A 3 23.83 14.70 -1.14
N GLY A 4 24.51 15.80 -0.82
CA GLY A 4 24.12 16.61 0.32
C GLY A 4 23.34 17.84 -0.09
N SER A 5 22.03 17.80 0.10
CA SER A 5 21.17 18.92 -0.26
C SER A 5 19.79 18.77 0.38
N SER A 6 19.15 19.91 0.65
CA SER A 6 17.82 19.91 1.26
C SER A 6 16.73 19.98 0.20
N GLY A 7 15.48 19.88 0.64
CA GLY A 7 14.36 19.93 -0.28
C GLY A 7 13.05 19.61 0.39
N LYS A 8 11.99 19.54 -0.40
CA LYS A 8 10.65 19.24 0.11
C LYS A 8 10.37 17.74 0.03
N HIS A 9 9.19 17.35 0.52
CA HIS A 9 8.80 15.94 0.50
C HIS A 9 7.39 15.78 -0.09
N LYS A 10 7.31 15.84 -1.41
CA LYS A 10 6.04 15.71 -2.11
C LYS A 10 5.88 14.31 -2.70
N LYS A 11 5.01 13.51 -2.10
CA LYS A 11 4.77 12.16 -2.57
C LYS A 11 3.28 11.83 -2.57
N LEU A 12 2.86 10.98 -3.51
CA LEU A 12 1.46 10.59 -3.61
C LEU A 12 1.06 9.69 -2.45
N PHE A 13 1.84 8.63 -2.24
CA PHE A 13 1.55 7.68 -1.16
C PHE A 13 2.18 8.16 0.15
N GLU A 14 2.25 9.47 0.32
CA GLU A 14 2.83 10.05 1.53
C GLU A 14 1.97 9.74 2.75
N GLY A 15 2.55 9.06 3.72
CA GLY A 15 1.82 8.70 4.93
C GLY A 15 0.97 7.46 4.75
N LEU A 16 0.14 7.46 3.71
CA LEU A 16 -0.74 6.32 3.44
C LEU A 16 -0.02 5.00 3.76
N LYS A 17 -0.65 4.19 4.60
CA LYS A 17 -0.09 2.91 4.98
C LYS A 17 -0.74 1.77 4.20
N PHE A 18 0.06 1.10 3.37
CA PHE A 18 -0.43 -0.01 2.55
C PHE A 18 0.01 -1.35 3.13
N PHE A 19 -0.58 -2.42 2.63
CA PHE A 19 -0.24 -3.76 3.09
C PHE A 19 -0.50 -4.80 2.00
N LEU A 20 0.57 -5.44 1.55
CA LEU A 20 0.47 -6.45 0.50
C LEU A 20 0.25 -7.84 1.10
N ASN A 21 -0.78 -8.53 0.62
CA ASN A 21 -1.09 -9.87 1.11
C ASN A 21 -0.24 -10.91 0.41
N ARG A 22 0.10 -11.97 1.15
CA ARG A 22 0.93 -13.05 0.60
C ARG A 22 0.34 -13.56 -0.72
N GLU A 23 -0.95 -13.28 -0.94
CA GLU A 23 -1.62 -13.71 -2.16
C GLU A 23 -1.27 -12.79 -3.32
N VAL A 24 -1.26 -11.48 -3.06
CA VAL A 24 -0.94 -10.50 -4.08
C VAL A 24 0.57 -10.36 -4.27
N PRO A 25 0.99 -9.99 -5.48
CA PRO A 25 2.40 -9.80 -5.81
C PRO A 25 3.00 -8.58 -5.13
N ARG A 26 4.08 -8.78 -4.38
CA ARG A 26 4.74 -7.68 -3.68
C ARG A 26 5.81 -7.04 -4.56
N GLU A 27 6.74 -7.85 -5.05
CA GLU A 27 7.81 -7.36 -5.90
C GLU A 27 7.32 -6.24 -6.80
N ALA A 28 6.16 -6.43 -7.41
CA ALA A 28 5.57 -5.43 -8.29
C ALA A 28 5.05 -4.24 -7.51
N LEU A 29 4.06 -4.48 -6.66
CA LEU A 29 3.48 -3.42 -5.84
C LEU A 29 4.54 -2.71 -5.01
N ALA A 30 5.17 -3.46 -4.11
CA ALA A 30 6.22 -2.91 -3.26
C ALA A 30 7.07 -1.90 -4.02
N PHE A 31 7.67 -2.36 -5.12
CA PHE A 31 8.52 -1.50 -5.93
C PHE A 31 7.79 -0.22 -6.32
N ILE A 32 6.54 -0.37 -6.76
CA ILE A 32 5.73 0.78 -7.16
C ILE A 32 5.52 1.73 -5.99
N ILE A 33 4.87 1.24 -4.95
CA ILE A 33 4.60 2.05 -3.76
C ILE A 33 5.86 2.77 -3.30
N ARG A 34 6.93 2.01 -3.09
CA ARG A 34 8.20 2.56 -2.64
C ARG A 34 8.74 3.56 -3.66
N SER A 35 8.62 3.22 -4.95
CA SER A 35 9.10 4.07 -6.02
C SER A 35 8.42 5.43 -5.98
N PHE A 36 7.14 5.44 -5.60
CA PHE A 36 6.37 6.67 -5.51
C PHE A 36 6.31 7.19 -4.08
N GLY A 37 7.35 6.88 -3.31
CA GLY A 37 7.40 7.32 -1.92
C GLY A 37 6.17 6.91 -1.14
N GLY A 38 5.91 5.61 -1.08
CA GLY A 38 4.76 5.13 -0.35
C GLY A 38 5.11 4.09 0.70
N GLU A 39 4.26 3.95 1.71
CA GLU A 39 4.50 2.99 2.78
C GLU A 39 3.87 1.64 2.46
N VAL A 40 4.56 0.56 2.83
CA VAL A 40 4.07 -0.79 2.58
C VAL A 40 4.72 -1.80 3.50
N SER A 41 3.94 -2.75 3.98
CA SER A 41 4.46 -3.78 4.88
C SER A 41 3.85 -5.15 4.56
N TRP A 42 4.54 -6.21 4.96
CA TRP A 42 4.07 -7.56 4.71
C TRP A 42 4.24 -8.44 5.95
N ASP A 43 3.90 -9.71 5.82
CA ASP A 43 4.01 -10.65 6.94
C ASP A 43 5.47 -10.93 7.25
N LYS A 44 5.88 -10.61 8.48
CA LYS A 44 7.26 -10.83 8.91
C LYS A 44 7.67 -12.29 8.67
N SER A 45 6.91 -13.22 9.22
CA SER A 45 7.20 -14.64 9.06
C SER A 45 7.47 -14.98 7.61
N LEU A 46 6.50 -14.72 6.74
CA LEU A 46 6.65 -14.99 5.32
C LEU A 46 7.95 -14.43 4.79
N CYS A 47 8.31 -13.23 5.23
CA CYS A 47 9.53 -12.57 4.80
C CYS A 47 9.94 -11.48 5.77
N ILE A 48 11.24 -11.31 5.96
CA ILE A 48 11.76 -10.29 6.86
C ILE A 48 11.81 -8.92 6.19
N GLY A 49 11.68 -7.87 6.99
CA GLY A 49 11.71 -6.53 6.46
C GLY A 49 10.36 -5.84 6.52
N ALA A 50 9.54 -6.26 7.47
CA ALA A 50 8.21 -5.68 7.63
C ALA A 50 8.19 -4.65 8.76
N THR A 51 7.24 -3.72 8.69
CA THR A 51 7.11 -2.68 9.70
C THR A 51 5.90 -2.92 10.59
N TYR A 52 4.72 -2.98 9.96
CA TYR A 52 3.48 -3.21 10.71
C TYR A 52 2.69 -4.36 10.10
N ASP A 53 2.16 -5.22 10.97
CA ASP A 53 1.38 -6.37 10.53
C ASP A 53 -0.07 -5.97 10.26
N VAL A 54 -0.82 -6.88 9.65
CA VAL A 54 -2.23 -6.63 9.34
C VAL A 54 -3.00 -6.24 10.59
N THR A 55 -2.56 -6.74 11.75
CA THR A 55 -3.21 -6.45 13.01
C THR A 55 -3.09 -4.97 13.37
N ASP A 56 -2.04 -4.33 12.84
CA ASP A 56 -1.79 -2.91 13.11
C ASP A 56 -2.94 -2.06 12.57
N SER A 57 -3.85 -1.67 13.46
CA SER A 57 -4.99 -0.85 13.07
C SER A 57 -4.55 0.35 12.25
N ARG A 58 -3.33 0.81 12.50
CA ARG A 58 -2.79 1.97 11.79
C ARG A 58 -3.03 1.83 10.29
N ILE A 59 -2.86 0.62 9.78
CA ILE A 59 -3.06 0.37 8.36
C ILE A 59 -4.25 1.16 7.81
N THR A 60 -4.14 1.59 6.55
CA THR A 60 -5.19 2.36 5.91
C THR A 60 -5.77 1.62 4.72
N HIS A 61 -4.93 0.82 4.06
CA HIS A 61 -5.35 0.05 2.89
C HIS A 61 -4.71 -1.32 2.89
N GLN A 62 -5.53 -2.36 2.83
CA GLN A 62 -5.04 -3.73 2.81
C GLN A 62 -5.17 -4.34 1.42
N ILE A 63 -4.08 -4.27 0.65
CA ILE A 63 -4.08 -4.82 -0.70
C ILE A 63 -4.40 -6.31 -0.69
N VAL A 64 -5.67 -6.64 -0.97
CA VAL A 64 -6.10 -8.03 -0.99
C VAL A 64 -6.62 -8.41 -2.37
N ASP A 65 -6.73 -9.72 -2.61
CA ASP A 65 -7.21 -10.22 -3.90
C ASP A 65 -8.72 -10.02 -4.02
N ARG A 66 -9.42 -10.16 -2.89
CA ARG A 66 -10.87 -10.00 -2.88
C ARG A 66 -11.30 -9.13 -1.70
N PRO A 67 -11.20 -7.81 -1.87
CA PRO A 67 -11.58 -6.84 -0.83
C PRO A 67 -13.09 -6.78 -0.61
N GLY A 68 -13.82 -7.64 -1.33
CA GLY A 68 -15.26 -7.67 -1.19
C GLY A 68 -15.76 -8.96 -0.58
N GLN A 69 -14.94 -10.01 -0.67
CA GLN A 69 -15.30 -11.31 -0.11
C GLN A 69 -14.80 -11.46 1.31
N GLN A 70 -13.48 -11.39 1.48
CA GLN A 70 -12.86 -11.52 2.79
C GLN A 70 -13.46 -10.52 3.77
N THR A 71 -13.70 -10.96 5.00
CA THR A 71 -14.28 -10.11 6.03
C THR A 71 -13.54 -8.78 6.12
N SER A 72 -14.27 -7.72 6.44
CA SER A 72 -13.68 -6.38 6.55
C SER A 72 -13.84 -5.84 7.96
N VAL A 73 -12.92 -4.96 8.36
CA VAL A 73 -12.95 -4.36 9.68
C VAL A 73 -13.52 -2.95 9.64
N ILE A 74 -14.63 -2.73 10.33
CA ILE A 74 -15.26 -1.43 10.38
C ILE A 74 -14.23 -0.31 10.52
N GLY A 75 -14.08 0.48 9.47
CA GLY A 75 -13.12 1.58 9.50
C GLY A 75 -11.99 1.38 8.51
N ARG A 76 -11.53 0.15 8.37
CA ARG A 76 -10.45 -0.17 7.44
C ARG A 76 -10.97 -0.35 6.02
N CYS A 77 -10.16 0.02 5.04
CA CYS A 77 -10.55 -0.10 3.64
C CYS A 77 -9.66 -1.10 2.92
N TYR A 78 -10.24 -1.86 2.00
CA TYR A 78 -9.49 -2.85 1.24
C TYR A 78 -9.63 -2.60 -0.25
N VAL A 79 -8.48 -2.57 -0.94
CA VAL A 79 -8.46 -2.34 -2.38
C VAL A 79 -7.56 -3.35 -3.09
N GLN A 80 -7.87 -3.64 -4.35
CA GLN A 80 -7.08 -4.58 -5.13
C GLN A 80 -5.73 -4.00 -5.49
N PRO A 81 -4.77 -4.88 -5.85
CA PRO A 81 -3.41 -4.47 -6.21
C PRO A 81 -3.37 -3.73 -7.54
N GLN A 82 -4.52 -3.65 -8.21
CA GLN A 82 -4.61 -2.96 -9.48
C GLN A 82 -4.82 -1.47 -9.30
N TRP A 83 -5.51 -1.10 -8.22
CA TRP A 83 -5.79 0.29 -7.92
C TRP A 83 -4.51 1.11 -7.90
N VAL A 84 -3.41 0.47 -7.52
CA VAL A 84 -2.11 1.14 -7.46
C VAL A 84 -1.57 1.41 -8.86
N PHE A 85 -1.78 0.46 -9.76
CA PHE A 85 -1.30 0.59 -11.13
C PHE A 85 -1.97 1.78 -11.82
N ASP A 86 -3.30 1.80 -11.78
CA ASP A 86 -4.07 2.88 -12.40
C ASP A 86 -3.81 4.21 -11.70
N SER A 87 -3.46 4.13 -10.42
CA SER A 87 -3.19 5.33 -9.63
C SER A 87 -1.83 5.92 -9.98
N VAL A 88 -0.78 5.13 -9.80
CA VAL A 88 0.58 5.57 -10.10
C VAL A 88 0.69 6.04 -11.54
N ASN A 89 -0.06 5.39 -12.43
CA ASN A 89 -0.04 5.74 -13.85
C ASN A 89 -0.83 7.02 -14.10
N ALA A 90 -1.95 7.17 -13.40
CA ALA A 90 -2.80 8.35 -13.55
C ALA A 90 -2.31 9.48 -12.66
N ARG A 91 -1.10 9.33 -12.11
CA ARG A 91 -0.53 10.35 -11.24
C ARG A 91 -1.59 10.93 -10.31
N LEU A 92 -2.52 10.08 -9.86
CA LEU A 92 -3.58 10.51 -8.97
C LEU A 92 -4.05 9.37 -8.09
N LEU A 93 -4.54 9.70 -6.90
CA LEU A 93 -5.03 8.69 -5.97
C LEU A 93 -6.49 8.35 -6.23
N LEU A 94 -6.74 7.65 -7.33
CA LEU A 94 -8.10 7.26 -7.69
C LEU A 94 -8.91 6.89 -6.46
N PRO A 95 -10.24 6.99 -6.57
CA PRO A 95 -11.16 6.67 -5.48
C PRO A 95 -11.20 5.17 -5.18
N VAL A 96 -10.72 4.80 -4.01
CA VAL A 96 -10.71 3.40 -3.59
C VAL A 96 -12.12 2.84 -3.52
N ALA A 97 -13.07 3.68 -3.18
CA ALA A 97 -14.47 3.27 -3.08
C ALA A 97 -14.88 2.41 -4.26
N GLU A 98 -14.48 2.83 -5.46
CA GLU A 98 -14.81 2.10 -6.68
C GLU A 98 -14.10 0.74 -6.70
N TYR A 99 -12.96 0.67 -6.01
CA TYR A 99 -12.18 -0.57 -5.97
C TYR A 99 -12.47 -1.33 -4.67
N PHE A 100 -13.73 -1.31 -4.25
CA PHE A 100 -14.13 -2.01 -3.03
C PHE A 100 -14.65 -3.41 -3.34
N GLY A 1 28.95 11.22 -6.09
CA GLY A 1 28.81 12.64 -5.81
C GLY A 1 27.40 13.02 -5.42
N SER A 2 26.42 12.44 -6.12
CA SER A 2 25.01 12.72 -5.86
C SER A 2 24.73 12.71 -4.36
N SER A 3 23.57 13.22 -3.98
CA SER A 3 23.18 13.28 -2.58
C SER A 3 21.77 12.73 -2.38
N GLY A 4 21.66 11.68 -1.57
CA GLY A 4 20.36 11.07 -1.32
C GLY A 4 19.26 12.11 -1.17
N SER A 5 18.43 12.25 -2.20
CA SER A 5 17.34 13.22 -2.18
C SER A 5 16.06 12.57 -1.65
N SER A 6 15.87 12.66 -0.34
CA SER A 6 14.68 12.09 0.29
C SER A 6 13.44 12.32 -0.56
N GLY A 7 13.30 13.54 -1.06
CA GLY A 7 12.15 13.88 -1.89
C GLY A 7 11.54 15.22 -1.50
N LYS A 8 11.71 16.21 -2.37
CA LYS A 8 11.17 17.54 -2.12
C LYS A 8 9.72 17.63 -2.57
N HIS A 9 9.45 17.15 -3.77
CA HIS A 9 8.09 17.17 -4.32
C HIS A 9 7.20 16.17 -3.60
N LYS A 10 6.11 16.66 -3.02
CA LYS A 10 5.18 15.80 -2.31
C LYS A 10 5.09 14.42 -2.95
N LYS A 11 4.99 13.40 -2.11
CA LYS A 11 4.91 12.02 -2.60
C LYS A 11 3.45 11.57 -2.70
N LEU A 12 3.13 10.86 -3.77
CA LEU A 12 1.76 10.37 -3.98
C LEU A 12 1.28 9.58 -2.77
N PHE A 13 2.06 8.60 -2.35
CA PHE A 13 1.71 7.77 -1.21
C PHE A 13 2.37 8.30 0.06
N GLU A 14 2.48 9.62 0.16
CA GLU A 14 3.09 10.24 1.33
C GLU A 14 2.32 9.91 2.59
N GLY A 15 2.97 9.14 3.48
CA GLY A 15 2.32 8.75 4.73
C GLY A 15 1.38 7.58 4.55
N LEU A 16 0.60 7.61 3.48
CA LEU A 16 -0.35 6.54 3.20
C LEU A 16 0.29 5.17 3.42
N LYS A 17 -0.35 4.37 4.27
CA LYS A 17 0.14 3.03 4.57
C LYS A 17 -0.55 1.98 3.69
N PHE A 18 0.19 0.93 3.36
CA PHE A 18 -0.35 -0.15 2.53
C PHE A 18 0.07 -1.51 3.06
N PHE A 19 -0.71 -2.53 2.74
CA PHE A 19 -0.41 -3.89 3.19
C PHE A 19 -0.69 -4.90 2.08
N LEU A 20 0.36 -5.58 1.62
CA LEU A 20 0.23 -6.57 0.57
C LEU A 20 0.08 -7.97 1.15
N ASN A 21 -0.59 -8.84 0.39
CA ASN A 21 -0.82 -10.21 0.83
C ASN A 21 -0.08 -11.21 -0.06
N ARG A 22 0.36 -12.31 0.53
CA ARG A 22 1.08 -13.34 -0.22
C ARG A 22 0.37 -13.66 -1.53
N GLU A 23 -0.94 -13.47 -1.55
CA GLU A 23 -1.74 -13.73 -2.74
C GLU A 23 -1.33 -12.80 -3.89
N VAL A 24 -1.25 -11.52 -3.59
CA VAL A 24 -0.88 -10.52 -4.59
C VAL A 24 0.64 -10.37 -4.68
N PRO A 25 1.13 -10.01 -5.88
CA PRO A 25 2.56 -9.82 -6.11
C PRO A 25 3.12 -8.60 -5.39
N ARG A 26 4.03 -8.83 -4.45
CA ARG A 26 4.64 -7.74 -3.70
C ARG A 26 5.87 -7.19 -4.42
N GLU A 27 6.53 -8.06 -5.18
CA GLU A 27 7.72 -7.65 -5.92
C GLU A 27 7.45 -6.40 -6.75
N ALA A 28 6.36 -6.42 -7.50
CA ALA A 28 5.99 -5.29 -8.34
C ALA A 28 5.42 -4.14 -7.50
N LEU A 29 4.37 -4.43 -6.74
CA LEU A 29 3.73 -3.43 -5.88
C LEU A 29 4.76 -2.77 -4.98
N ALA A 30 5.34 -3.56 -4.07
CA ALA A 30 6.34 -3.06 -3.14
C ALA A 30 7.21 -1.99 -3.80
N PHE A 31 7.94 -2.39 -4.84
CA PHE A 31 8.82 -1.47 -5.55
C PHE A 31 8.08 -0.17 -5.89
N ILE A 32 6.91 -0.31 -6.48
CA ILE A 32 6.10 0.85 -6.85
C ILE A 32 5.83 1.75 -5.64
N ILE A 33 4.98 1.28 -4.74
CA ILE A 33 4.65 2.04 -3.54
C ILE A 33 5.87 2.78 -2.99
N ARG A 34 6.95 2.05 -2.82
CA ARG A 34 8.19 2.62 -2.31
C ARG A 34 8.76 3.65 -3.29
N SER A 35 8.64 3.35 -4.57
CA SER A 35 9.15 4.24 -5.61
C SER A 35 8.46 5.60 -5.55
N PHE A 36 7.14 5.58 -5.36
CA PHE A 36 6.35 6.80 -5.28
C PHE A 36 6.30 7.32 -3.84
N GLY A 37 7.27 6.92 -3.04
CA GLY A 37 7.32 7.36 -1.65
C GLY A 37 6.10 6.91 -0.86
N GLY A 38 5.86 5.61 -0.84
CA GLY A 38 4.72 5.08 -0.11
C GLY A 38 5.11 4.06 0.94
N GLU A 39 4.20 3.77 1.85
CA GLU A 39 4.46 2.82 2.91
C GLU A 39 3.77 1.48 2.63
N VAL A 40 4.53 0.39 2.73
CA VAL A 40 3.99 -0.94 2.48
C VAL A 40 4.57 -1.96 3.46
N SER A 41 3.73 -2.90 3.89
CA SER A 41 4.16 -3.93 4.83
C SER A 41 3.56 -5.28 4.47
N TRP A 42 4.14 -6.35 5.00
CA TRP A 42 3.66 -7.70 4.74
C TRP A 42 3.68 -8.54 6.01
N ASP A 43 2.81 -9.55 6.05
CA ASP A 43 2.74 -10.43 7.21
C ASP A 43 4.14 -10.85 7.67
N LYS A 44 4.59 -10.26 8.77
CA LYS A 44 5.91 -10.58 9.31
C LYS A 44 6.24 -12.05 9.12
N SER A 45 5.24 -12.91 9.24
CA SER A 45 5.41 -14.34 9.08
C SER A 45 5.85 -14.68 7.65
N LEU A 46 5.15 -14.12 6.68
CA LEU A 46 5.46 -14.37 5.28
C LEU A 46 6.91 -14.01 4.97
N CYS A 47 7.39 -12.91 5.57
CA CYS A 47 8.76 -12.47 5.37
C CYS A 47 9.10 -11.32 6.31
N ILE A 48 10.35 -11.25 6.74
CA ILE A 48 10.81 -10.21 7.64
C ILE A 48 10.76 -8.84 6.96
N GLY A 49 11.04 -7.79 7.73
CA GLY A 49 11.03 -6.46 7.19
C GLY A 49 9.79 -5.67 7.59
N ALA A 50 8.65 -6.35 7.62
CA ALA A 50 7.40 -5.71 7.99
C ALA A 50 7.53 -4.95 9.29
N THR A 51 6.91 -3.78 9.36
CA THR A 51 6.96 -2.94 10.55
C THR A 51 5.68 -3.07 11.37
N TYR A 52 4.54 -2.90 10.71
CA TYR A 52 3.25 -2.99 11.37
C TYR A 52 2.47 -4.21 10.89
N ASP A 53 1.65 -4.76 11.77
CA ASP A 53 0.85 -5.93 11.43
C ASP A 53 -0.41 -5.53 10.67
N VAL A 54 -1.09 -6.52 10.09
CA VAL A 54 -2.30 -6.26 9.32
C VAL A 54 -3.45 -5.85 10.24
N THR A 55 -3.34 -6.21 11.52
CA THR A 55 -4.37 -5.87 12.49
C THR A 55 -4.16 -4.46 13.05
N ASP A 56 -3.30 -3.70 12.38
CA ASP A 56 -3.01 -2.34 12.81
C ASP A 56 -4.08 -1.37 12.29
N SER A 57 -4.89 -0.85 13.21
CA SER A 57 -5.95 0.09 12.85
C SER A 57 -5.39 1.28 12.07
N ARG A 58 -4.10 1.55 12.27
CA ARG A 58 -3.45 2.66 11.59
C ARG A 58 -3.49 2.47 10.07
N ILE A 59 -3.36 1.24 9.64
CA ILE A 59 -3.39 0.93 8.20
C ILE A 59 -4.46 1.74 7.49
N THR A 60 -4.07 2.38 6.39
CA THR A 60 -5.00 3.20 5.61
C THR A 60 -5.56 2.42 4.43
N HIS A 61 -4.81 1.41 3.98
CA HIS A 61 -5.23 0.59 2.85
C HIS A 61 -4.59 -0.80 2.92
N GLN A 62 -5.29 -1.79 2.41
CA GLN A 62 -4.81 -3.17 2.42
C GLN A 62 -5.01 -3.83 1.06
N ILE A 63 -3.91 -4.09 0.36
CA ILE A 63 -3.96 -4.72 -0.95
C ILE A 63 -4.15 -6.23 -0.83
N VAL A 64 -5.29 -6.72 -1.30
CA VAL A 64 -5.60 -8.14 -1.25
C VAL A 64 -6.10 -8.64 -2.60
N ASP A 65 -6.20 -9.96 -2.74
CA ASP A 65 -6.67 -10.57 -3.97
C ASP A 65 -8.19 -10.56 -4.03
N ARG A 66 -8.84 -10.73 -2.88
CA ARG A 66 -10.29 -10.75 -2.80
C ARG A 66 -10.78 -9.84 -1.68
N PRO A 67 -10.84 -8.52 -1.96
CA PRO A 67 -11.30 -7.52 -1.00
C PRO A 67 -12.79 -7.63 -0.71
N GLY A 68 -13.51 -8.29 -1.61
CA GLY A 68 -14.95 -8.46 -1.43
C GLY A 68 -15.29 -9.46 -0.36
N GLN A 69 -14.44 -10.47 -0.20
CA GLN A 69 -14.67 -11.51 0.79
C GLN A 69 -14.31 -11.00 2.19
N GLN A 70 -13.13 -10.40 2.32
CA GLN A 70 -12.68 -9.87 3.60
C GLN A 70 -13.72 -8.94 4.20
N THR A 71 -13.42 -8.42 5.39
CA THR A 71 -14.33 -7.50 6.07
C THR A 71 -13.65 -6.18 6.37
N SER A 72 -14.23 -5.10 5.86
CA SER A 72 -13.67 -3.76 6.07
C SER A 72 -13.54 -3.45 7.56
N VAL A 73 -12.66 -2.52 7.89
CA VAL A 73 -12.44 -2.13 9.27
C VAL A 73 -12.62 -0.63 9.46
N ILE A 74 -13.24 -0.24 10.57
CA ILE A 74 -13.46 1.17 10.87
C ILE A 74 -12.28 2.02 10.43
N GLY A 75 -12.48 2.84 9.41
CA GLY A 75 -11.42 3.70 8.91
C GLY A 75 -10.63 3.05 7.80
N ARG A 76 -10.20 1.81 8.01
CA ARG A 76 -9.42 1.08 7.02
C ARG A 76 -10.34 0.41 6.00
N CYS A 77 -9.88 0.33 4.75
CA CYS A 77 -10.65 -0.29 3.69
C CYS A 77 -9.79 -1.22 2.85
N TYR A 78 -10.39 -2.29 2.35
CA TYR A 78 -9.67 -3.27 1.54
C TYR A 78 -9.81 -2.95 0.05
N VAL A 79 -8.70 -2.97 -0.67
CA VAL A 79 -8.70 -2.69 -2.10
C VAL A 79 -7.79 -3.65 -2.85
N GLN A 80 -8.04 -3.80 -4.14
CA GLN A 80 -7.23 -4.70 -4.98
C GLN A 80 -5.91 -4.04 -5.36
N PRO A 81 -4.93 -4.86 -5.77
CA PRO A 81 -3.61 -4.39 -6.17
C PRO A 81 -3.64 -3.60 -7.48
N GLN A 82 -4.80 -3.58 -8.12
CA GLN A 82 -4.97 -2.87 -9.38
C GLN A 82 -5.18 -1.38 -9.14
N TRP A 83 -5.66 -1.04 -7.95
CA TRP A 83 -5.90 0.36 -7.59
C TRP A 83 -4.60 1.16 -7.58
N VAL A 84 -3.50 0.47 -7.30
CA VAL A 84 -2.19 1.11 -7.25
C VAL A 84 -1.67 1.42 -8.65
N PHE A 85 -1.32 0.37 -9.39
CA PHE A 85 -0.81 0.52 -10.74
C PHE A 85 -1.62 1.56 -11.52
N ASP A 86 -2.93 1.59 -11.27
CA ASP A 86 -3.81 2.54 -11.93
C ASP A 86 -3.60 3.95 -11.39
N SER A 87 -3.49 4.07 -10.08
CA SER A 87 -3.30 5.36 -9.44
C SER A 87 -1.97 5.98 -9.86
N VAL A 88 -0.89 5.22 -9.66
CA VAL A 88 0.45 5.68 -10.02
C VAL A 88 0.53 6.07 -11.49
N ASN A 89 -0.23 5.35 -12.32
CA ASN A 89 -0.25 5.62 -13.75
C ASN A 89 -1.15 6.82 -14.07
N ALA A 90 -2.16 7.02 -13.24
CA ALA A 90 -3.09 8.13 -13.43
C ALA A 90 -2.68 9.34 -12.60
N ARG A 91 -1.49 9.27 -12.01
CA ARG A 91 -0.98 10.36 -11.20
C ARG A 91 -2.08 10.96 -10.34
N LEU A 92 -3.02 10.12 -9.92
CA LEU A 92 -4.14 10.55 -9.09
C LEU A 92 -4.66 9.41 -8.22
N LEU A 93 -4.94 9.72 -6.96
CA LEU A 93 -5.45 8.72 -6.03
C LEU A 93 -6.90 8.38 -6.33
N LEU A 94 -7.12 7.45 -7.25
CA LEU A 94 -8.47 7.04 -7.63
C LEU A 94 -9.28 6.67 -6.40
N PRO A 95 -10.62 6.80 -6.51
CA PRO A 95 -11.54 6.48 -5.42
C PRO A 95 -11.60 4.98 -5.14
N VAL A 96 -11.03 4.56 -4.01
CA VAL A 96 -11.03 3.16 -3.63
C VAL A 96 -12.44 2.60 -3.59
N ALA A 97 -13.42 3.49 -3.55
CA ALA A 97 -14.83 3.08 -3.52
C ALA A 97 -15.20 2.30 -4.77
N GLU A 98 -14.39 2.45 -5.82
CA GLU A 98 -14.64 1.76 -7.08
C GLU A 98 -13.94 0.40 -7.11
N TYR A 99 -12.88 0.29 -6.31
CA TYR A 99 -12.11 -0.96 -6.25
C TYR A 99 -12.41 -1.72 -4.96
N PHE A 100 -13.68 -1.69 -4.55
CA PHE A 100 -14.09 -2.38 -3.33
C PHE A 100 -14.98 -3.58 -3.66
N GLY A 1 31.65 10.21 -0.36
CA GLY A 1 30.73 10.85 0.55
C GLY A 1 29.41 10.11 0.68
N SER A 2 28.64 10.46 1.70
CA SER A 2 27.36 9.82 1.94
C SER A 2 26.25 10.49 1.13
N SER A 3 25.20 9.74 0.83
CA SER A 3 24.08 10.26 0.05
C SER A 3 22.90 10.57 0.96
N GLY A 4 22.11 11.58 0.58
CA GLY A 4 20.96 11.97 1.37
C GLY A 4 20.19 13.11 0.75
N SER A 5 19.02 12.80 0.21
CA SER A 5 18.18 13.82 -0.43
C SER A 5 17.55 14.73 0.62
N SER A 6 18.31 15.75 1.03
CA SER A 6 17.83 16.70 2.03
C SER A 6 16.74 17.60 1.45
N GLY A 7 15.49 17.23 1.67
CA GLY A 7 14.38 18.02 1.17
C GLY A 7 13.09 17.23 1.11
N LYS A 8 11.97 17.91 1.31
CA LYS A 8 10.66 17.27 1.28
C LYS A 8 9.90 17.66 0.02
N HIS A 9 9.18 16.70 -0.56
CA HIS A 9 8.40 16.95 -1.76
C HIS A 9 7.00 16.34 -1.64
N LYS A 10 6.14 16.67 -2.59
CA LYS A 10 4.77 16.16 -2.59
C LYS A 10 4.72 14.73 -3.11
N LYS A 11 4.68 13.77 -2.20
CA LYS A 11 4.62 12.36 -2.57
C LYS A 11 3.18 11.88 -2.70
N LEU A 12 2.89 11.17 -3.77
CA LEU A 12 1.55 10.65 -4.02
C LEU A 12 1.09 9.77 -2.86
N PHE A 13 1.91 8.78 -2.51
CA PHE A 13 1.59 7.87 -1.41
C PHE A 13 2.17 8.37 -0.11
N GLU A 14 2.12 9.69 0.09
CA GLU A 14 2.64 10.29 1.31
C GLU A 14 1.74 9.99 2.50
N GLY A 15 2.35 9.73 3.66
CA GLY A 15 1.59 9.43 4.85
C GLY A 15 0.48 8.43 4.59
N LEU A 16 0.79 7.39 3.83
CA LEU A 16 -0.19 6.36 3.51
C LEU A 16 0.39 4.96 3.73
N LYS A 17 -0.32 4.15 4.51
CA LYS A 17 0.13 2.80 4.80
C LYS A 17 -0.60 1.79 3.91
N PHE A 18 0.13 0.77 3.46
CA PHE A 18 -0.44 -0.27 2.61
C PHE A 18 -0.04 -1.65 3.10
N PHE A 19 -0.85 -2.65 2.74
CA PHE A 19 -0.59 -4.03 3.15
C PHE A 19 -0.87 -4.99 2.00
N LEU A 20 0.18 -5.66 1.53
CA LEU A 20 0.06 -6.61 0.43
C LEU A 20 -0.12 -8.03 0.96
N ASN A 21 -0.80 -8.86 0.18
CA ASN A 21 -1.05 -10.24 0.56
C ASN A 21 -0.13 -11.20 -0.21
N ARG A 22 -0.22 -12.48 0.11
CA ARG A 22 0.59 -13.49 -0.55
C ARG A 22 0.04 -13.81 -1.94
N GLU A 23 -1.26 -13.63 -2.11
CA GLU A 23 -1.91 -13.90 -3.38
C GLU A 23 -1.54 -12.85 -4.42
N VAL A 24 -1.21 -11.66 -3.95
CA VAL A 24 -0.83 -10.56 -4.82
C VAL A 24 0.69 -10.37 -4.86
N PRO A 25 1.20 -9.93 -6.02
CA PRO A 25 2.64 -9.69 -6.19
C PRO A 25 3.14 -8.50 -5.39
N ARG A 26 4.12 -8.75 -4.53
CA ARG A 26 4.70 -7.69 -3.70
C ARG A 26 5.94 -7.11 -4.35
N GLU A 27 6.66 -7.93 -5.11
CA GLU A 27 7.87 -7.49 -5.79
C GLU A 27 7.61 -6.23 -6.60
N ALA A 28 6.45 -6.16 -7.22
CA ALA A 28 6.08 -5.01 -8.03
C ALA A 28 5.45 -3.91 -7.17
N LEU A 29 4.34 -4.24 -6.53
CA LEU A 29 3.64 -3.28 -5.68
C LEU A 29 4.59 -2.67 -4.65
N ALA A 30 5.24 -3.52 -3.88
CA ALA A 30 6.19 -3.07 -2.86
C ALA A 30 7.12 -1.99 -3.42
N PHE A 31 7.84 -2.33 -4.47
CA PHE A 31 8.77 -1.39 -5.09
C PHE A 31 8.04 -0.12 -5.52
N ILE A 32 6.90 -0.29 -6.17
CA ILE A 32 6.12 0.85 -6.64
C ILE A 32 5.77 1.79 -5.48
N ILE A 33 4.94 1.31 -4.58
CA ILE A 33 4.54 2.11 -3.42
C ILE A 33 5.74 2.79 -2.78
N ARG A 34 6.85 2.08 -2.73
CA ARG A 34 8.08 2.62 -2.14
C ARG A 34 8.77 3.57 -3.11
N SER A 35 8.55 3.37 -4.40
CA SER A 35 9.16 4.20 -5.44
C SER A 35 8.36 5.48 -5.63
N PHE A 36 7.09 5.45 -5.24
CA PHE A 36 6.21 6.61 -5.37
C PHE A 36 6.06 7.33 -4.04
N GLY A 37 6.94 7.03 -3.10
CA GLY A 37 6.89 7.65 -1.79
C GLY A 37 5.73 7.15 -0.96
N GLY A 38 5.84 5.92 -0.47
CA GLY A 38 4.79 5.35 0.35
C GLY A 38 5.28 4.22 1.24
N GLU A 39 4.45 3.79 2.17
CA GLU A 39 4.80 2.72 3.09
C GLU A 39 4.08 1.42 2.72
N VAL A 40 4.76 0.30 2.88
CA VAL A 40 4.19 -1.00 2.58
C VAL A 40 4.91 -2.12 3.33
N SER A 41 4.14 -2.96 4.02
CA SER A 41 4.71 -4.06 4.78
C SER A 41 3.94 -5.35 4.51
N TRP A 42 4.62 -6.48 4.69
CA TRP A 42 4.00 -7.78 4.47
C TRP A 42 4.07 -8.64 5.73
N ASP A 43 3.56 -9.86 5.64
CA ASP A 43 3.57 -10.78 6.77
C ASP A 43 4.96 -11.32 7.02
N LYS A 44 5.56 -10.93 8.15
CA LYS A 44 6.90 -11.36 8.51
C LYS A 44 7.14 -12.80 8.06
N SER A 45 6.22 -13.69 8.43
CA SER A 45 6.33 -15.09 8.07
C SER A 45 6.40 -15.27 6.55
N LEU A 46 5.48 -14.61 5.84
CA LEU A 46 5.45 -14.69 4.38
C LEU A 46 6.82 -14.38 3.79
N CYS A 47 7.39 -13.26 4.21
CA CYS A 47 8.71 -12.84 3.72
C CYS A 47 9.34 -11.82 4.66
N ILE A 48 10.66 -11.91 4.81
CA ILE A 48 11.39 -11.01 5.68
C ILE A 48 11.35 -9.58 5.14
N GLY A 49 11.61 -8.61 6.02
CA GLY A 49 11.60 -7.22 5.61
C GLY A 49 10.28 -6.53 5.92
N ALA A 50 9.67 -6.90 7.03
CA ALA A 50 8.40 -6.31 7.44
C ALA A 50 8.53 -5.55 8.75
N THR A 51 7.76 -4.48 8.90
CA THR A 51 7.79 -3.67 10.11
C THR A 51 6.57 -3.93 10.97
N TYR A 52 5.41 -3.45 10.51
CA TYR A 52 4.17 -3.63 11.24
C TYR A 52 3.39 -4.84 10.72
N ASP A 53 2.68 -5.51 11.63
CA ASP A 53 1.89 -6.69 11.26
C ASP A 53 0.50 -6.28 10.78
N VAL A 54 -0.24 -7.25 10.25
CA VAL A 54 -1.58 -6.99 9.75
C VAL A 54 -2.51 -6.60 10.89
N THR A 55 -2.11 -6.89 12.11
CA THR A 55 -2.90 -6.57 13.29
C THR A 55 -2.64 -5.14 13.76
N ASP A 56 -2.16 -4.30 12.84
CA ASP A 56 -1.87 -2.91 13.16
C ASP A 56 -2.93 -1.98 12.59
N SER A 57 -3.81 -1.50 13.45
CA SER A 57 -4.88 -0.61 13.03
C SER A 57 -4.34 0.55 12.19
N ARG A 58 -3.15 1.03 12.56
CA ARG A 58 -2.51 2.13 11.85
C ARG A 58 -2.70 1.97 10.34
N ILE A 59 -2.58 0.74 9.86
CA ILE A 59 -2.73 0.45 8.43
C ILE A 59 -3.95 1.16 7.86
N THR A 60 -3.70 2.06 6.91
CA THR A 60 -4.78 2.81 6.27
C THR A 60 -5.44 1.99 5.17
N HIS A 61 -4.63 1.35 4.35
CA HIS A 61 -5.14 0.53 3.25
C HIS A 61 -4.57 -0.89 3.32
N GLN A 62 -5.41 -1.88 3.06
CA GLN A 62 -4.99 -3.27 3.08
C GLN A 62 -5.24 -3.95 1.75
N ILE A 63 -4.20 -4.05 0.93
CA ILE A 63 -4.32 -4.67 -0.39
C ILE A 63 -4.61 -6.16 -0.26
N VAL A 64 -5.65 -6.61 -0.98
CA VAL A 64 -6.05 -8.02 -0.94
C VAL A 64 -6.71 -8.42 -2.25
N ASP A 65 -6.51 -9.68 -2.65
CA ASP A 65 -7.10 -10.20 -3.88
C ASP A 65 -8.61 -10.31 -3.75
N ARG A 66 -9.08 -10.64 -2.54
CA ARG A 66 -10.51 -10.78 -2.29
C ARG A 66 -10.91 -10.04 -1.02
N PRO A 67 -11.27 -8.76 -1.17
CA PRO A 67 -11.69 -7.91 -0.04
C PRO A 67 -13.04 -8.34 0.53
N GLY A 68 -13.87 -8.95 -0.30
CA GLY A 68 -15.18 -9.39 0.14
C GLY A 68 -15.11 -10.60 1.05
N GLN A 69 -14.53 -11.69 0.53
CA GLN A 69 -14.40 -12.92 1.30
C GLN A 69 -13.96 -12.63 2.73
N GLN A 70 -13.08 -11.64 2.87
CA GLN A 70 -12.57 -11.26 4.19
C GLN A 70 -13.22 -9.97 4.67
N THR A 71 -13.99 -10.07 5.75
CA THR A 71 -14.67 -8.91 6.31
C THR A 71 -13.70 -7.76 6.54
N SER A 72 -14.23 -6.53 6.51
CA SER A 72 -13.41 -5.34 6.71
C SER A 72 -13.37 -4.95 8.17
N VAL A 73 -12.54 -3.97 8.50
CA VAL A 73 -12.41 -3.49 9.87
C VAL A 73 -12.59 -1.98 9.94
N ILE A 74 -13.43 -1.53 10.87
CA ILE A 74 -13.68 -0.10 11.05
C ILE A 74 -12.40 0.70 10.96
N GLY A 75 -12.37 1.70 10.08
CA GLY A 75 -11.20 2.53 9.92
C GLY A 75 -10.29 2.05 8.81
N ARG A 76 -10.25 0.74 8.61
CA ARG A 76 -9.42 0.15 7.56
C ARG A 76 -10.22 -0.05 6.28
N CYS A 77 -9.55 0.10 5.14
CA CYS A 77 -10.20 -0.07 3.85
C CYS A 77 -9.40 -1.02 2.96
N TYR A 78 -10.08 -2.03 2.43
CA TYR A 78 -9.42 -3.01 1.56
C TYR A 78 -9.63 -2.66 0.08
N VAL A 79 -8.56 -2.71 -0.68
CA VAL A 79 -8.62 -2.41 -2.11
C VAL A 79 -7.69 -3.31 -2.91
N GLN A 80 -8.14 -3.71 -4.10
CA GLN A 80 -7.35 -4.58 -4.97
C GLN A 80 -6.00 -3.95 -5.28
N PRO A 81 -5.03 -4.79 -5.66
CA PRO A 81 -3.67 -4.35 -5.99
C PRO A 81 -3.63 -3.54 -7.29
N GLN A 82 -4.76 -3.50 -7.99
CA GLN A 82 -4.85 -2.77 -9.25
C GLN A 82 -5.01 -1.28 -9.00
N TRP A 83 -5.71 -0.94 -7.92
CA TRP A 83 -5.94 0.47 -7.58
C TRP A 83 -4.64 1.26 -7.63
N VAL A 84 -3.54 0.59 -7.33
CA VAL A 84 -2.23 1.24 -7.33
C VAL A 84 -1.68 1.35 -8.76
N PHE A 85 -1.60 0.20 -9.44
CA PHE A 85 -1.09 0.18 -10.81
C PHE A 85 -1.86 1.16 -11.69
N ASP A 86 -3.07 1.51 -11.27
CA ASP A 86 -3.90 2.44 -12.02
C ASP A 86 -3.56 3.88 -11.66
N SER A 87 -3.35 4.14 -10.38
CA SER A 87 -3.02 5.48 -9.91
C SER A 87 -1.66 5.92 -10.43
N VAL A 88 -0.65 5.08 -10.21
CA VAL A 88 0.71 5.38 -10.66
C VAL A 88 0.72 5.80 -12.12
N ASN A 89 -0.12 5.16 -12.93
CA ASN A 89 -0.20 5.48 -14.35
C ASN A 89 -1.02 6.75 -14.58
N ALA A 90 -2.14 6.86 -13.88
CA ALA A 90 -3.00 8.02 -14.01
C ALA A 90 -2.51 9.16 -13.13
N ARG A 91 -1.34 8.99 -12.54
CA ARG A 91 -0.75 10.01 -11.68
C ARG A 91 -1.83 10.72 -10.87
N LEU A 92 -2.74 9.94 -10.30
CA LEU A 92 -3.83 10.49 -9.50
C LEU A 92 -4.37 9.45 -8.51
N LEU A 93 -4.82 9.93 -7.36
CA LEU A 93 -5.36 9.05 -6.32
C LEU A 93 -6.79 8.64 -6.65
N LEU A 94 -6.93 7.60 -7.47
CA LEU A 94 -8.25 7.11 -7.86
C LEU A 94 -9.08 6.76 -6.62
N PRO A 95 -10.41 6.82 -6.78
CA PRO A 95 -11.35 6.51 -5.69
C PRO A 95 -11.35 5.03 -5.33
N VAL A 96 -10.90 4.71 -4.12
CA VAL A 96 -10.85 3.33 -3.66
C VAL A 96 -12.24 2.71 -3.63
N ALA A 97 -13.26 3.57 -3.60
CA ALA A 97 -14.64 3.10 -3.57
C ALA A 97 -14.94 2.18 -4.76
N GLU A 98 -14.40 2.54 -5.92
CA GLU A 98 -14.60 1.76 -7.13
C GLU A 98 -13.83 0.44 -7.07
N TYR A 99 -12.97 0.32 -6.06
CA TYR A 99 -12.16 -0.88 -5.88
C TYR A 99 -12.43 -1.52 -4.53
N PHE A 100 -13.68 -1.49 -4.09
CA PHE A 100 -14.06 -2.06 -2.81
C PHE A 100 -15.10 -3.15 -2.99
N GLY A 1 29.91 11.20 4.13
CA GLY A 1 28.96 11.69 3.14
C GLY A 1 27.81 10.73 2.92
N SER A 2 26.60 11.25 2.83
CA SER A 2 25.42 10.43 2.62
C SER A 2 24.57 10.97 1.48
N SER A 3 24.15 12.23 1.59
CA SER A 3 23.34 12.86 0.56
C SER A 3 23.22 14.37 0.82
N GLY A 4 22.90 15.11 -0.23
CA GLY A 4 22.77 16.55 -0.11
C GLY A 4 21.69 17.11 -1.02
N SER A 5 20.49 17.28 -0.49
CA SER A 5 19.38 17.81 -1.26
C SER A 5 18.52 18.75 -0.42
N SER A 6 18.06 19.84 -1.04
CA SER A 6 17.25 20.82 -0.35
C SER A 6 15.97 21.12 -1.13
N GLY A 7 14.83 20.75 -0.56
CA GLY A 7 13.56 20.99 -1.22
C GLY A 7 12.50 19.97 -0.81
N LYS A 8 11.27 20.45 -0.67
CA LYS A 8 10.15 19.58 -0.29
C LYS A 8 9.58 18.86 -1.50
N HIS A 9 9.78 17.54 -1.55
CA HIS A 9 9.28 16.74 -2.66
C HIS A 9 8.01 16.01 -2.27
N LYS A 10 6.91 16.29 -2.98
CA LYS A 10 5.63 15.66 -2.69
C LYS A 10 5.66 14.18 -3.07
N LYS A 11 4.97 13.36 -2.28
CA LYS A 11 4.92 11.93 -2.53
C LYS A 11 3.48 11.46 -2.72
N LEU A 12 3.18 10.92 -3.89
CA LEU A 12 1.84 10.44 -4.19
C LEU A 12 1.27 9.64 -3.02
N PHE A 13 2.05 8.67 -2.55
CA PHE A 13 1.63 7.83 -1.42
C PHE A 13 2.12 8.41 -0.11
N GLU A 14 2.00 9.72 0.04
CA GLU A 14 2.43 10.40 1.26
C GLU A 14 1.45 10.15 2.40
N GLY A 15 1.98 9.80 3.57
CA GLY A 15 1.14 9.54 4.73
C GLY A 15 0.06 8.52 4.43
N LEU A 16 0.46 7.35 3.95
CA LEU A 16 -0.48 6.29 3.62
C LEU A 16 0.14 4.92 3.87
N LYS A 17 -0.47 4.17 4.79
CA LYS A 17 0.02 2.83 5.11
C LYS A 17 -0.70 1.77 4.28
N PHE A 18 0.08 0.93 3.60
CA PHE A 18 -0.48 -0.14 2.78
C PHE A 18 0.00 -1.50 3.24
N PHE A 19 -0.74 -2.54 2.86
CA PHE A 19 -0.39 -3.90 3.24
C PHE A 19 -0.64 -4.87 2.08
N LEU A 20 0.44 -5.50 1.61
CA LEU A 20 0.34 -6.45 0.51
C LEU A 20 0.19 -7.87 1.04
N ASN A 21 -0.62 -8.67 0.33
CA ASN A 21 -0.84 -10.06 0.73
C ASN A 21 -0.02 -11.01 -0.13
N ARG A 22 0.21 -12.21 0.39
CA ARG A 22 0.99 -13.21 -0.34
C ARG A 22 0.36 -13.53 -1.67
N GLU A 23 -0.97 -13.40 -1.74
CA GLU A 23 -1.71 -13.68 -2.97
C GLU A 23 -1.35 -12.68 -4.07
N VAL A 24 -1.37 -11.40 -3.71
CA VAL A 24 -1.05 -10.34 -4.65
C VAL A 24 0.46 -10.17 -4.80
N PRO A 25 0.89 -9.73 -6.00
CA PRO A 25 2.31 -9.52 -6.30
C PRO A 25 2.90 -8.34 -5.52
N ARG A 26 3.78 -8.63 -4.57
CA ARG A 26 4.41 -7.60 -3.76
C ARG A 26 5.66 -7.07 -4.45
N GLU A 27 6.41 -7.97 -5.08
CA GLU A 27 7.64 -7.59 -5.77
C GLU A 27 7.42 -6.33 -6.61
N ALA A 28 6.27 -6.26 -7.27
CA ALA A 28 5.94 -5.11 -8.11
C ALA A 28 5.38 -3.96 -7.27
N LEU A 29 4.29 -4.24 -6.57
CA LEU A 29 3.65 -3.23 -5.72
C LEU A 29 4.65 -2.63 -4.74
N ALA A 30 5.20 -3.47 -3.88
CA ALA A 30 6.18 -3.03 -2.90
C ALA A 30 7.13 -1.99 -3.49
N PHE A 31 7.79 -2.36 -4.59
CA PHE A 31 8.72 -1.47 -5.26
C PHE A 31 8.03 -0.17 -5.68
N ILE A 32 6.85 -0.31 -6.26
CA ILE A 32 6.08 0.84 -6.72
C ILE A 32 5.77 1.79 -5.56
N ILE A 33 5.03 1.29 -4.58
CA ILE A 33 4.66 2.10 -3.43
C ILE A 33 5.91 2.73 -2.79
N ARG A 34 6.87 1.89 -2.42
CA ARG A 34 8.09 2.37 -1.81
C ARG A 34 8.79 3.40 -2.70
N SER A 35 8.79 3.14 -4.00
CA SER A 35 9.42 4.04 -4.96
C SER A 35 8.71 5.40 -4.98
N PHE A 36 7.38 5.36 -4.99
CA PHE A 36 6.58 6.58 -5.02
C PHE A 36 6.62 7.28 -3.66
N GLY A 37 7.18 6.60 -2.66
CA GLY A 37 7.27 7.17 -1.33
C GLY A 37 6.07 6.82 -0.48
N GLY A 38 5.78 5.54 -0.35
CA GLY A 38 4.65 5.10 0.45
C GLY A 38 5.03 4.02 1.46
N GLU A 39 4.18 3.83 2.46
CA GLU A 39 4.44 2.84 3.49
C GLU A 39 3.80 1.50 3.13
N VAL A 40 4.59 0.44 3.19
CA VAL A 40 4.11 -0.90 2.86
C VAL A 40 4.82 -1.97 3.70
N SER A 41 4.08 -3.00 4.09
CA SER A 41 4.64 -4.07 4.90
C SER A 41 3.97 -5.41 4.57
N TRP A 42 4.70 -6.49 4.75
CA TRP A 42 4.18 -7.83 4.48
C TRP A 42 4.38 -8.76 5.67
N ASP A 43 3.81 -9.95 5.60
CA ASP A 43 3.92 -10.93 6.67
C ASP A 43 5.39 -11.31 6.90
N LYS A 44 5.94 -10.86 8.02
CA LYS A 44 7.33 -11.16 8.35
C LYS A 44 7.64 -12.64 8.14
N SER A 45 6.65 -13.49 8.39
CA SER A 45 6.82 -14.92 8.22
C SER A 45 6.95 -15.29 6.74
N LEU A 46 5.97 -14.88 5.94
CA LEU A 46 5.97 -15.16 4.51
C LEU A 46 7.25 -14.66 3.86
N CYS A 47 7.67 -13.44 4.23
CA CYS A 47 8.88 -12.86 3.68
C CYS A 47 9.57 -11.97 4.71
N ILE A 48 10.85 -11.71 4.50
CA ILE A 48 11.62 -10.87 5.42
C ILE A 48 11.48 -9.40 5.06
N GLY A 49 11.83 -8.53 6.00
CA GLY A 49 11.74 -7.10 5.77
C GLY A 49 10.36 -6.55 6.06
N ALA A 50 9.77 -6.99 7.17
CA ALA A 50 8.44 -6.53 7.56
C ALA A 50 8.52 -5.58 8.74
N THR A 51 7.42 -4.88 9.00
CA THR A 51 7.35 -3.93 10.11
C THR A 51 6.12 -4.16 10.97
N TYR A 52 4.95 -3.97 10.37
CA TYR A 52 3.69 -4.16 11.08
C TYR A 52 2.92 -5.36 10.53
N ASP A 53 2.22 -6.06 11.41
CA ASP A 53 1.44 -7.23 11.01
C ASP A 53 0.15 -6.81 10.30
N VAL A 54 -0.50 -7.77 9.65
CA VAL A 54 -1.74 -7.51 8.94
C VAL A 54 -2.84 -7.05 9.90
N THR A 55 -2.67 -7.36 11.18
CA THR A 55 -3.64 -6.97 12.19
C THR A 55 -3.27 -5.65 12.84
N ASP A 56 -2.55 -4.82 12.10
CA ASP A 56 -2.12 -3.52 12.61
C ASP A 56 -3.11 -2.43 12.20
N SER A 57 -3.79 -1.85 13.18
CA SER A 57 -4.77 -0.80 12.93
C SER A 57 -4.15 0.33 12.11
N ARG A 58 -2.96 0.75 12.51
CA ARG A 58 -2.26 1.82 11.82
C ARG A 58 -2.49 1.75 10.32
N ILE A 59 -2.43 0.53 9.78
CA ILE A 59 -2.63 0.32 8.35
C ILE A 59 -3.87 1.06 7.86
N THR A 60 -3.71 1.82 6.77
CA THR A 60 -4.81 2.57 6.21
C THR A 60 -5.49 1.79 5.08
N HIS A 61 -4.68 1.17 4.23
CA HIS A 61 -5.19 0.39 3.11
C HIS A 61 -4.58 -1.00 3.09
N GLN A 62 -5.34 -1.98 2.61
CA GLN A 62 -4.87 -3.35 2.53
C GLN A 62 -5.08 -3.92 1.14
N ILE A 63 -3.97 -4.24 0.45
CA ILE A 63 -4.05 -4.80 -0.90
C ILE A 63 -4.28 -6.30 -0.85
N VAL A 64 -5.43 -6.73 -1.38
CA VAL A 64 -5.78 -8.14 -1.40
C VAL A 64 -6.47 -8.52 -2.71
N ASP A 65 -6.43 -9.80 -3.05
CA ASP A 65 -7.06 -10.29 -4.28
C ASP A 65 -8.57 -10.26 -4.15
N ARG A 66 -9.07 -10.59 -2.97
CA ARG A 66 -10.51 -10.60 -2.73
C ARG A 66 -10.87 -9.77 -1.50
N PRO A 67 -10.97 -8.44 -1.70
CA PRO A 67 -11.30 -7.51 -0.61
C PRO A 67 -12.74 -7.66 -0.14
N GLY A 68 -13.59 -8.19 -1.02
CA GLY A 68 -15.00 -8.37 -0.68
C GLY A 68 -15.20 -9.43 0.38
N GLN A 69 -14.55 -10.58 0.20
CA GLN A 69 -14.67 -11.68 1.16
C GLN A 69 -14.13 -11.27 2.52
N GLN A 70 -12.93 -10.71 2.53
CA GLN A 70 -12.29 -10.28 3.77
C GLN A 70 -13.28 -9.52 4.65
N THR A 71 -12.93 -9.36 5.93
CA THR A 71 -13.78 -8.66 6.87
C THR A 71 -13.38 -7.20 7.01
N SER A 72 -14.33 -6.29 6.81
CA SER A 72 -14.07 -4.86 6.91
C SER A 72 -13.73 -4.47 8.34
N VAL A 73 -12.75 -3.57 8.49
CA VAL A 73 -12.33 -3.11 9.80
C VAL A 73 -12.28 -1.58 9.86
N ILE A 74 -13.07 -1.01 10.74
CA ILE A 74 -13.11 0.44 10.91
C ILE A 74 -11.72 1.05 10.80
N GLY A 75 -11.61 2.13 10.04
CA GLY A 75 -10.32 2.79 9.86
C GLY A 75 -9.53 2.22 8.70
N ARG A 76 -9.56 0.90 8.57
CA ARG A 76 -8.83 0.23 7.49
C ARG A 76 -9.75 -0.03 6.29
N CYS A 77 -9.18 0.05 5.09
CA CYS A 77 -9.94 -0.18 3.87
C CYS A 77 -9.19 -1.13 2.94
N TYR A 78 -9.85 -2.21 2.55
CA TYR A 78 -9.26 -3.19 1.66
C TYR A 78 -9.56 -2.87 0.20
N VAL A 79 -8.51 -2.81 -0.62
CA VAL A 79 -8.66 -2.51 -2.04
C VAL A 79 -7.81 -3.45 -2.89
N GLN A 80 -8.27 -3.70 -4.12
CA GLN A 80 -7.55 -4.58 -5.04
C GLN A 80 -6.22 -3.96 -5.44
N PRO A 81 -5.28 -4.81 -5.89
CA PRO A 81 -3.95 -4.37 -6.32
C PRO A 81 -3.99 -3.58 -7.62
N GLN A 82 -5.18 -3.50 -8.22
CA GLN A 82 -5.35 -2.77 -9.47
C GLN A 82 -5.48 -1.27 -9.22
N TRP A 83 -5.72 -0.91 -7.97
CA TRP A 83 -5.87 0.49 -7.59
C TRP A 83 -4.51 1.20 -7.60
N VAL A 84 -3.53 0.59 -6.95
CA VAL A 84 -2.19 1.17 -6.89
C VAL A 84 -1.65 1.44 -8.29
N PHE A 85 -1.87 0.50 -9.19
CA PHE A 85 -1.40 0.62 -10.57
C PHE A 85 -2.10 1.79 -11.27
N ASP A 86 -3.41 1.67 -11.45
CA ASP A 86 -4.18 2.71 -12.10
C ASP A 86 -3.89 4.07 -11.50
N SER A 87 -3.63 4.09 -10.19
CA SER A 87 -3.34 5.34 -9.49
C SER A 87 -1.97 5.89 -9.90
N VAL A 88 -1.09 5.00 -10.34
CA VAL A 88 0.24 5.40 -10.76
C VAL A 88 0.27 5.74 -12.24
N ASN A 89 -0.35 4.90 -13.05
CA ASN A 89 -0.40 5.10 -14.49
C ASN A 89 -1.25 6.33 -14.83
N ALA A 90 -2.27 6.58 -14.02
CA ALA A 90 -3.16 7.71 -14.22
C ALA A 90 -2.62 8.97 -13.54
N ARG A 91 -1.42 8.86 -13.00
CA ARG A 91 -0.79 9.99 -12.31
C ARG A 91 -1.81 10.75 -11.48
N LEU A 92 -2.65 10.02 -10.75
CA LEU A 92 -3.67 10.62 -9.91
C LEU A 92 -4.24 9.62 -8.92
N LEU A 93 -4.56 10.08 -7.72
CA LEU A 93 -5.13 9.22 -6.69
C LEU A 93 -6.58 8.88 -6.98
N LEU A 94 -6.81 7.71 -7.55
CA LEU A 94 -8.17 7.26 -7.87
C LEU A 94 -8.95 6.93 -6.61
N PRO A 95 -10.28 7.04 -6.69
CA PRO A 95 -11.18 6.76 -5.57
C PRO A 95 -11.23 5.27 -5.24
N VAL A 96 -10.83 4.92 -4.02
CA VAL A 96 -10.84 3.53 -3.58
C VAL A 96 -12.27 2.98 -3.50
N ALA A 97 -13.22 3.87 -3.25
CA ALA A 97 -14.62 3.49 -3.14
C ALA A 97 -15.06 2.71 -4.37
N GLU A 98 -14.33 2.88 -5.47
CA GLU A 98 -14.66 2.20 -6.72
C GLU A 98 -14.05 0.80 -6.75
N TYR A 99 -12.89 0.66 -6.11
CA TYR A 99 -12.20 -0.62 -6.06
C TYR A 99 -12.33 -1.26 -4.69
N PHE A 100 -13.54 -1.20 -4.13
CA PHE A 100 -13.81 -1.78 -2.83
C PHE A 100 -14.97 -2.76 -2.89
N GLY A 1 13.51 8.94 4.32
CA GLY A 1 14.49 8.29 3.47
C GLY A 1 15.91 8.69 3.83
N SER A 2 16.43 8.12 4.90
CA SER A 2 17.79 8.42 5.35
C SER A 2 18.71 8.66 4.16
N SER A 3 18.74 7.70 3.25
CA SER A 3 19.59 7.79 2.06
C SER A 3 19.25 9.04 1.26
N GLY A 4 20.29 9.75 0.80
CA GLY A 4 20.07 10.96 0.02
C GLY A 4 19.32 12.02 0.80
N SER A 5 19.71 13.28 0.60
CA SER A 5 19.07 14.40 1.30
C SER A 5 17.83 14.87 0.53
N SER A 6 17.06 15.74 1.17
CA SER A 6 15.84 16.27 0.55
C SER A 6 15.34 17.49 1.31
N GLY A 7 14.53 18.31 0.63
CA GLY A 7 13.99 19.50 1.26
C GLY A 7 12.48 19.55 1.20
N LYS A 8 11.95 20.50 0.41
CA LYS A 8 10.51 20.66 0.26
C LYS A 8 10.01 19.90 -0.96
N HIS A 9 9.79 18.60 -0.80
CA HIS A 9 9.30 17.76 -1.89
C HIS A 9 8.00 17.08 -1.50
N LYS A 10 7.36 16.42 -2.48
CA LYS A 10 6.10 15.74 -2.24
C LYS A 10 6.08 14.39 -2.96
N LYS A 11 5.19 13.51 -2.52
CA LYS A 11 5.06 12.18 -3.13
C LYS A 11 3.60 11.77 -3.25
N LEU A 12 3.28 11.03 -4.30
CA LEU A 12 1.92 10.57 -4.54
C LEU A 12 1.40 9.77 -3.34
N PHE A 13 2.16 8.77 -2.94
CA PHE A 13 1.78 7.92 -1.80
C PHE A 13 2.36 8.47 -0.50
N GLU A 14 2.38 9.79 -0.37
CA GLU A 14 2.92 10.43 0.83
C GLU A 14 1.92 10.35 1.98
N GLY A 15 2.36 9.79 3.10
CA GLY A 15 1.50 9.66 4.26
C GLY A 15 0.39 8.64 4.04
N LEU A 16 0.76 7.46 3.56
CA LEU A 16 -0.21 6.40 3.31
C LEU A 16 0.41 5.03 3.52
N LYS A 17 -0.22 4.23 4.39
CA LYS A 17 0.27 2.90 4.69
C LYS A 17 -0.44 1.85 3.83
N PHE A 18 0.33 0.95 3.24
CA PHE A 18 -0.24 -0.10 2.40
C PHE A 18 0.08 -1.48 2.96
N PHE A 19 -0.78 -2.45 2.66
CA PHE A 19 -0.58 -3.81 3.15
C PHE A 19 -0.73 -4.81 2.00
N LEU A 20 0.34 -5.56 1.74
CA LEU A 20 0.33 -6.55 0.67
C LEU A 20 0.06 -7.96 1.23
N ASN A 21 -0.72 -8.74 0.50
CA ASN A 21 -1.06 -10.09 0.92
C ASN A 21 -0.17 -11.11 0.21
N ARG A 22 -0.45 -12.39 0.44
CA ARG A 22 0.33 -13.47 -0.16
C ARG A 22 -0.16 -13.75 -1.58
N GLU A 23 -1.46 -13.59 -1.80
CA GLU A 23 -2.05 -13.83 -3.12
C GLU A 23 -1.62 -12.75 -4.11
N VAL A 24 -1.50 -11.52 -3.62
CA VAL A 24 -1.09 -10.41 -4.47
C VAL A 24 0.43 -10.29 -4.52
N PRO A 25 0.95 -9.87 -5.70
CA PRO A 25 2.38 -9.71 -5.91
C PRO A 25 2.97 -8.53 -5.13
N ARG A 26 4.01 -8.80 -4.36
CA ARG A 26 4.65 -7.76 -3.56
C ARG A 26 5.87 -7.18 -4.29
N GLU A 27 6.64 -8.06 -4.93
CA GLU A 27 7.82 -7.64 -5.67
C GLU A 27 7.53 -6.41 -6.52
N ALA A 28 6.37 -6.39 -7.16
CA ALA A 28 5.97 -5.28 -8.01
C ALA A 28 5.46 -4.11 -7.17
N LEU A 29 4.31 -4.31 -6.52
CA LEU A 29 3.71 -3.28 -5.68
C LEU A 29 4.77 -2.60 -4.81
N ALA A 30 5.45 -3.40 -3.98
CA ALA A 30 6.49 -2.88 -3.11
C ALA A 30 7.38 -1.89 -3.84
N PHE A 31 7.94 -2.30 -4.97
CA PHE A 31 8.82 -1.44 -5.75
C PHE A 31 8.10 -0.14 -6.12
N ILE A 32 6.83 -0.25 -6.47
CA ILE A 32 6.04 0.92 -6.84
C ILE A 32 5.79 1.82 -5.65
N ILE A 33 4.92 1.38 -4.74
CA ILE A 33 4.60 2.14 -3.55
C ILE A 33 5.83 2.86 -2.99
N ARG A 34 6.97 2.18 -3.08
CA ARG A 34 8.23 2.75 -2.60
C ARG A 34 8.75 3.82 -3.56
N SER A 35 8.77 3.49 -4.84
CA SER A 35 9.25 4.42 -5.86
C SER A 35 8.49 5.74 -5.79
N PHE A 36 7.22 5.67 -5.38
CA PHE A 36 6.39 6.86 -5.28
C PHE A 36 6.33 7.35 -3.84
N GLY A 37 7.37 7.04 -3.07
CA GLY A 37 7.42 7.46 -1.68
C GLY A 37 6.18 7.05 -0.91
N GLY A 38 6.05 5.76 -0.64
CA GLY A 38 4.90 5.26 0.09
C GLY A 38 5.29 4.23 1.14
N GLU A 39 4.32 3.83 1.95
CA GLU A 39 4.55 2.85 3.01
C GLU A 39 3.90 1.52 2.66
N VAL A 40 4.67 0.44 2.74
CA VAL A 40 4.16 -0.89 2.43
C VAL A 40 4.81 -1.94 3.34
N SER A 41 3.99 -2.79 3.93
CA SER A 41 4.47 -3.84 4.82
C SER A 41 3.77 -5.17 4.54
N TRP A 42 4.35 -6.26 5.03
CA TRP A 42 3.78 -7.58 4.83
C TRP A 42 3.95 -8.45 6.09
N ASP A 43 3.12 -9.48 6.20
CA ASP A 43 3.18 -10.38 7.34
C ASP A 43 4.59 -10.95 7.51
N LYS A 44 5.19 -10.71 8.67
CA LYS A 44 6.54 -11.21 8.95
C LYS A 44 6.67 -12.67 8.53
N SER A 45 5.84 -13.53 9.12
CA SER A 45 5.87 -14.95 8.81
C SER A 45 5.96 -15.18 7.30
N LEU A 46 5.09 -14.50 6.56
CA LEU A 46 5.08 -14.63 5.11
C LEU A 46 6.44 -14.31 4.51
N CYS A 47 7.00 -13.18 4.92
CA CYS A 47 8.31 -12.76 4.42
C CYS A 47 9.01 -11.86 5.43
N ILE A 48 10.33 -11.79 5.33
CA ILE A 48 11.12 -10.96 6.24
C ILE A 48 11.20 -9.52 5.74
N GLY A 49 11.48 -8.60 6.66
CA GLY A 49 11.57 -7.19 6.30
C GLY A 49 10.26 -6.47 6.46
N ALA A 50 9.51 -6.83 7.50
CA ALA A 50 8.21 -6.20 7.77
C ALA A 50 8.30 -5.26 8.95
N THR A 51 7.36 -4.31 9.02
CA THR A 51 7.33 -3.34 10.11
C THR A 51 6.13 -3.56 11.01
N TYR A 52 4.94 -3.38 10.45
CA TYR A 52 3.71 -3.55 11.21
C TYR A 52 2.94 -4.80 10.74
N ASP A 53 2.39 -5.53 11.69
CA ASP A 53 1.65 -6.75 11.37
C ASP A 53 0.26 -6.40 10.84
N VAL A 54 -0.45 -7.42 10.35
CA VAL A 54 -1.80 -7.22 9.80
C VAL A 54 -2.75 -6.74 10.88
N THR A 55 -2.33 -6.82 12.14
CA THR A 55 -3.15 -6.40 13.26
C THR A 55 -2.81 -4.97 13.69
N ASP A 56 -2.11 -4.25 12.82
CA ASP A 56 -1.72 -2.87 13.12
C ASP A 56 -2.70 -1.90 12.50
N SER A 57 -3.53 -1.27 13.34
CA SER A 57 -4.52 -0.32 12.88
C SER A 57 -3.87 0.75 11.99
N ARG A 58 -2.63 1.10 12.30
CA ARG A 58 -1.89 2.10 11.54
C ARG A 58 -2.17 1.95 10.05
N ILE A 59 -2.13 0.72 9.56
CA ILE A 59 -2.37 0.44 8.15
C ILE A 59 -3.54 1.28 7.62
N THR A 60 -3.35 1.85 6.42
CA THR A 60 -4.38 2.68 5.81
C THR A 60 -4.95 2.00 4.57
N HIS A 61 -4.17 1.10 3.98
CA HIS A 61 -4.60 0.38 2.78
C HIS A 61 -4.29 -1.10 2.89
N GLN A 62 -5.26 -1.94 2.55
CA GLN A 62 -5.09 -3.38 2.61
C GLN A 62 -5.38 -4.03 1.26
N ILE A 63 -4.32 -4.45 0.57
CA ILE A 63 -4.47 -5.08 -0.73
C ILE A 63 -4.76 -6.57 -0.59
N VAL A 64 -5.82 -7.03 -1.22
CA VAL A 64 -6.21 -8.44 -1.17
C VAL A 64 -6.69 -8.93 -2.53
N ASP A 65 -6.52 -10.22 -2.78
CA ASP A 65 -6.94 -10.83 -4.04
C ASP A 65 -8.46 -10.80 -4.18
N ARG A 66 -9.14 -11.12 -3.09
CA ARG A 66 -10.60 -11.15 -3.09
C ARG A 66 -11.16 -10.40 -1.88
N PRO A 67 -11.39 -9.09 -2.05
CA PRO A 67 -11.93 -8.24 -0.99
C PRO A 67 -13.38 -8.57 -0.66
N GLY A 68 -14.06 -9.22 -1.59
CA GLY A 68 -15.45 -9.59 -1.38
C GLY A 68 -15.63 -10.58 -0.25
N GLN A 69 -14.82 -11.63 -0.25
CA GLN A 69 -14.89 -12.66 0.78
C GLN A 69 -14.17 -12.21 2.04
N GLN A 70 -13.00 -11.60 1.87
CA GLN A 70 -12.20 -11.14 3.00
C GLN A 70 -13.05 -10.26 3.93
N THR A 71 -12.66 -10.22 5.20
CA THR A 71 -13.38 -9.43 6.19
C THR A 71 -12.83 -8.01 6.26
N SER A 72 -13.70 -7.07 6.59
CA SER A 72 -13.31 -5.67 6.69
C SER A 72 -13.28 -5.21 8.15
N VAL A 73 -12.45 -4.21 8.44
CA VAL A 73 -12.33 -3.68 9.79
C VAL A 73 -12.71 -2.20 9.84
N ILE A 74 -13.61 -1.85 10.75
CA ILE A 74 -14.05 -0.47 10.90
C ILE A 74 -12.88 0.50 10.75
N GLY A 75 -12.96 1.35 9.73
CA GLY A 75 -11.90 2.32 9.51
C GLY A 75 -11.00 1.93 8.36
N ARG A 76 -10.63 0.66 8.29
CA ARG A 76 -9.77 0.16 7.22
C ARG A 76 -10.58 -0.26 6.01
N CYS A 77 -10.00 -0.11 4.83
CA CYS A 77 -10.67 -0.48 3.59
C CYS A 77 -9.86 -1.49 2.80
N TYR A 78 -10.54 -2.40 2.11
CA TYR A 78 -9.87 -3.42 1.31
C TYR A 78 -10.02 -3.13 -0.18
N VAL A 79 -8.89 -2.92 -0.84
CA VAL A 79 -8.87 -2.64 -2.27
C VAL A 79 -7.99 -3.63 -3.02
N GLN A 80 -8.21 -3.74 -4.33
CA GLN A 80 -7.43 -4.65 -5.16
C GLN A 80 -6.04 -4.08 -5.43
N PRO A 81 -5.10 -4.95 -5.81
CA PRO A 81 -3.72 -4.55 -6.11
C PRO A 81 -3.62 -3.75 -7.40
N GLN A 82 -4.73 -3.64 -8.12
CA GLN A 82 -4.77 -2.90 -9.37
C GLN A 82 -4.96 -1.40 -9.11
N TRP A 83 -5.40 -1.08 -7.89
CA TRP A 83 -5.63 0.32 -7.52
C TRP A 83 -4.32 1.10 -7.50
N VAL A 84 -3.22 0.39 -7.26
CA VAL A 84 -1.91 1.02 -7.21
C VAL A 84 -1.39 1.34 -8.61
N PHE A 85 -1.42 0.34 -9.48
CA PHE A 85 -0.96 0.51 -10.86
C PHE A 85 -1.78 1.58 -11.57
N ASP A 86 -3.05 1.72 -11.18
CA ASP A 86 -3.93 2.70 -11.79
C ASP A 86 -3.69 4.08 -11.20
N SER A 87 -3.40 4.12 -9.89
CA SER A 87 -3.17 5.38 -9.20
C SER A 87 -1.86 6.01 -9.66
N VAL A 88 -0.79 5.20 -9.67
CA VAL A 88 0.53 5.68 -10.08
C VAL A 88 0.50 6.17 -11.52
N ASN A 89 -0.12 5.39 -12.39
CA ASN A 89 -0.22 5.74 -13.81
C ASN A 89 -1.05 7.00 -14.00
N ALA A 90 -2.12 7.13 -13.22
CA ALA A 90 -2.99 8.30 -13.30
C ALA A 90 -2.50 9.43 -12.40
N ARG A 91 -1.29 9.26 -11.87
CA ARG A 91 -0.70 10.26 -10.99
C ARG A 91 -1.77 10.94 -10.14
N LEU A 92 -2.66 10.13 -9.58
CA LEU A 92 -3.73 10.66 -8.74
C LEU A 92 -4.39 9.54 -7.93
N LEU A 93 -4.64 9.81 -6.65
CA LEU A 93 -5.26 8.82 -5.78
C LEU A 93 -6.70 8.54 -6.20
N LEU A 94 -6.87 7.47 -6.98
CA LEU A 94 -8.20 7.09 -7.46
C LEU A 94 -9.10 6.68 -6.30
N PRO A 95 -10.42 6.79 -6.52
CA PRO A 95 -11.42 6.44 -5.50
C PRO A 95 -11.48 4.93 -5.24
N VAL A 96 -11.13 4.53 -4.03
CA VAL A 96 -11.15 3.12 -3.65
C VAL A 96 -12.54 2.53 -3.85
N ALA A 97 -13.57 3.37 -3.77
CA ALA A 97 -14.94 2.92 -3.95
C ALA A 97 -15.10 2.10 -5.22
N GLU A 98 -14.34 2.45 -6.25
CA GLU A 98 -14.40 1.74 -7.52
C GLU A 98 -13.67 0.41 -7.44
N TYR A 99 -12.70 0.32 -6.52
CA TYR A 99 -11.93 -0.90 -6.33
C TYR A 99 -12.30 -1.58 -5.02
N PHE A 100 -13.59 -1.63 -4.73
CA PHE A 100 -14.08 -2.25 -3.50
C PHE A 100 -15.14 -3.31 -3.81
N GLY A 1 27.97 15.29 1.60
CA GLY A 1 26.57 15.03 1.87
C GLY A 1 25.88 16.20 2.56
N SER A 2 24.99 16.86 1.83
CA SER A 2 24.26 18.01 2.38
C SER A 2 22.91 18.16 1.70
N SER A 3 22.03 18.95 2.32
CA SER A 3 20.70 19.18 1.78
C SER A 3 20.26 20.62 2.01
N GLY A 4 19.15 21.00 1.37
CA GLY A 4 18.65 22.36 1.53
C GLY A 4 17.16 22.45 1.24
N SER A 5 16.35 22.01 2.20
CA SER A 5 14.90 22.05 2.03
C SER A 5 14.21 22.26 3.39
N SER A 6 13.01 22.83 3.35
CA SER A 6 12.25 23.09 4.57
C SER A 6 10.84 22.52 4.46
N GLY A 7 10.68 21.26 4.83
CA GLY A 7 9.38 20.62 4.77
C GLY A 7 8.86 20.51 3.35
N LYS A 8 9.66 19.91 2.47
CA LYS A 8 9.29 19.73 1.08
C LYS A 8 9.04 18.26 0.76
N HIS A 9 7.84 17.78 1.04
CA HIS A 9 7.49 16.39 0.79
C HIS A 9 6.48 16.29 -0.36
N LYS A 10 6.98 15.96 -1.54
CA LYS A 10 6.14 15.83 -2.72
C LYS A 10 6.08 14.37 -3.19
N LYS A 11 5.28 13.57 -2.50
CA LYS A 11 5.13 12.16 -2.85
C LYS A 11 3.66 11.80 -3.06
N LEU A 12 3.39 11.03 -4.12
CA LEU A 12 2.03 10.62 -4.43
C LEU A 12 1.43 9.80 -3.29
N PHE A 13 2.19 8.82 -2.82
CA PHE A 13 1.72 7.96 -1.73
C PHE A 13 2.21 8.49 -0.39
N GLU A 14 2.20 9.81 -0.23
CA GLU A 14 2.64 10.44 1.00
C GLU A 14 1.61 10.22 2.12
N GLY A 15 2.10 9.83 3.29
CA GLY A 15 1.22 9.58 4.42
C GLY A 15 0.18 8.54 4.12
N LEU A 16 0.62 7.37 3.67
CA LEU A 16 -0.29 6.28 3.34
C LEU A 16 0.36 4.92 3.60
N LYS A 17 -0.36 4.04 4.28
CA LYS A 17 0.15 2.71 4.59
C LYS A 17 -0.59 1.65 3.77
N PHE A 18 0.18 0.73 3.18
CA PHE A 18 -0.39 -0.34 2.37
C PHE A 18 0.09 -1.70 2.85
N PHE A 19 -0.81 -2.68 2.85
CA PHE A 19 -0.47 -4.03 3.29
C PHE A 19 -0.69 -5.03 2.17
N LEU A 20 0.40 -5.66 1.72
CA LEU A 20 0.32 -6.64 0.64
C LEU A 20 0.09 -8.03 1.20
N ASN A 21 -0.66 -8.84 0.47
CA ASN A 21 -0.96 -10.21 0.89
C ASN A 21 -0.05 -11.21 0.19
N ARG A 22 -0.23 -12.48 0.49
CA ARG A 22 0.58 -13.54 -0.10
C ARG A 22 0.07 -13.92 -1.48
N GLU A 23 -1.18 -13.55 -1.77
CA GLU A 23 -1.80 -13.84 -3.05
C GLU A 23 -1.32 -12.86 -4.12
N VAL A 24 -1.31 -11.58 -3.77
CA VAL A 24 -0.88 -10.54 -4.69
C VAL A 24 0.64 -10.40 -4.70
N PRO A 25 1.20 -9.98 -5.85
CA PRO A 25 2.65 -9.80 -6.00
C PRO A 25 3.16 -8.60 -5.21
N ARG A 26 4.30 -8.78 -4.56
CA ARG A 26 4.91 -7.71 -3.77
C ARG A 26 6.12 -7.11 -4.49
N GLU A 27 6.85 -7.96 -5.20
CA GLU A 27 8.03 -7.52 -5.94
C GLU A 27 7.71 -6.30 -6.80
N ALA A 28 6.55 -6.33 -7.46
CA ALA A 28 6.12 -5.24 -8.32
C ALA A 28 5.50 -4.11 -7.49
N LEU A 29 4.60 -4.46 -6.60
CA LEU A 29 3.93 -3.48 -5.75
C LEU A 29 4.92 -2.84 -4.77
N ALA A 30 5.43 -3.66 -3.85
CA ALA A 30 6.39 -3.18 -2.86
C ALA A 30 7.35 -2.17 -3.48
N PHE A 31 7.87 -2.48 -4.66
CA PHE A 31 8.80 -1.61 -5.35
C PHE A 31 8.11 -0.33 -5.81
N ILE A 32 6.92 -0.49 -6.38
CA ILE A 32 6.16 0.66 -6.87
C ILE A 32 5.80 1.61 -5.73
N ILE A 33 5.02 1.11 -4.78
CA ILE A 33 4.60 1.90 -3.63
C ILE A 33 5.81 2.55 -2.96
N ARG A 34 6.88 1.79 -2.80
CA ARG A 34 8.09 2.29 -2.17
C ARG A 34 8.76 3.35 -3.03
N SER A 35 8.66 3.18 -4.35
CA SER A 35 9.25 4.12 -5.29
C SER A 35 8.47 5.43 -5.32
N PHE A 36 7.16 5.33 -5.34
CA PHE A 36 6.30 6.51 -5.36
C PHE A 36 6.30 7.21 -4.00
N GLY A 37 7.06 6.66 -3.06
CA GLY A 37 7.14 7.25 -1.74
C GLY A 37 5.97 6.84 -0.85
N GLY A 38 5.77 5.53 -0.72
CA GLY A 38 4.68 5.03 0.10
C GLY A 38 5.14 3.99 1.10
N GLU A 39 4.41 3.87 2.21
CA GLU A 39 4.74 2.91 3.24
C GLU A 39 4.03 1.59 3.02
N VAL A 40 4.79 0.50 2.98
CA VAL A 40 4.22 -0.83 2.77
C VAL A 40 4.90 -1.86 3.66
N SER A 41 4.10 -2.75 4.24
CA SER A 41 4.63 -3.80 5.11
C SER A 41 3.98 -5.14 4.81
N TRP A 42 4.63 -6.22 5.24
CA TRP A 42 4.11 -7.56 5.01
C TRP A 42 4.23 -8.41 6.28
N ASP A 43 3.88 -9.69 6.16
CA ASP A 43 3.94 -10.60 7.30
C ASP A 43 5.38 -11.05 7.54
N LYS A 44 5.93 -10.64 8.68
CA LYS A 44 7.29 -11.01 9.04
C LYS A 44 7.60 -12.45 8.63
N SER A 45 6.79 -13.37 9.11
CA SER A 45 6.97 -14.79 8.80
C SER A 45 7.25 -14.98 7.31
N LEU A 46 6.41 -14.39 6.48
CA LEU A 46 6.57 -14.49 5.03
C LEU A 46 7.94 -14.01 4.59
N CYS A 47 8.44 -12.98 5.27
CA CYS A 47 9.75 -12.41 4.95
C CYS A 47 10.14 -11.34 5.96
N ILE A 48 11.44 -11.10 6.08
CA ILE A 48 11.94 -10.09 7.02
C ILE A 48 11.85 -8.69 6.42
N GLY A 49 11.95 -7.68 7.28
CA GLY A 49 11.87 -6.31 6.81
C GLY A 49 10.61 -5.62 7.27
N ALA A 50 9.51 -6.37 7.36
CA ALA A 50 8.24 -5.81 7.79
C ALA A 50 8.42 -4.83 8.94
N THR A 51 7.57 -3.80 8.98
CA THR A 51 7.64 -2.78 10.01
C THR A 51 6.45 -2.88 10.96
N TYR A 52 5.24 -2.75 10.41
CA TYR A 52 4.03 -2.82 11.20
C TYR A 52 3.23 -4.08 10.87
N ASP A 53 2.56 -4.63 11.88
CA ASP A 53 1.76 -5.83 11.69
C ASP A 53 0.35 -5.48 11.22
N VAL A 54 -0.37 -6.48 10.73
CA VAL A 54 -1.73 -6.29 10.25
C VAL A 54 -2.62 -5.67 11.33
N THR A 55 -2.31 -5.99 12.58
CA THR A 55 -3.08 -5.48 13.71
C THR A 55 -2.89 -3.96 13.86
N ASP A 56 -1.76 -3.46 13.37
CA ASP A 56 -1.47 -2.04 13.45
C ASP A 56 -2.56 -1.22 12.77
N SER A 57 -3.41 -0.60 13.59
CA SER A 57 -4.50 0.20 13.07
C SER A 57 -3.99 1.28 12.11
N ARG A 58 -2.74 1.68 12.32
CA ARG A 58 -2.12 2.70 11.47
C ARG A 58 -2.40 2.42 10.00
N ILE A 59 -2.32 1.15 9.62
CA ILE A 59 -2.56 0.75 8.23
C ILE A 59 -3.79 1.45 7.66
N THR A 60 -3.59 2.21 6.59
CA THR A 60 -4.67 2.93 5.94
C THR A 60 -5.35 2.07 4.88
N HIS A 61 -4.55 1.48 3.99
CA HIS A 61 -5.07 0.63 2.93
C HIS A 61 -4.49 -0.77 3.03
N GLN A 62 -5.30 -1.76 2.65
CA GLN A 62 -4.86 -3.16 2.68
C GLN A 62 -5.16 -3.86 1.37
N ILE A 63 -4.14 -4.04 0.54
CA ILE A 63 -4.31 -4.71 -0.75
C ILE A 63 -4.55 -6.19 -0.56
N VAL A 64 -5.59 -6.71 -1.22
CA VAL A 64 -5.93 -8.12 -1.14
C VAL A 64 -6.42 -8.65 -2.48
N ASP A 65 -6.45 -9.97 -2.62
CA ASP A 65 -6.91 -10.60 -3.85
C ASP A 65 -8.34 -10.17 -4.18
N ARG A 66 -9.22 -10.25 -3.18
CA ARG A 66 -10.61 -9.87 -3.37
C ARG A 66 -11.18 -9.24 -2.10
N PRO A 67 -11.35 -7.92 -2.12
CA PRO A 67 -11.88 -7.16 -0.98
C PRO A 67 -13.36 -7.44 -0.74
N GLY A 68 -13.94 -8.30 -1.57
CA GLY A 68 -15.34 -8.63 -1.44
C GLY A 68 -15.56 -10.00 -0.83
N GLN A 69 -14.67 -10.93 -1.14
CA GLN A 69 -14.77 -12.29 -0.61
C GLN A 69 -14.43 -12.32 0.88
N GLN A 70 -13.16 -12.14 1.20
CA GLN A 70 -12.71 -12.14 2.59
C GLN A 70 -13.38 -11.02 3.38
N THR A 71 -13.69 -11.29 4.64
CA THR A 71 -14.33 -10.30 5.50
C THR A 71 -13.36 -9.17 5.84
N SER A 72 -13.81 -7.94 5.62
CA SER A 72 -12.99 -6.76 5.90
C SER A 72 -13.01 -6.42 7.39
N VAL A 73 -12.09 -5.56 7.80
CA VAL A 73 -12.00 -5.15 9.21
C VAL A 73 -12.76 -3.85 9.44
N ILE A 74 -13.90 -3.94 10.13
CA ILE A 74 -14.71 -2.77 10.42
C ILE A 74 -13.84 -1.55 10.70
N GLY A 75 -13.75 -0.67 9.70
CA GLY A 75 -12.95 0.54 9.86
C GLY A 75 -11.91 0.69 8.77
N ARG A 76 -11.22 -0.41 8.46
CA ARG A 76 -10.19 -0.39 7.42
C ARG A 76 -10.82 -0.45 6.03
N CYS A 77 -10.05 -0.06 5.02
CA CYS A 77 -10.54 -0.06 3.65
C CYS A 77 -9.67 -0.97 2.77
N TYR A 78 -10.29 -2.04 2.27
CA TYR A 78 -9.57 -2.99 1.41
C TYR A 78 -9.79 -2.67 -0.06
N VAL A 79 -8.70 -2.72 -0.83
CA VAL A 79 -8.77 -2.44 -2.26
C VAL A 79 -7.89 -3.42 -3.05
N GLN A 80 -8.27 -3.65 -4.30
CA GLN A 80 -7.51 -4.55 -5.16
C GLN A 80 -6.15 -3.98 -5.51
N PRO A 81 -5.22 -4.86 -5.92
CA PRO A 81 -3.86 -4.45 -6.28
C PRO A 81 -3.81 -3.66 -7.58
N GLN A 82 -4.96 -3.59 -8.26
CA GLN A 82 -5.04 -2.87 -9.52
C GLN A 82 -5.21 -1.37 -9.28
N TRP A 83 -5.68 -1.02 -8.08
CA TRP A 83 -5.89 0.38 -7.72
C TRP A 83 -4.58 1.16 -7.79
N VAL A 84 -3.52 0.56 -7.29
CA VAL A 84 -2.20 1.20 -7.29
C VAL A 84 -1.71 1.45 -8.72
N PHE A 85 -1.66 0.38 -9.51
CA PHE A 85 -1.21 0.48 -10.89
C PHE A 85 -1.97 1.57 -11.64
N ASP A 86 -3.25 1.71 -11.30
CA ASP A 86 -4.10 2.72 -11.94
C ASP A 86 -3.80 4.11 -11.39
N SER A 87 -3.55 4.19 -10.08
CA SER A 87 -3.26 5.45 -9.44
C SER A 87 -1.95 6.04 -9.96
N VAL A 88 -0.92 5.21 -10.00
CA VAL A 88 0.39 5.64 -10.48
C VAL A 88 0.32 6.10 -11.94
N ASN A 89 -0.35 5.31 -12.77
CA ASN A 89 -0.49 5.64 -14.18
C ASN A 89 -1.26 6.96 -14.36
N ALA A 90 -2.33 7.12 -13.58
CA ALA A 90 -3.13 8.33 -13.65
C ALA A 90 -2.53 9.45 -12.81
N ARG A 91 -1.40 9.17 -12.17
CA ARG A 91 -0.72 10.14 -11.33
C ARG A 91 -1.72 10.88 -10.45
N LEU A 92 -2.67 10.14 -9.89
CA LEU A 92 -3.68 10.73 -9.03
C LEU A 92 -4.38 9.64 -8.20
N LEU A 93 -4.49 9.88 -6.89
CA LEU A 93 -5.14 8.93 -6.00
C LEU A 93 -6.60 8.73 -6.39
N LEU A 94 -6.88 7.60 -7.04
CA LEU A 94 -8.23 7.27 -7.46
C LEU A 94 -9.12 6.95 -6.26
N PRO A 95 -10.44 7.17 -6.42
CA PRO A 95 -11.42 6.91 -5.37
C PRO A 95 -11.59 5.41 -5.10
N VAL A 96 -11.04 4.95 -3.98
CA VAL A 96 -11.13 3.55 -3.61
C VAL A 96 -12.58 3.06 -3.64
N ALA A 97 -13.50 4.00 -3.49
CA ALA A 97 -14.93 3.68 -3.51
C ALA A 97 -15.28 2.80 -4.70
N GLU A 98 -14.60 3.04 -5.83
CA GLU A 98 -14.84 2.28 -7.05
C GLU A 98 -14.25 0.86 -6.93
N TYR A 99 -13.06 0.78 -6.34
CA TYR A 99 -12.40 -0.50 -6.18
C TYR A 99 -12.76 -1.14 -4.84
N PHE A 100 -14.02 -1.02 -4.46
CA PHE A 100 -14.50 -1.58 -3.20
C PHE A 100 -15.60 -2.61 -3.45
N GLY A 1 24.42 5.61 -1.90
CA GLY A 1 24.69 6.82 -1.13
C GLY A 1 23.64 7.88 -1.32
N SER A 2 23.89 8.81 -2.24
CA SER A 2 22.95 9.90 -2.51
C SER A 2 22.90 10.20 -4.00
N SER A 3 21.67 10.37 -4.51
CA SER A 3 21.48 10.67 -5.93
C SER A 3 20.51 11.84 -6.12
N GLY A 4 20.89 12.77 -6.98
CA GLY A 4 20.04 13.92 -7.24
C GLY A 4 19.84 14.78 -6.00
N SER A 5 20.66 15.82 -5.86
CA SER A 5 20.57 16.71 -4.71
C SER A 5 19.65 17.89 -5.01
N SER A 6 18.45 17.58 -5.51
CA SER A 6 17.48 18.61 -5.84
C SER A 6 16.10 18.00 -6.09
N GLY A 7 15.12 18.43 -5.32
CA GLY A 7 13.77 17.91 -5.47
C GLY A 7 12.86 18.29 -4.32
N LYS A 8 11.78 18.99 -4.61
CA LYS A 8 10.83 19.42 -3.58
C LYS A 8 10.19 18.21 -2.90
N HIS A 9 10.21 18.21 -1.57
CA HIS A 9 9.63 17.11 -0.80
C HIS A 9 8.16 16.89 -1.20
N LYS A 10 7.91 15.78 -1.88
CA LYS A 10 6.57 15.44 -2.32
C LYS A 10 6.51 14.02 -2.90
N LYS A 11 5.61 13.21 -2.36
CA LYS A 11 5.46 11.83 -2.81
C LYS A 11 3.99 11.48 -2.99
N LEU A 12 3.63 11.05 -4.20
CA LEU A 12 2.25 10.68 -4.49
C LEU A 12 1.63 9.92 -3.32
N PHE A 13 2.35 8.93 -2.81
CA PHE A 13 1.88 8.12 -1.69
C PHE A 13 2.44 8.65 -0.37
N GLU A 14 2.47 9.96 -0.22
CA GLU A 14 2.98 10.58 0.99
C GLU A 14 1.94 10.57 2.10
N GLY A 15 2.15 9.71 3.10
CA GLY A 15 1.22 9.60 4.21
C GLY A 15 0.14 8.58 3.95
N LEU A 16 0.52 7.42 3.43
CA LEU A 16 -0.42 6.35 3.14
C LEU A 16 0.20 4.99 3.41
N LYS A 17 -0.50 4.15 4.18
CA LYS A 17 -0.02 2.82 4.50
C LYS A 17 -0.62 1.78 3.55
N PHE A 18 0.17 0.78 3.19
CA PHE A 18 -0.29 -0.28 2.31
C PHE A 18 0.11 -1.66 2.84
N PHE A 19 -0.77 -2.64 2.64
CA PHE A 19 -0.50 -4.00 3.11
C PHE A 19 -0.72 -5.01 1.98
N LEU A 20 0.35 -5.69 1.59
CA LEU A 20 0.28 -6.69 0.53
C LEU A 20 0.13 -8.09 1.11
N ASN A 21 -0.58 -8.95 0.38
CA ASN A 21 -0.79 -10.33 0.82
C ASN A 21 -0.03 -11.31 -0.06
N ARG A 22 0.30 -12.47 0.49
CA ARG A 22 1.03 -13.49 -0.25
C ARG A 22 0.35 -13.79 -1.58
N GLU A 23 -0.98 -13.78 -1.57
CA GLU A 23 -1.75 -14.05 -2.78
C GLU A 23 -1.36 -13.10 -3.90
N VAL A 24 -1.29 -11.82 -3.60
CA VAL A 24 -0.93 -10.81 -4.58
C VAL A 24 0.59 -10.60 -4.62
N PRO A 25 1.10 -10.26 -5.80
CA PRO A 25 2.54 -10.02 -6.00
C PRO A 25 3.01 -8.75 -5.32
N ARG A 26 4.03 -8.88 -4.47
CA ARG A 26 4.58 -7.74 -3.75
C ARG A 26 5.79 -7.16 -4.49
N GLU A 27 6.63 -8.04 -5.02
CA GLU A 27 7.82 -7.61 -5.75
C GLU A 27 7.50 -6.43 -6.67
N ALA A 28 6.36 -6.52 -7.35
CA ALA A 28 5.95 -5.46 -8.27
C ALA A 28 5.39 -4.26 -7.50
N LEU A 29 4.51 -4.54 -6.54
CA LEU A 29 3.91 -3.49 -5.73
C LEU A 29 4.93 -2.87 -4.78
N ALA A 30 5.39 -3.67 -3.82
CA ALA A 30 6.37 -3.20 -2.85
C ALA A 30 7.35 -2.21 -3.49
N PHE A 31 7.85 -2.56 -4.67
CA PHE A 31 8.79 -1.71 -5.38
C PHE A 31 8.13 -0.40 -5.80
N ILE A 32 6.90 -0.49 -6.31
CA ILE A 32 6.17 0.69 -6.74
C ILE A 32 5.91 1.63 -5.57
N ILE A 33 5.08 1.18 -4.63
CA ILE A 33 4.75 1.99 -3.46
C ILE A 33 5.98 2.68 -2.90
N ARG A 34 7.10 1.97 -2.88
CA ARG A 34 8.36 2.51 -2.37
C ARG A 34 8.94 3.53 -3.35
N SER A 35 8.88 3.22 -4.64
CA SER A 35 9.41 4.10 -5.67
C SER A 35 8.69 5.45 -5.64
N PHE A 36 7.41 5.43 -5.29
CA PHE A 36 6.62 6.65 -5.22
C PHE A 36 6.64 7.24 -3.81
N GLY A 37 7.58 6.76 -3.00
CA GLY A 37 7.70 7.26 -1.64
C GLY A 37 6.47 6.94 -0.81
N GLY A 38 6.12 5.66 -0.73
CA GLY A 38 4.96 5.26 0.04
C GLY A 38 5.31 4.27 1.14
N GLU A 39 4.31 3.85 1.90
CA GLU A 39 4.52 2.90 2.99
C GLU A 39 3.83 1.57 2.70
N VAL A 40 4.61 0.49 2.74
CA VAL A 40 4.06 -0.85 2.49
C VAL A 40 4.70 -1.87 3.41
N SER A 41 3.86 -2.74 3.99
CA SER A 41 4.33 -3.78 4.90
C SER A 41 3.74 -5.13 4.52
N TRP A 42 4.42 -6.19 4.95
CA TRP A 42 3.96 -7.55 4.67
C TRP A 42 4.05 -8.43 5.91
N ASP A 43 3.64 -9.69 5.77
CA ASP A 43 3.67 -10.62 6.89
C ASP A 43 5.11 -11.05 7.19
N LYS A 44 5.65 -10.55 8.29
CA LYS A 44 7.02 -10.87 8.69
C LYS A 44 7.33 -12.33 8.40
N SER A 45 6.41 -13.22 8.75
CA SER A 45 6.59 -14.65 8.52
C SER A 45 7.20 -14.90 7.14
N LEU A 46 6.66 -14.24 6.13
CA LEU A 46 7.15 -14.39 4.76
C LEU A 46 8.61 -13.99 4.66
N CYS A 47 8.94 -12.80 5.18
CA CYS A 47 10.30 -12.30 5.14
C CYS A 47 10.46 -11.10 6.07
N ILE A 48 11.70 -10.78 6.41
CA ILE A 48 11.99 -9.66 7.30
C ILE A 48 11.59 -8.34 6.65
N GLY A 49 11.70 -7.25 7.41
CA GLY A 49 11.35 -5.94 6.90
C GLY A 49 10.02 -5.45 7.44
N ALA A 50 9.09 -6.38 7.63
CA ALA A 50 7.76 -6.03 8.14
C ALA A 50 7.85 -4.90 9.16
N THR A 51 6.89 -3.98 9.10
CA THR A 51 6.86 -2.85 10.01
C THR A 51 5.65 -2.93 10.95
N TYR A 52 4.47 -3.08 10.37
CA TYR A 52 3.24 -3.17 11.15
C TYR A 52 2.43 -4.41 10.75
N ASP A 53 1.75 -5.00 11.72
CA ASP A 53 0.93 -6.18 11.48
C ASP A 53 -0.34 -5.81 10.74
N VAL A 54 -1.09 -6.84 10.33
CA VAL A 54 -2.35 -6.62 9.62
C VAL A 54 -3.44 -6.12 10.56
N THR A 55 -3.19 -6.23 11.86
CA THR A 55 -4.16 -5.80 12.87
C THR A 55 -3.83 -4.40 13.37
N ASP A 56 -3.03 -3.67 12.60
CA ASP A 56 -2.64 -2.31 12.96
C ASP A 56 -3.55 -1.29 12.32
N SER A 57 -4.44 -0.70 13.11
CA SER A 57 -5.38 0.31 12.61
C SER A 57 -4.66 1.33 11.74
N ARG A 58 -3.41 1.62 12.08
CA ARG A 58 -2.61 2.59 11.33
C ARG A 58 -2.82 2.41 9.83
N ILE A 59 -2.83 1.16 9.38
CA ILE A 59 -3.02 0.86 7.97
C ILE A 59 -4.23 1.60 7.40
N THR A 60 -4.07 2.19 6.22
CA THR A 60 -5.15 2.91 5.57
C THR A 60 -5.73 2.12 4.41
N HIS A 61 -4.86 1.46 3.65
CA HIS A 61 -5.29 0.66 2.51
C HIS A 61 -4.71 -0.74 2.58
N GLN A 62 -5.59 -1.74 2.57
CA GLN A 62 -5.17 -3.14 2.64
C GLN A 62 -5.31 -3.81 1.29
N ILE A 63 -4.18 -4.17 0.68
CA ILE A 63 -4.18 -4.82 -0.62
C ILE A 63 -4.34 -6.32 -0.48
N VAL A 64 -5.43 -6.87 -1.02
CA VAL A 64 -5.69 -8.29 -0.96
C VAL A 64 -6.18 -8.83 -2.29
N ASP A 65 -6.41 -10.13 -2.35
CA ASP A 65 -6.89 -10.77 -3.59
C ASP A 65 -8.40 -10.61 -3.72
N ARG A 66 -9.11 -10.83 -2.63
CA ARG A 66 -10.56 -10.72 -2.63
C ARG A 66 -11.04 -9.75 -1.55
N PRO A 67 -11.00 -8.45 -1.85
CA PRO A 67 -11.42 -7.40 -0.92
C PRO A 67 -12.93 -7.40 -0.69
N GLY A 68 -13.65 -8.09 -1.56
CA GLY A 68 -15.10 -8.16 -1.44
C GLY A 68 -15.54 -9.03 -0.27
N GLN A 69 -15.06 -10.27 -0.25
CA GLN A 69 -15.41 -11.21 0.82
C GLN A 69 -14.31 -11.27 1.88
N GLN A 70 -13.76 -10.11 2.21
CA GLN A 70 -12.70 -10.03 3.21
C GLN A 70 -13.09 -9.10 4.36
N THR A 71 -13.51 -9.69 5.47
CA THR A 71 -13.92 -8.93 6.64
C THR A 71 -13.04 -7.69 6.81
N SER A 72 -13.68 -6.51 6.84
CA SER A 72 -12.95 -5.26 6.98
C SER A 72 -13.09 -4.73 8.41
N VAL A 73 -12.48 -3.58 8.67
CA VAL A 73 -12.52 -2.96 9.99
C VAL A 73 -12.90 -1.49 9.89
N ILE A 74 -13.71 -1.03 10.84
CA ILE A 74 -14.15 0.36 10.86
C ILE A 74 -13.00 1.30 10.54
N GLY A 75 -13.09 1.99 9.41
CA GLY A 75 -12.05 2.91 9.01
C GLY A 75 -11.17 2.35 7.90
N ARG A 76 -10.77 1.10 8.05
CA ARG A 76 -9.92 0.45 7.06
C ARG A 76 -10.75 -0.04 5.88
N CYS A 77 -10.21 0.12 4.67
CA CYS A 77 -10.90 -0.31 3.46
C CYS A 77 -10.00 -1.21 2.61
N TYR A 78 -10.49 -2.40 2.28
CA TYR A 78 -9.73 -3.35 1.48
C TYR A 78 -9.92 -3.07 -0.01
N VAL A 79 -8.83 -3.14 -0.76
CA VAL A 79 -8.88 -2.91 -2.20
C VAL A 79 -7.92 -3.84 -2.94
N GLN A 80 -8.11 -3.94 -4.25
CA GLN A 80 -7.27 -4.80 -5.07
C GLN A 80 -5.92 -4.13 -5.37
N PRO A 81 -4.93 -4.94 -5.76
CA PRO A 81 -3.59 -4.45 -6.08
C PRO A 81 -3.56 -3.63 -7.37
N GLN A 82 -4.71 -3.58 -8.05
CA GLN A 82 -4.81 -2.84 -9.30
C GLN A 82 -4.96 -1.34 -9.03
N TRP A 83 -5.65 -1.00 -7.94
CA TRP A 83 -5.86 0.39 -7.57
C TRP A 83 -4.55 1.16 -7.56
N VAL A 84 -3.49 0.50 -7.16
CA VAL A 84 -2.16 1.13 -7.12
C VAL A 84 -1.68 1.48 -8.52
N PHE A 85 -1.70 0.50 -9.42
CA PHE A 85 -1.27 0.71 -10.79
C PHE A 85 -2.05 1.84 -11.44
N ASP A 86 -3.33 1.94 -11.11
CA ASP A 86 -4.18 2.97 -11.67
C ASP A 86 -3.88 4.33 -11.04
N SER A 87 -3.64 4.33 -9.74
CA SER A 87 -3.34 5.56 -9.01
C SER A 87 -1.93 6.05 -9.35
N VAL A 88 -1.09 5.14 -9.79
CA VAL A 88 0.29 5.47 -10.15
C VAL A 88 0.38 5.93 -11.60
N ASN A 89 -0.49 5.39 -12.44
CA ASN A 89 -0.51 5.74 -13.86
C ASN A 89 -1.34 6.99 -14.10
N ALA A 90 -2.28 7.25 -13.19
CA ALA A 90 -3.15 8.41 -13.31
C ALA A 90 -2.60 9.58 -12.48
N ARG A 91 -1.39 9.42 -11.97
CA ARG A 91 -0.76 10.46 -11.16
C ARG A 91 -1.79 11.16 -10.28
N LEU A 92 -2.68 10.37 -9.68
CA LEU A 92 -3.72 10.91 -8.81
C LEU A 92 -4.39 9.80 -8.00
N LEU A 93 -4.70 10.10 -6.74
CA LEU A 93 -5.34 9.13 -5.87
C LEU A 93 -6.78 8.85 -6.32
N LEU A 94 -6.97 7.71 -6.97
CA LEU A 94 -8.29 7.32 -7.46
C LEU A 94 -9.19 6.88 -6.30
N PRO A 95 -10.51 7.01 -6.50
CA PRO A 95 -11.50 6.63 -5.48
C PRO A 95 -11.59 5.12 -5.28
N VAL A 96 -11.09 4.66 -4.14
CA VAL A 96 -11.10 3.23 -3.84
C VAL A 96 -12.51 2.65 -3.96
N ALA A 97 -13.51 3.51 -3.80
CA ALA A 97 -14.90 3.09 -3.90
C ALA A 97 -15.16 2.36 -5.21
N GLU A 98 -14.24 2.51 -6.16
CA GLU A 98 -14.38 1.87 -7.46
C GLU A 98 -13.62 0.55 -7.50
N TYR A 99 -12.64 0.41 -6.60
CA TYR A 99 -11.85 -0.81 -6.53
C TYR A 99 -12.13 -1.57 -5.24
N PHE A 100 -13.39 -1.54 -4.80
CA PHE A 100 -13.80 -2.22 -3.58
C PHE A 100 -14.60 -3.47 -3.89
N GLY A 1 25.49 28.74 9.39
CA GLY A 1 24.07 28.49 9.17
C GLY A 1 23.67 27.08 9.56
N SER A 2 22.48 26.94 10.14
CA SER A 2 21.99 25.63 10.55
C SER A 2 21.00 25.07 9.53
N SER A 3 19.94 25.81 9.28
CA SER A 3 18.92 25.38 8.32
C SER A 3 19.53 25.16 6.94
N GLY A 4 18.71 24.71 6.00
CA GLY A 4 19.19 24.45 4.65
C GLY A 4 18.24 23.56 3.86
N SER A 5 17.05 24.06 3.58
CA SER A 5 16.06 23.30 2.84
C SER A 5 14.87 24.17 2.46
N SER A 6 14.37 23.99 1.24
CA SER A 6 13.24 24.77 0.75
C SER A 6 12.29 23.89 -0.05
N GLY A 7 11.12 24.44 -0.39
CA GLY A 7 10.15 23.70 -1.16
C GLY A 7 10.10 22.24 -0.78
N LYS A 8 9.36 21.93 0.28
CA LYS A 8 9.24 20.55 0.76
C LYS A 8 8.86 19.62 -0.39
N HIS A 9 9.26 18.36 -0.27
CA HIS A 9 8.95 17.36 -1.29
C HIS A 9 7.49 16.94 -1.21
N LYS A 10 7.05 16.18 -2.22
CA LYS A 10 5.67 15.71 -2.27
C LYS A 10 5.61 14.29 -2.84
N LYS A 11 4.81 13.44 -2.19
CA LYS A 11 4.65 12.06 -2.62
C LYS A 11 3.18 11.68 -2.71
N LEU A 12 2.85 10.84 -3.70
CA LEU A 12 1.47 10.40 -3.88
C LEU A 12 1.00 9.57 -2.70
N PHE A 13 1.89 8.72 -2.18
CA PHE A 13 1.56 7.87 -1.05
C PHE A 13 2.22 8.39 0.23
N GLU A 14 2.39 9.70 0.31
CA GLU A 14 3.00 10.32 1.48
C GLU A 14 2.27 9.92 2.75
N GLY A 15 2.97 9.17 3.61
CA GLY A 15 2.37 8.73 4.86
C GLY A 15 1.44 7.55 4.66
N LEU A 16 0.60 7.61 3.65
CA LEU A 16 -0.35 6.54 3.36
C LEU A 16 0.31 5.18 3.57
N LYS A 17 -0.38 4.32 4.31
CA LYS A 17 0.12 2.97 4.58
C LYS A 17 -0.51 1.95 3.65
N PHE A 18 0.21 0.87 3.38
CA PHE A 18 -0.28 -0.19 2.51
C PHE A 18 0.19 -1.56 2.99
N PHE A 19 -0.64 -2.57 2.76
CA PHE A 19 -0.30 -3.93 3.16
C PHE A 19 -0.62 -4.93 2.05
N LEU A 20 0.41 -5.59 1.54
CA LEU A 20 0.24 -6.56 0.47
C LEU A 20 0.11 -7.98 1.04
N ASN A 21 -0.78 -8.76 0.44
CA ASN A 21 -1.01 -10.13 0.88
C ASN A 21 -0.07 -11.10 0.16
N ARG A 22 -0.06 -12.35 0.62
CA ARG A 22 0.79 -13.37 0.01
C ARG A 22 0.20 -13.87 -1.30
N GLU A 23 -1.04 -13.48 -1.56
CA GLU A 23 -1.73 -13.89 -2.78
C GLU A 23 -1.43 -12.93 -3.93
N VAL A 24 -1.44 -11.64 -3.63
CA VAL A 24 -1.16 -10.62 -4.64
C VAL A 24 0.33 -10.39 -4.78
N PRO A 25 0.75 -9.98 -5.99
CA PRO A 25 2.16 -9.71 -6.29
C PRO A 25 2.68 -8.46 -5.59
N ARG A 26 3.62 -8.65 -4.68
CA ARG A 26 4.20 -7.53 -3.94
C ARG A 26 5.47 -7.03 -4.62
N GLU A 27 6.28 -7.96 -5.11
CA GLU A 27 7.53 -7.61 -5.77
C GLU A 27 7.35 -6.38 -6.65
N ALA A 28 6.18 -6.27 -7.29
CA ALA A 28 5.88 -5.14 -8.16
C ALA A 28 5.31 -3.97 -7.37
N LEU A 29 4.31 -4.27 -6.53
CA LEU A 29 3.67 -3.24 -5.72
C LEU A 29 4.68 -2.58 -4.78
N ALA A 30 5.25 -3.39 -3.89
CA ALA A 30 6.24 -2.88 -2.93
C ALA A 30 7.16 -1.85 -3.59
N PHE A 31 7.90 -2.28 -4.59
CA PHE A 31 8.83 -1.40 -5.30
C PHE A 31 8.12 -0.10 -5.70
N ILE A 32 6.90 -0.22 -6.17
CA ILE A 32 6.12 0.94 -6.59
C ILE A 32 5.80 1.84 -5.40
N ILE A 33 4.88 1.39 -4.55
CA ILE A 33 4.48 2.15 -3.37
C ILE A 33 5.68 2.83 -2.74
N ARG A 34 6.79 2.09 -2.61
CA ARG A 34 8.00 2.62 -2.01
C ARG A 34 8.61 3.71 -2.89
N SER A 35 8.63 3.48 -4.19
CA SER A 35 9.18 4.44 -5.13
C SER A 35 8.35 5.72 -5.16
N PHE A 36 7.06 5.59 -4.86
CA PHE A 36 6.15 6.72 -4.86
C PHE A 36 6.14 7.39 -3.48
N GLY A 37 7.10 7.03 -2.64
CA GLY A 37 7.18 7.60 -1.31
C GLY A 37 6.04 7.16 -0.42
N GLY A 38 5.82 5.85 -0.36
CA GLY A 38 4.74 5.31 0.47
C GLY A 38 5.20 4.14 1.33
N GLU A 39 4.49 3.91 2.43
CA GLU A 39 4.82 2.83 3.33
C GLU A 39 4.08 1.54 2.96
N VAL A 40 4.82 0.44 2.90
CA VAL A 40 4.23 -0.85 2.55
C VAL A 40 4.81 -1.96 3.40
N SER A 41 3.97 -2.92 3.78
CA SER A 41 4.39 -4.05 4.60
C SER A 41 3.80 -5.36 4.08
N TRP A 42 4.42 -6.47 4.46
CA TRP A 42 3.96 -7.79 4.03
C TRP A 42 4.05 -8.79 5.17
N ASP A 43 3.55 -10.00 4.94
CA ASP A 43 3.58 -11.05 5.94
C ASP A 43 5.00 -11.28 6.45
N LYS A 44 5.20 -11.08 7.74
CA LYS A 44 6.51 -11.26 8.36
C LYS A 44 6.94 -12.72 8.28
N SER A 45 6.03 -13.58 7.85
CA SER A 45 6.32 -15.01 7.74
C SER A 45 6.88 -15.34 6.36
N LEU A 46 6.59 -14.48 5.39
CA LEU A 46 7.08 -14.68 4.03
C LEU A 46 8.56 -14.33 3.92
N CYS A 47 8.92 -13.14 4.40
CA CYS A 47 10.29 -12.68 4.35
C CYS A 47 10.52 -11.53 5.32
N ILE A 48 11.78 -11.23 5.61
CA ILE A 48 12.13 -10.15 6.52
C ILE A 48 11.65 -8.81 5.99
N GLY A 49 11.77 -7.76 6.81
CA GLY A 49 11.35 -6.45 6.40
C GLY A 49 10.05 -6.01 7.07
N ALA A 50 9.09 -6.94 7.14
CA ALA A 50 7.81 -6.65 7.74
C ALA A 50 7.96 -5.70 8.94
N THR A 51 7.23 -4.59 8.90
CA THR A 51 7.29 -3.61 9.98
C THR A 51 6.14 -3.80 10.96
N TYR A 52 4.92 -3.59 10.48
CA TYR A 52 3.73 -3.73 11.32
C TYR A 52 2.93 -4.97 10.92
N ASP A 53 2.11 -5.46 11.84
CA ASP A 53 1.28 -6.63 11.57
C ASP A 53 0.00 -6.24 10.85
N VAL A 54 -0.72 -7.24 10.33
CA VAL A 54 -1.96 -6.99 9.61
C VAL A 54 -3.06 -6.52 10.55
N THR A 55 -2.98 -6.94 11.81
CA THR A 55 -3.97 -6.57 12.82
C THR A 55 -3.65 -5.19 13.40
N ASP A 56 -2.87 -4.41 12.68
CA ASP A 56 -2.49 -3.07 13.14
C ASP A 56 -3.46 -2.03 12.60
N SER A 57 -4.41 -1.63 13.43
CA SER A 57 -5.41 -0.64 13.04
C SER A 57 -4.76 0.51 12.28
N ARG A 58 -3.61 0.96 12.77
CA ARG A 58 -2.89 2.05 12.13
C ARG A 58 -2.99 1.97 10.61
N ILE A 59 -2.88 0.75 10.09
CA ILE A 59 -2.96 0.54 8.65
C ILE A 59 -4.13 1.30 8.04
N THR A 60 -3.84 2.14 7.06
CA THR A 60 -4.87 2.92 6.39
C THR A 60 -5.53 2.13 5.27
N HIS A 61 -4.72 1.46 4.47
CA HIS A 61 -5.23 0.65 3.36
C HIS A 61 -4.57 -0.72 3.34
N GLN A 62 -5.35 -1.75 3.01
CA GLN A 62 -4.84 -3.12 2.97
C GLN A 62 -5.09 -3.73 1.59
N ILE A 63 -4.02 -4.06 0.89
CA ILE A 63 -4.12 -4.65 -0.43
C ILE A 63 -4.36 -6.16 -0.34
N VAL A 64 -5.40 -6.64 -1.03
CA VAL A 64 -5.72 -8.05 -1.03
C VAL A 64 -6.16 -8.52 -2.41
N ASP A 65 -6.34 -9.83 -2.56
CA ASP A 65 -6.75 -10.41 -3.84
C ASP A 65 -8.28 -10.48 -3.93
N ARG A 66 -8.91 -10.91 -2.84
CA ARG A 66 -10.36 -11.03 -2.79
C ARG A 66 -10.95 -10.16 -1.68
N PRO A 67 -11.10 -8.86 -1.97
CA PRO A 67 -11.65 -7.90 -1.01
C PRO A 67 -13.14 -8.12 -0.76
N GLY A 68 -13.69 -9.16 -1.37
CA GLY A 68 -15.10 -9.46 -1.19
C GLY A 68 -15.34 -10.53 -0.15
N GLN A 69 -14.36 -11.41 0.03
CA GLN A 69 -14.47 -12.49 1.00
C GLN A 69 -14.24 -11.97 2.42
N GLN A 70 -12.98 -11.63 2.71
CA GLN A 70 -12.63 -11.11 4.03
C GLN A 70 -13.44 -9.87 4.37
N THR A 71 -14.19 -9.94 5.47
CA THR A 71 -15.01 -8.82 5.91
C THR A 71 -14.17 -7.58 6.16
N SER A 72 -14.70 -6.42 5.77
CA SER A 72 -14.00 -5.16 5.96
C SER A 72 -13.89 -4.81 7.43
N VAL A 73 -12.95 -3.92 7.75
CA VAL A 73 -12.74 -3.48 9.13
C VAL A 73 -12.94 -1.98 9.28
N ILE A 74 -13.88 -1.59 10.13
CA ILE A 74 -14.15 -0.17 10.36
C ILE A 74 -12.87 0.66 10.31
N GLY A 75 -12.92 1.76 9.57
CA GLY A 75 -11.76 2.62 9.45
C GLY A 75 -10.82 2.18 8.34
N ARG A 76 -10.50 0.89 8.33
CA ARG A 76 -9.59 0.35 7.31
C ARG A 76 -10.36 -0.03 6.05
N CYS A 77 -9.79 0.27 4.89
CA CYS A 77 -10.41 -0.04 3.62
C CYS A 77 -9.55 -0.99 2.80
N TYR A 78 -10.17 -2.06 2.31
CA TYR A 78 -9.44 -3.05 1.52
C TYR A 78 -9.67 -2.82 0.02
N VAL A 79 -8.57 -2.72 -0.71
CA VAL A 79 -8.64 -2.50 -2.16
C VAL A 79 -7.66 -3.39 -2.90
N GLN A 80 -8.03 -3.81 -4.10
CA GLN A 80 -7.20 -4.67 -4.92
C GLN A 80 -5.87 -3.98 -5.25
N PRO A 81 -4.87 -4.78 -5.65
CA PRO A 81 -3.54 -4.27 -6.00
C PRO A 81 -3.55 -3.47 -7.30
N GLN A 82 -4.67 -3.55 -8.02
CA GLN A 82 -4.80 -2.84 -9.29
C GLN A 82 -5.05 -1.35 -9.06
N TRP A 83 -5.61 -1.02 -7.90
CA TRP A 83 -5.89 0.37 -7.56
C TRP A 83 -4.63 1.21 -7.61
N VAL A 84 -3.47 0.55 -7.46
CA VAL A 84 -2.19 1.25 -7.49
C VAL A 84 -1.66 1.35 -8.92
N PHE A 85 -1.58 0.21 -9.59
CA PHE A 85 -1.08 0.18 -10.97
C PHE A 85 -1.80 1.22 -11.83
N ASP A 86 -3.07 1.45 -11.53
CA ASP A 86 -3.87 2.41 -12.27
C ASP A 86 -3.57 3.83 -11.81
N SER A 87 -3.63 4.05 -10.50
CA SER A 87 -3.37 5.37 -9.94
C SER A 87 -2.01 5.89 -10.39
N VAL A 88 -0.99 5.08 -10.22
CA VAL A 88 0.37 5.46 -10.61
C VAL A 88 0.42 5.88 -12.07
N ASN A 89 -0.24 5.10 -12.93
CA ASN A 89 -0.27 5.39 -14.36
C ASN A 89 -1.10 6.64 -14.64
N ALA A 90 -2.16 6.83 -13.87
CA ALA A 90 -3.03 7.98 -14.04
C ALA A 90 -2.54 9.17 -13.23
N ARG A 91 -1.33 9.04 -12.66
CA ARG A 91 -0.74 10.10 -11.85
C ARG A 91 -1.80 10.77 -10.99
N LEU A 92 -2.73 9.98 -10.46
CA LEU A 92 -3.80 10.49 -9.62
C LEU A 92 -4.30 9.42 -8.66
N LEU A 93 -4.83 9.85 -7.52
CA LEU A 93 -5.35 8.93 -6.51
C LEU A 93 -6.80 8.55 -6.82
N LEU A 94 -6.97 7.44 -7.53
CA LEU A 94 -8.31 6.96 -7.89
C LEU A 94 -9.13 6.64 -6.65
N PRO A 95 -10.46 6.74 -6.76
CA PRO A 95 -11.38 6.46 -5.65
C PRO A 95 -11.42 4.98 -5.31
N VAL A 96 -11.00 4.64 -4.10
CA VAL A 96 -10.99 3.26 -3.64
C VAL A 96 -12.40 2.67 -3.65
N ALA A 97 -13.40 3.55 -3.64
CA ALA A 97 -14.79 3.12 -3.65
C ALA A 97 -15.12 2.35 -4.93
N GLU A 98 -14.31 2.56 -5.96
CA GLU A 98 -14.52 1.88 -7.25
C GLU A 98 -13.83 0.52 -7.26
N TYR A 99 -12.90 0.33 -6.33
CA TYR A 99 -12.15 -0.93 -6.24
C TYR A 99 -12.46 -1.64 -4.92
N PHE A 100 -13.74 -1.66 -4.54
CA PHE A 100 -14.16 -2.30 -3.31
C PHE A 100 -15.57 -2.85 -3.44
N GLY A 1 33.31 16.12 -3.26
CA GLY A 1 32.01 16.70 -2.99
C GLY A 1 31.62 17.74 -4.03
N SER A 2 32.19 18.93 -3.94
CA SER A 2 31.89 20.00 -4.87
C SER A 2 30.42 19.95 -5.30
N SER A 3 29.54 19.69 -4.34
CA SER A 3 28.11 19.61 -4.62
C SER A 3 27.30 19.71 -3.33
N GLY A 4 26.02 20.04 -3.46
CA GLY A 4 25.16 20.15 -2.31
C GLY A 4 23.87 20.91 -2.61
N SER A 5 23.14 20.43 -3.62
CA SER A 5 21.89 21.07 -4.01
C SER A 5 20.69 20.27 -3.50
N SER A 6 20.06 20.79 -2.44
CA SER A 6 18.90 20.13 -1.85
C SER A 6 17.65 20.34 -2.71
N GLY A 7 16.61 19.60 -2.39
CA GLY A 7 15.36 19.72 -3.15
C GLY A 7 14.16 19.22 -2.36
N LYS A 8 12.98 19.37 -2.95
CA LYS A 8 11.74 18.94 -2.29
C LYS A 8 10.67 18.60 -3.33
N HIS A 9 9.95 17.51 -3.10
CA HIS A 9 8.89 17.09 -4.01
C HIS A 9 7.75 16.42 -3.25
N LYS A 10 6.60 16.32 -3.89
CA LYS A 10 5.43 15.70 -3.28
C LYS A 10 5.21 14.29 -3.81
N LYS A 11 5.28 13.31 -2.93
CA LYS A 11 5.09 11.91 -3.31
C LYS A 11 3.61 11.57 -3.38
N LEU A 12 3.21 10.89 -4.45
CA LEU A 12 1.82 10.50 -4.64
C LEU A 12 1.30 9.74 -3.42
N PHE A 13 2.13 8.86 -2.87
CA PHE A 13 1.76 8.08 -1.70
C PHE A 13 2.38 8.66 -0.43
N GLU A 14 2.38 9.99 -0.34
CA GLU A 14 2.94 10.67 0.82
C GLU A 14 1.96 10.64 1.99
N GLY A 15 2.42 10.12 3.12
CA GLY A 15 1.57 10.04 4.30
C GLY A 15 0.46 9.02 4.16
N LEU A 16 0.82 7.81 3.75
CA LEU A 16 -0.15 6.73 3.57
C LEU A 16 0.43 5.39 4.01
N LYS A 17 -0.45 4.43 4.24
CA LYS A 17 -0.03 3.09 4.65
C LYS A 17 -0.70 2.02 3.80
N PHE A 18 0.11 1.18 3.17
CA PHE A 18 -0.41 0.10 2.33
C PHE A 18 0.04 -1.26 2.85
N PHE A 19 -0.81 -2.26 2.66
CA PHE A 19 -0.51 -3.61 3.11
C PHE A 19 -0.79 -4.63 2.01
N LEU A 20 0.25 -5.36 1.61
CA LEU A 20 0.12 -6.36 0.56
C LEU A 20 -0.02 -7.76 1.16
N ASN A 21 -0.75 -8.63 0.47
CA ASN A 21 -0.96 -9.99 0.93
C ASN A 21 -0.11 -10.98 0.13
N ARG A 22 -0.14 -12.24 0.52
CA ARG A 22 0.63 -13.28 -0.15
C ARG A 22 0.04 -13.58 -1.52
N GLU A 23 -1.27 -13.44 -1.64
CA GLU A 23 -1.97 -13.71 -2.89
C GLU A 23 -1.52 -12.73 -3.97
N VAL A 24 -1.44 -11.45 -3.61
CA VAL A 24 -1.03 -10.41 -4.55
C VAL A 24 0.49 -10.34 -4.65
N PRO A 25 0.99 -9.95 -5.84
CA PRO A 25 2.43 -9.83 -6.09
C PRO A 25 3.05 -8.67 -5.33
N ARG A 26 3.90 -8.99 -4.35
CA ARG A 26 4.57 -7.97 -3.55
C ARG A 26 5.74 -7.37 -4.31
N GLU A 27 6.59 -8.23 -4.87
CA GLU A 27 7.75 -7.78 -5.61
C GLU A 27 7.46 -6.47 -6.35
N ALA A 28 6.61 -6.55 -7.37
CA ALA A 28 6.23 -5.39 -8.15
C ALA A 28 5.63 -4.30 -7.26
N LEU A 29 4.48 -4.60 -6.66
CA LEU A 29 3.79 -3.65 -5.78
C LEU A 29 4.80 -2.93 -4.88
N ALA A 30 5.35 -3.67 -3.93
CA ALA A 30 6.33 -3.11 -3.00
C ALA A 30 7.23 -2.09 -3.70
N PHE A 31 8.05 -2.58 -4.62
CA PHE A 31 8.96 -1.72 -5.36
C PHE A 31 8.26 -0.44 -5.81
N ILE A 32 7.09 -0.59 -6.42
CA ILE A 32 6.33 0.55 -6.89
C ILE A 32 6.01 1.51 -5.76
N ILE A 33 5.18 1.07 -4.82
CA ILE A 33 4.81 1.90 -3.68
C ILE A 33 6.00 2.63 -3.11
N ARG A 34 7.12 1.91 -2.96
CA ARG A 34 8.34 2.50 -2.44
C ARG A 34 8.89 3.57 -3.38
N SER A 35 8.99 3.24 -4.66
CA SER A 35 9.49 4.16 -5.66
C SER A 35 8.66 5.45 -5.68
N PHE A 36 7.45 5.36 -5.17
CA PHE A 36 6.54 6.51 -5.13
C PHE A 36 6.50 7.11 -3.72
N GLY A 37 7.54 6.86 -2.94
CA GLY A 37 7.61 7.38 -1.58
C GLY A 37 6.40 6.98 -0.76
N GLY A 38 6.10 5.68 -0.75
CA GLY A 38 4.96 5.20 0.01
C GLY A 38 5.36 4.13 1.01
N GLU A 39 4.49 3.88 1.98
CA GLU A 39 4.75 2.88 3.01
C GLU A 39 4.00 1.59 2.72
N VAL A 40 4.73 0.48 2.70
CA VAL A 40 4.13 -0.83 2.43
C VAL A 40 4.72 -1.89 3.34
N SER A 41 3.87 -2.78 3.85
CA SER A 41 4.31 -3.85 4.74
C SER A 41 3.74 -5.19 4.28
N TRP A 42 4.35 -6.27 4.76
CA TRP A 42 3.90 -7.62 4.41
C TRP A 42 3.95 -8.54 5.62
N ASP A 43 3.47 -9.76 5.45
CA ASP A 43 3.45 -10.74 6.53
C ASP A 43 4.87 -11.11 6.95
N LYS A 44 5.28 -10.63 8.12
CA LYS A 44 6.61 -10.90 8.64
C LYS A 44 6.99 -12.35 8.41
N SER A 45 6.07 -13.26 8.69
CA SER A 45 6.30 -14.69 8.51
C SER A 45 6.80 -14.99 7.10
N LEU A 46 6.06 -14.50 6.10
CA LEU A 46 6.42 -14.72 4.70
C LEU A 46 7.89 -14.38 4.47
N CYS A 47 8.30 -13.19 4.90
CA CYS A 47 9.68 -12.74 4.74
C CYS A 47 10.01 -11.64 5.75
N ILE A 48 11.31 -11.36 5.89
CA ILE A 48 11.76 -10.34 6.81
C ILE A 48 11.61 -8.94 6.21
N GLY A 49 11.43 -7.94 7.08
CA GLY A 49 11.28 -6.58 6.61
C GLY A 49 10.01 -5.93 7.13
N ALA A 50 8.95 -6.71 7.22
CA ALA A 50 7.67 -6.20 7.70
C ALA A 50 7.85 -5.26 8.88
N THR A 51 7.00 -4.25 8.96
CA THR A 51 7.08 -3.27 10.05
C THR A 51 5.91 -3.42 11.01
N TYR A 52 4.70 -3.17 10.51
CA TYR A 52 3.50 -3.28 11.32
C TYR A 52 2.69 -4.53 10.96
N ASP A 53 1.85 -4.96 11.88
CA ASP A 53 1.02 -6.15 11.66
C ASP A 53 -0.20 -5.80 10.81
N VAL A 54 -0.89 -6.83 10.33
CA VAL A 54 -2.08 -6.64 9.51
C VAL A 54 -3.28 -6.23 10.35
N THR A 55 -3.07 -6.17 11.66
CA THR A 55 -4.14 -5.78 12.58
C THR A 55 -3.89 -4.39 13.17
N ASP A 56 -3.06 -3.62 12.49
CA ASP A 56 -2.74 -2.27 12.92
C ASP A 56 -3.66 -1.25 12.27
N SER A 57 -4.61 -0.73 13.05
CA SER A 57 -5.55 0.25 12.55
C SER A 57 -4.87 1.26 11.64
N ARG A 58 -3.68 1.70 12.04
CA ARG A 58 -2.92 2.68 11.26
C ARG A 58 -3.10 2.42 9.77
N ILE A 59 -3.03 1.16 9.37
CA ILE A 59 -3.19 0.79 7.97
C ILE A 59 -4.36 1.54 7.33
N THR A 60 -4.10 2.13 6.17
CA THR A 60 -5.13 2.88 5.45
C THR A 60 -5.67 2.08 4.27
N HIS A 61 -4.79 1.29 3.65
CA HIS A 61 -5.18 0.48 2.51
C HIS A 61 -4.56 -0.91 2.59
N GLN A 62 -5.40 -1.94 2.55
CA GLN A 62 -4.93 -3.31 2.63
C GLN A 62 -5.17 -4.05 1.31
N ILE A 63 -4.13 -4.06 0.46
CA ILE A 63 -4.22 -4.73 -0.83
C ILE A 63 -4.44 -6.23 -0.67
N VAL A 64 -5.55 -6.72 -1.22
CA VAL A 64 -5.88 -8.14 -1.13
C VAL A 64 -6.37 -8.67 -2.48
N ASP A 65 -6.40 -9.98 -2.61
CA ASP A 65 -6.85 -10.62 -3.85
C ASP A 65 -8.38 -10.59 -3.94
N ARG A 66 -9.03 -10.93 -2.83
CA ARG A 66 -10.49 -10.95 -2.79
C ARG A 66 -11.01 -10.05 -1.67
N PRO A 67 -11.11 -8.75 -1.95
CA PRO A 67 -11.59 -7.75 -0.98
C PRO A 67 -13.09 -7.90 -0.70
N GLY A 68 -13.77 -8.66 -1.55
CA GLY A 68 -15.20 -8.88 -1.37
C GLY A 68 -15.50 -9.91 -0.31
N GLN A 69 -14.63 -10.91 -0.18
CA GLN A 69 -14.81 -11.97 0.80
C GLN A 69 -14.27 -11.56 2.15
N GLN A 70 -13.00 -11.17 2.18
CA GLN A 70 -12.34 -10.75 3.42
C GLN A 70 -13.30 -9.95 4.29
N THR A 71 -13.24 -10.20 5.60
CA THR A 71 -14.10 -9.52 6.55
C THR A 71 -13.60 -8.10 6.82
N SER A 72 -14.09 -7.15 6.04
CA SER A 72 -13.68 -5.76 6.20
C SER A 72 -13.67 -5.36 7.68
N VAL A 73 -12.89 -4.34 8.00
CA VAL A 73 -12.78 -3.85 9.37
C VAL A 73 -13.07 -2.36 9.46
N ILE A 74 -14.00 -2.00 10.34
CA ILE A 74 -14.38 -0.60 10.52
C ILE A 74 -13.15 0.30 10.47
N GLY A 75 -13.23 1.35 9.65
CA GLY A 75 -12.13 2.28 9.51
C GLY A 75 -11.18 1.90 8.39
N ARG A 76 -10.91 0.60 8.27
CA ARG A 76 -10.01 0.10 7.23
C ARG A 76 -10.77 -0.24 5.96
N CYS A 77 -10.13 -0.04 4.82
CA CYS A 77 -10.76 -0.33 3.53
C CYS A 77 -9.90 -1.29 2.71
N TYR A 78 -10.50 -2.41 2.31
CA TYR A 78 -9.78 -3.42 1.53
C TYR A 78 -9.93 -3.15 0.04
N VAL A 79 -8.79 -3.05 -0.65
CA VAL A 79 -8.79 -2.80 -2.09
C VAL A 79 -7.89 -3.79 -2.82
N GLN A 80 -8.01 -3.82 -4.14
CA GLN A 80 -7.21 -4.72 -4.96
C GLN A 80 -5.88 -4.07 -5.34
N PRO A 81 -4.90 -4.90 -5.74
CA PRO A 81 -3.58 -4.43 -6.14
C PRO A 81 -3.60 -3.67 -7.47
N GLN A 82 -4.77 -3.64 -8.10
CA GLN A 82 -4.93 -2.95 -9.38
C GLN A 82 -5.13 -1.46 -9.16
N TRP A 83 -5.60 -1.09 -7.98
CA TRP A 83 -5.83 0.31 -7.65
C TRP A 83 -4.52 1.10 -7.68
N VAL A 84 -3.44 0.46 -7.26
CA VAL A 84 -2.13 1.10 -7.24
C VAL A 84 -1.64 1.39 -8.65
N PHE A 85 -1.47 0.34 -9.45
CA PHE A 85 -1.01 0.48 -10.82
C PHE A 85 -1.80 1.57 -11.55
N ASP A 86 -3.07 1.72 -11.18
CA ASP A 86 -3.93 2.72 -11.79
C ASP A 86 -3.61 4.11 -11.26
N SER A 87 -3.39 4.21 -9.96
CA SER A 87 -3.09 5.48 -9.32
C SER A 87 -1.74 6.02 -9.80
N VAL A 88 -0.71 5.18 -9.70
CA VAL A 88 0.63 5.57 -10.14
C VAL A 88 0.62 6.06 -11.57
N ASN A 89 -0.25 5.48 -12.39
CA ASN A 89 -0.35 5.85 -13.80
C ASN A 89 -1.32 7.02 -13.98
N ALA A 90 -2.16 7.25 -12.97
CA ALA A 90 -3.12 8.33 -13.02
C ALA A 90 -2.67 9.51 -12.16
N ARG A 91 -1.43 9.45 -11.69
CA ARG A 91 -0.88 10.51 -10.86
C ARG A 91 -1.93 11.03 -9.87
N LEU A 92 -2.84 10.15 -9.47
CA LEU A 92 -3.90 10.53 -8.53
C LEU A 92 -4.30 9.34 -7.67
N LEU A 93 -5.01 9.61 -6.58
CA LEU A 93 -5.46 8.56 -5.67
C LEU A 93 -6.91 8.17 -5.96
N LEU A 94 -7.12 7.56 -7.12
CA LEU A 94 -8.47 7.14 -7.52
C LEU A 94 -9.28 6.67 -6.31
N PRO A 95 -10.61 6.79 -6.41
CA PRO A 95 -11.52 6.39 -5.34
C PRO A 95 -11.56 4.88 -5.14
N VAL A 96 -11.10 4.41 -4.00
CA VAL A 96 -11.09 2.98 -3.69
C VAL A 96 -12.47 2.38 -3.88
N ALA A 97 -13.50 3.21 -3.82
CA ALA A 97 -14.87 2.75 -3.98
C ALA A 97 -15.04 1.98 -5.29
N GLU A 98 -14.44 2.49 -6.35
CA GLU A 98 -14.53 1.85 -7.66
C GLU A 98 -13.73 0.55 -7.68
N TYR A 99 -12.97 0.31 -6.61
CA TYR A 99 -12.16 -0.89 -6.50
C TYR A 99 -12.45 -1.62 -5.20
N PHE A 100 -13.73 -1.75 -4.86
CA PHE A 100 -14.13 -2.42 -3.63
C PHE A 100 -14.99 -3.64 -3.94
N GLY A 1 18.04 11.91 7.54
CA GLY A 1 19.05 11.07 8.16
C GLY A 1 20.45 11.62 7.97
N SER A 2 21.26 10.91 7.20
CA SER A 2 22.64 11.33 6.95
C SER A 2 22.72 12.83 6.71
N SER A 3 23.88 13.40 6.95
CA SER A 3 24.09 14.84 6.77
C SER A 3 23.78 15.24 5.33
N GLY A 4 22.63 15.89 5.14
CA GLY A 4 22.24 16.34 3.82
C GLY A 4 21.08 17.30 3.84
N SER A 5 21.00 18.16 2.83
CA SER A 5 19.93 19.15 2.75
C SER A 5 18.56 18.48 2.85
N SER A 6 17.80 18.85 3.87
CA SER A 6 16.47 18.28 4.09
C SER A 6 15.41 19.09 3.33
N GLY A 7 15.05 18.62 2.14
CA GLY A 7 14.06 19.31 1.35
C GLY A 7 12.69 18.66 1.44
N LYS A 8 11.64 19.48 1.43
CA LYS A 8 10.28 18.98 1.52
C LYS A 8 9.73 18.64 0.14
N HIS A 9 9.15 17.46 0.00
CA HIS A 9 8.59 17.02 -1.27
C HIS A 9 7.23 16.37 -1.07
N LYS A 10 6.37 16.45 -2.08
CA LYS A 10 5.04 15.87 -2.01
C LYS A 10 4.97 14.59 -2.83
N LYS A 11 5.06 13.45 -2.15
CA LYS A 11 5.00 12.15 -2.81
C LYS A 11 3.55 11.74 -3.06
N LEU A 12 3.35 10.95 -4.11
CA LEU A 12 2.01 10.48 -4.47
C LEU A 12 1.41 9.66 -3.34
N PHE A 13 2.22 8.76 -2.77
CA PHE A 13 1.76 7.92 -1.67
C PHE A 13 2.30 8.42 -0.34
N GLU A 14 2.31 9.74 -0.16
CA GLU A 14 2.80 10.34 1.06
C GLU A 14 1.78 10.21 2.19
N GLY A 15 2.23 9.73 3.34
CA GLY A 15 1.34 9.55 4.48
C GLY A 15 0.26 8.54 4.21
N LEU A 16 0.65 7.37 3.72
CA LEU A 16 -0.32 6.31 3.41
C LEU A 16 0.28 4.94 3.68
N LYS A 17 -0.35 4.18 4.58
CA LYS A 17 0.12 2.85 4.93
C LYS A 17 -0.61 1.78 4.10
N PHE A 18 0.16 1.01 3.34
CA PHE A 18 -0.42 -0.05 2.52
C PHE A 18 -0.01 -1.43 3.02
N PHE A 19 -0.78 -2.44 2.64
CA PHE A 19 -0.49 -3.81 3.06
C PHE A 19 -0.77 -4.79 1.92
N LEU A 20 0.28 -5.47 1.48
CA LEU A 20 0.15 -6.45 0.40
C LEU A 20 -0.05 -7.85 0.95
N ASN A 21 -0.79 -8.68 0.21
CA ASN A 21 -1.05 -10.05 0.62
C ASN A 21 -0.07 -11.01 -0.02
N ARG A 22 -0.21 -12.30 0.30
CA ARG A 22 0.67 -13.32 -0.25
C ARG A 22 0.34 -13.59 -1.71
N GLU A 23 -0.95 -13.62 -2.03
CA GLU A 23 -1.39 -13.87 -3.40
C GLU A 23 -0.90 -12.78 -4.34
N VAL A 24 -1.10 -11.52 -3.95
CA VAL A 24 -0.67 -10.39 -4.77
C VAL A 24 0.86 -10.28 -4.79
N PRO A 25 1.39 -9.76 -5.90
CA PRO A 25 2.84 -9.59 -6.09
C PRO A 25 3.41 -8.50 -5.17
N ARG A 26 4.38 -8.89 -4.35
CA ARG A 26 5.01 -7.96 -3.42
C ARG A 26 6.22 -7.28 -4.07
N GLU A 27 6.96 -8.04 -4.88
CA GLU A 27 8.13 -7.50 -5.57
C GLU A 27 7.75 -6.34 -6.47
N ALA A 28 6.59 -6.46 -7.12
CA ALA A 28 6.12 -5.41 -8.02
C ALA A 28 5.54 -4.23 -7.24
N LEU A 29 4.51 -4.51 -6.45
CA LEU A 29 3.87 -3.48 -5.65
C LEU A 29 4.88 -2.78 -4.75
N ALA A 30 5.53 -3.55 -3.88
CA ALA A 30 6.52 -3.01 -2.96
C ALA A 30 7.45 -2.03 -3.67
N PHE A 31 8.10 -2.50 -4.73
CA PHE A 31 9.02 -1.67 -5.50
C PHE A 31 8.33 -0.38 -5.96
N ILE A 32 7.09 -0.52 -6.42
CA ILE A 32 6.33 0.63 -6.89
C ILE A 32 5.99 1.58 -5.74
N ILE A 33 5.10 1.14 -4.86
CA ILE A 33 4.69 1.94 -3.71
C ILE A 33 5.90 2.60 -3.05
N ARG A 34 7.02 1.87 -3.00
CA ARG A 34 8.24 2.38 -2.40
C ARG A 34 8.89 3.43 -3.29
N SER A 35 8.81 3.22 -4.60
CA SER A 35 9.40 4.15 -5.56
C SER A 35 8.58 5.43 -5.64
N PHE A 36 7.27 5.31 -5.40
CA PHE A 36 6.37 6.45 -5.46
C PHE A 36 6.34 7.18 -4.12
N GLY A 37 7.22 6.76 -3.20
CA GLY A 37 7.27 7.38 -1.90
C GLY A 37 6.09 7.01 -1.02
N GLY A 38 5.91 5.71 -0.78
CA GLY A 38 4.81 5.25 0.05
C GLY A 38 5.22 4.14 0.99
N GLU A 39 4.46 3.99 2.08
CA GLU A 39 4.75 2.96 3.06
C GLU A 39 3.99 1.68 2.76
N VAL A 40 4.69 0.55 2.82
CA VAL A 40 4.08 -0.75 2.55
C VAL A 40 4.66 -1.83 3.45
N SER A 41 3.78 -2.70 3.95
CA SER A 41 4.21 -3.79 4.83
C SER A 41 3.56 -5.11 4.41
N TRP A 42 4.20 -6.21 4.80
CA TRP A 42 3.69 -7.54 4.47
C TRP A 42 3.87 -8.50 5.64
N ASP A 43 3.39 -9.72 5.47
CA ASP A 43 3.51 -10.74 6.51
C ASP A 43 4.96 -11.16 6.70
N LYS A 44 5.53 -10.80 7.85
CA LYS A 44 6.91 -11.14 8.16
C LYS A 44 7.18 -12.62 7.93
N SER A 45 6.20 -13.46 8.30
CA SER A 45 6.33 -14.90 8.14
C SER A 45 6.80 -15.25 6.73
N LEU A 46 6.16 -14.65 5.73
CA LEU A 46 6.50 -14.89 4.34
C LEU A 46 7.95 -14.49 4.06
N CYS A 47 8.33 -13.31 4.51
CA CYS A 47 9.68 -12.81 4.32
C CYS A 47 9.95 -11.60 5.21
N ILE A 48 11.14 -11.57 5.82
CA ILE A 48 11.52 -10.46 6.69
C ILE A 48 11.52 -9.14 5.94
N GLY A 49 11.62 -8.04 6.69
CA GLY A 49 11.63 -6.73 6.07
C GLY A 49 10.40 -5.92 6.42
N ALA A 50 9.26 -6.58 6.51
CA ALA A 50 8.00 -5.92 6.83
C ALA A 50 8.18 -4.96 8.00
N THR A 51 7.19 -4.10 8.22
CA THR A 51 7.24 -3.12 9.30
C THR A 51 6.12 -3.38 10.31
N TYR A 52 4.89 -3.13 9.89
CA TYR A 52 3.73 -3.33 10.76
C TYR A 52 3.01 -4.63 10.43
N ASP A 53 2.23 -5.13 11.37
CA ASP A 53 1.49 -6.36 11.19
C ASP A 53 0.14 -6.09 10.52
N VAL A 54 -0.51 -7.16 10.06
CA VAL A 54 -1.81 -7.04 9.40
C VAL A 54 -2.89 -6.64 10.39
N THR A 55 -2.73 -7.06 11.64
CA THR A 55 -3.69 -6.75 12.69
C THR A 55 -3.44 -5.36 13.27
N ASP A 56 -2.74 -4.52 12.52
CA ASP A 56 -2.42 -3.17 12.97
C ASP A 56 -3.45 -2.18 12.42
N SER A 57 -4.11 -1.46 13.32
CA SER A 57 -5.11 -0.48 12.93
C SER A 57 -4.47 0.73 12.26
N ARG A 58 -3.17 0.89 12.49
CA ARG A 58 -2.42 2.00 11.90
C ARG A 58 -2.55 2.01 10.38
N ILE A 59 -2.64 0.82 9.80
CA ILE A 59 -2.77 0.68 8.35
C ILE A 59 -3.94 1.48 7.83
N THR A 60 -3.78 2.05 6.64
CA THR A 60 -4.83 2.86 6.02
C THR A 60 -5.52 2.09 4.90
N HIS A 61 -4.72 1.39 4.10
CA HIS A 61 -5.26 0.61 2.98
C HIS A 61 -4.73 -0.83 3.02
N GLN A 62 -5.63 -1.78 2.86
CA GLN A 62 -5.26 -3.19 2.88
C GLN A 62 -5.46 -3.83 1.50
N ILE A 63 -4.37 -4.05 0.79
CA ILE A 63 -4.43 -4.66 -0.54
C ILE A 63 -4.65 -6.17 -0.45
N VAL A 64 -5.72 -6.64 -1.07
CA VAL A 64 -6.04 -8.06 -1.07
C VAL A 64 -6.45 -8.54 -2.46
N ASP A 65 -6.14 -9.80 -2.76
CA ASP A 65 -6.47 -10.38 -4.05
C ASP A 65 -7.97 -10.27 -4.33
N ARG A 66 -8.77 -10.47 -3.30
CA ARG A 66 -10.22 -10.39 -3.44
C ARG A 66 -10.86 -9.88 -2.15
N PRO A 67 -11.29 -8.61 -2.16
CA PRO A 67 -11.94 -7.98 -1.00
C PRO A 67 -13.32 -8.54 -0.72
N GLY A 68 -13.79 -9.41 -1.62
CA GLY A 68 -15.10 -10.02 -1.43
C GLY A 68 -15.06 -11.22 -0.52
N GLN A 69 -14.43 -12.30 -0.97
CA GLN A 69 -14.33 -13.51 -0.19
C GLN A 69 -14.16 -13.20 1.30
N GLN A 70 -13.22 -12.31 1.60
CA GLN A 70 -12.95 -11.91 2.98
C GLN A 70 -13.64 -10.59 3.31
N THR A 71 -14.12 -10.47 4.54
CA THR A 71 -14.81 -9.26 4.97
C THR A 71 -13.82 -8.27 5.59
N SER A 72 -13.85 -7.04 5.09
CA SER A 72 -12.95 -6.00 5.60
C SER A 72 -13.23 -5.71 7.06
N VAL A 73 -12.25 -5.12 7.74
CA VAL A 73 -12.38 -4.79 9.15
C VAL A 73 -12.94 -3.37 9.32
N ILE A 74 -13.69 -3.18 10.41
CA ILE A 74 -14.30 -1.89 10.69
C ILE A 74 -13.24 -0.78 10.73
N GLY A 75 -13.48 0.30 9.99
CA GLY A 75 -12.55 1.40 9.95
C GLY A 75 -11.56 1.27 8.81
N ARG A 76 -11.06 0.07 8.59
CA ARG A 76 -10.08 -0.18 7.54
C ARG A 76 -10.79 -0.47 6.21
N CYS A 77 -10.17 -0.03 5.11
CA CYS A 77 -10.74 -0.23 3.79
C CYS A 77 -9.89 -1.19 2.97
N TYR A 78 -10.53 -2.17 2.35
CA TYR A 78 -9.82 -3.15 1.53
C TYR A 78 -10.02 -2.87 0.04
N VAL A 79 -8.92 -2.74 -0.68
CA VAL A 79 -8.96 -2.47 -2.11
C VAL A 79 -8.05 -3.42 -2.88
N GLN A 80 -8.42 -3.72 -4.11
CA GLN A 80 -7.62 -4.62 -4.95
C GLN A 80 -6.25 -4.02 -5.23
N PRO A 81 -5.29 -4.88 -5.60
CA PRO A 81 -3.92 -4.46 -5.91
C PRO A 81 -3.84 -3.66 -7.22
N GLN A 82 -4.95 -3.59 -7.93
CA GLN A 82 -5.01 -2.86 -9.20
C GLN A 82 -5.19 -1.37 -8.95
N TRP A 83 -5.80 -1.03 -7.81
CA TRP A 83 -6.04 0.37 -7.47
C TRP A 83 -4.74 1.17 -7.52
N VAL A 84 -3.67 0.60 -6.98
CA VAL A 84 -2.37 1.26 -6.97
C VAL A 84 -1.84 1.45 -8.38
N PHE A 85 -1.89 0.38 -9.18
CA PHE A 85 -1.41 0.43 -10.56
C PHE A 85 -2.16 1.49 -11.35
N ASP A 86 -3.43 1.67 -11.02
CA ASP A 86 -4.26 2.66 -11.72
C ASP A 86 -3.92 4.07 -11.26
N SER A 87 -3.51 4.21 -10.01
CA SER A 87 -3.16 5.50 -9.45
C SER A 87 -1.83 6.00 -10.01
N VAL A 88 -0.81 5.15 -9.94
CA VAL A 88 0.52 5.49 -10.44
C VAL A 88 0.45 5.90 -11.91
N ASN A 89 -0.36 5.18 -12.68
CA ASN A 89 -0.50 5.46 -14.10
C ASN A 89 -1.19 6.80 -14.32
N ALA A 90 -2.21 7.08 -13.51
CA ALA A 90 -2.95 8.32 -13.62
C ALA A 90 -2.36 9.40 -12.69
N ARG A 91 -1.15 9.14 -12.20
CA ARG A 91 -0.48 10.07 -11.31
C ARG A 91 -1.49 10.79 -10.40
N LEU A 92 -2.48 10.04 -9.92
CA LEU A 92 -3.51 10.60 -9.05
C LEU A 92 -4.15 9.51 -8.19
N LEU A 93 -4.58 9.90 -6.99
CA LEU A 93 -5.21 8.95 -6.08
C LEU A 93 -6.64 8.64 -6.51
N LEU A 94 -6.82 7.46 -7.11
CA LEU A 94 -8.14 7.04 -7.56
C LEU A 94 -9.05 6.72 -6.39
N PRO A 95 -10.38 6.82 -6.62
CA PRO A 95 -11.39 6.55 -5.59
C PRO A 95 -11.45 5.07 -5.24
N VAL A 96 -10.93 4.71 -4.08
CA VAL A 96 -10.93 3.32 -3.61
C VAL A 96 -12.34 2.77 -3.57
N ALA A 97 -13.33 3.66 -3.61
CA ALA A 97 -14.73 3.27 -3.58
C ALA A 97 -15.08 2.38 -4.77
N GLU A 98 -14.56 2.75 -5.94
CA GLU A 98 -14.82 1.99 -7.16
C GLU A 98 -14.09 0.65 -7.12
N TYR A 99 -13.18 0.50 -6.17
CA TYR A 99 -12.41 -0.74 -6.03
C TYR A 99 -12.65 -1.38 -4.67
N PHE A 100 -13.85 -1.16 -4.13
CA PHE A 100 -14.20 -1.72 -2.83
C PHE A 100 -15.32 -2.76 -2.97
N GLY A 1 26.11 5.57 -4.06
CA GLY A 1 26.05 6.33 -2.82
C GLY A 1 25.46 7.71 -3.02
N SER A 2 24.82 8.23 -1.99
CA SER A 2 24.21 9.56 -2.05
C SER A 2 24.17 10.20 -0.67
N SER A 3 25.03 11.21 -0.47
CA SER A 3 25.09 11.90 0.81
C SER A 3 23.73 12.46 1.19
N GLY A 4 23.38 12.33 2.47
CA GLY A 4 22.10 12.82 2.94
C GLY A 4 20.95 12.46 2.00
N SER A 5 19.96 13.35 1.93
CA SER A 5 18.80 13.12 1.07
C SER A 5 18.04 14.42 0.84
N SER A 6 17.58 14.61 -0.39
CA SER A 6 16.84 15.82 -0.75
C SER A 6 15.39 15.48 -1.09
N GLY A 7 14.46 16.23 -0.51
CA GLY A 7 13.05 16.00 -0.76
C GLY A 7 12.28 17.28 -1.00
N LYS A 8 11.95 17.97 0.07
CA LYS A 8 11.20 19.23 -0.01
C LYS A 8 10.22 19.19 -1.18
N HIS A 9 9.45 18.10 -1.26
CA HIS A 9 8.46 17.94 -2.32
C HIS A 9 7.42 16.89 -1.94
N LYS A 10 6.15 17.21 -2.18
CA LYS A 10 5.06 16.30 -1.86
C LYS A 10 5.20 14.99 -2.64
N LYS A 11 4.62 13.92 -2.10
CA LYS A 11 4.68 12.62 -2.75
C LYS A 11 3.28 12.09 -3.05
N LEU A 12 3.19 11.09 -3.92
CA LEU A 12 1.91 10.50 -4.28
C LEU A 12 1.32 9.71 -3.12
N PHE A 13 2.13 8.86 -2.51
CA PHE A 13 1.68 8.05 -1.38
C PHE A 13 2.29 8.56 -0.08
N GLU A 14 2.38 9.88 0.05
CA GLU A 14 2.95 10.49 1.24
C GLU A 14 2.17 10.07 2.48
N GLY A 15 2.85 9.36 3.38
CA GLY A 15 2.21 8.90 4.61
C GLY A 15 1.31 7.70 4.38
N LEU A 16 0.43 7.79 3.38
CA LEU A 16 -0.47 6.70 3.07
C LEU A 16 0.20 5.34 3.30
N LYS A 17 -0.47 4.48 4.07
CA LYS A 17 0.06 3.16 4.36
C LYS A 17 -0.67 2.09 3.55
N PHE A 18 0.06 1.04 3.17
CA PHE A 18 -0.51 -0.04 2.39
C PHE A 18 -0.01 -1.39 2.89
N PHE A 19 -0.80 -2.44 2.65
CA PHE A 19 -0.45 -3.79 3.08
C PHE A 19 -0.74 -4.81 1.98
N LEU A 20 0.30 -5.45 1.47
CA LEU A 20 0.16 -6.44 0.42
C LEU A 20 0.01 -7.85 1.02
N ASN A 21 -0.80 -8.68 0.36
CA ASN A 21 -1.03 -10.04 0.82
C ASN A 21 -0.01 -11.00 0.21
N ARG A 22 -0.15 -12.28 0.52
CA ARG A 22 0.76 -13.30 0.01
C ARG A 22 0.38 -13.70 -1.41
N GLU A 23 -0.92 -13.70 -1.69
CA GLU A 23 -1.41 -14.06 -3.01
C GLU A 23 -1.00 -13.03 -4.05
N VAL A 24 -1.11 -11.75 -3.69
CA VAL A 24 -0.76 -10.66 -4.58
C VAL A 24 0.76 -10.45 -4.62
N PRO A 25 1.26 -9.98 -5.77
CA PRO A 25 2.69 -9.73 -5.96
C PRO A 25 3.18 -8.55 -5.14
N ARG A 26 4.00 -8.82 -4.13
CA ARG A 26 4.55 -7.78 -3.27
C ARG A 26 5.80 -7.18 -3.87
N GLU A 27 6.60 -8.02 -4.53
CA GLU A 27 7.84 -7.57 -5.16
C GLU A 27 7.59 -6.41 -6.10
N ALA A 28 6.48 -6.48 -6.83
CA ALA A 28 6.12 -5.43 -7.78
C ALA A 28 5.48 -4.24 -7.06
N LEU A 29 4.32 -4.47 -6.46
CA LEU A 29 3.61 -3.42 -5.74
C LEU A 29 4.54 -2.70 -4.76
N ALA A 30 5.09 -3.46 -3.82
CA ALA A 30 5.99 -2.90 -2.82
C ALA A 30 6.97 -1.93 -3.46
N PHE A 31 7.71 -2.40 -4.46
CA PHE A 31 8.68 -1.57 -5.16
C PHE A 31 8.03 -0.29 -5.69
N ILE A 32 6.86 -0.45 -6.32
CA ILE A 32 6.14 0.69 -6.87
C ILE A 32 5.76 1.69 -5.78
N ILE A 33 4.95 1.23 -4.83
CA ILE A 33 4.52 2.09 -3.73
C ILE A 33 5.71 2.74 -3.04
N ARG A 34 6.76 1.96 -2.81
CA ARG A 34 7.96 2.47 -2.16
C ARG A 34 8.68 3.47 -3.06
N SER A 35 8.58 3.27 -4.37
CA SER A 35 9.23 4.15 -5.32
C SER A 35 8.47 5.48 -5.44
N PHE A 36 7.14 5.39 -5.41
CA PHE A 36 6.29 6.58 -5.50
C PHE A 36 6.30 7.36 -4.19
N GLY A 37 6.95 6.79 -3.18
CA GLY A 37 7.01 7.45 -1.89
C GLY A 37 5.85 7.08 -0.99
N GLY A 38 5.65 5.79 -0.77
CA GLY A 38 4.57 5.32 0.06
C GLY A 38 5.00 4.25 1.05
N GLU A 39 4.17 4.01 2.07
CA GLU A 39 4.49 3.01 3.08
C GLU A 39 3.82 1.68 2.76
N VAL A 40 4.61 0.62 2.72
CA VAL A 40 4.09 -0.71 2.42
C VAL A 40 4.78 -1.78 3.26
N SER A 41 4.03 -2.76 3.71
CA SER A 41 4.57 -3.84 4.52
C SER A 41 3.88 -5.16 4.20
N TRP A 42 4.61 -6.26 4.40
CA TRP A 42 4.07 -7.58 4.12
C TRP A 42 4.28 -8.52 5.32
N ASP A 43 3.71 -9.70 5.25
CA ASP A 43 3.82 -10.68 6.32
C ASP A 43 5.28 -11.03 6.58
N LYS A 44 5.80 -10.61 7.73
CA LYS A 44 7.19 -10.88 8.09
C LYS A 44 7.56 -12.33 7.79
N SER A 45 6.61 -13.24 8.00
CA SER A 45 6.84 -14.65 7.75
C SER A 45 7.25 -14.89 6.30
N LEU A 46 6.46 -14.34 5.37
CA LEU A 46 6.73 -14.50 3.94
C LEU A 46 8.20 -14.18 3.64
N CYS A 47 8.68 -13.06 4.16
CA CYS A 47 10.06 -12.64 3.95
C CYS A 47 10.40 -11.43 4.82
N ILE A 48 11.65 -11.38 5.27
CA ILE A 48 12.11 -10.29 6.12
C ILE A 48 11.97 -8.95 5.41
N GLY A 49 12.09 -7.87 6.17
CA GLY A 49 11.97 -6.53 5.59
C GLY A 49 10.76 -5.79 6.11
N ALA A 50 9.68 -6.51 6.36
CA ALA A 50 8.45 -5.91 6.86
C ALA A 50 8.72 -5.06 8.09
N THR A 51 7.81 -4.13 8.38
CA THR A 51 7.95 -3.25 9.54
C THR A 51 6.85 -3.50 10.55
N TYR A 52 5.62 -3.20 10.16
CA TYR A 52 4.47 -3.38 11.04
C TYR A 52 3.62 -4.56 10.59
N ASP A 53 2.93 -5.19 11.54
CA ASP A 53 2.08 -6.33 11.23
C ASP A 53 0.73 -5.88 10.69
N VAL A 54 -0.09 -6.84 10.25
CA VAL A 54 -1.40 -6.53 9.71
C VAL A 54 -2.35 -6.04 10.81
N THR A 55 -2.02 -6.37 12.05
CA THR A 55 -2.84 -5.96 13.19
C THR A 55 -2.43 -4.59 13.70
N ASP A 56 -1.86 -3.79 12.80
CA ASP A 56 -1.42 -2.43 13.16
C ASP A 56 -2.39 -1.39 12.62
N SER A 57 -3.21 -0.84 13.52
CA SER A 57 -4.20 0.16 13.13
C SER A 57 -3.61 1.13 12.11
N ARG A 58 -2.36 1.53 12.32
CA ARG A 58 -1.68 2.45 11.42
C ARG A 58 -2.09 2.19 9.97
N ILE A 59 -2.10 0.92 9.59
CA ILE A 59 -2.47 0.54 8.24
C ILE A 59 -3.74 1.26 7.79
N THR A 60 -3.65 1.95 6.66
CA THR A 60 -4.79 2.69 6.12
C THR A 60 -5.50 1.87 5.05
N HIS A 61 -4.73 1.30 4.12
CA HIS A 61 -5.30 0.49 3.05
C HIS A 61 -4.68 -0.91 3.03
N GLN A 62 -5.50 -1.91 2.75
CA GLN A 62 -5.04 -3.28 2.71
C GLN A 62 -5.29 -3.91 1.34
N ILE A 63 -4.21 -4.16 0.61
CA ILE A 63 -4.32 -4.75 -0.72
C ILE A 63 -4.62 -6.25 -0.64
N VAL A 64 -5.69 -6.67 -1.29
CA VAL A 64 -6.09 -8.07 -1.30
C VAL A 64 -6.69 -8.46 -2.64
N ASP A 65 -6.57 -9.74 -2.98
CA ASP A 65 -7.10 -10.25 -4.23
C ASP A 65 -8.63 -10.35 -4.17
N ARG A 66 -9.15 -10.74 -3.01
CA ARG A 66 -10.59 -10.88 -2.83
C ARG A 66 -11.05 -10.10 -1.60
N PRO A 67 -11.33 -8.80 -1.81
CA PRO A 67 -11.79 -7.91 -0.74
C PRO A 67 -13.21 -8.24 -0.27
N GLY A 68 -13.77 -9.30 -0.83
CA GLY A 68 -15.11 -9.72 -0.46
C GLY A 68 -15.11 -10.89 0.51
N GLN A 69 -14.25 -11.87 0.25
CA GLN A 69 -14.17 -13.04 1.11
C GLN A 69 -13.90 -12.64 2.56
N GLN A 70 -12.71 -12.12 2.81
CA GLN A 70 -12.34 -11.69 4.16
C GLN A 70 -13.23 -10.55 4.64
N THR A 71 -13.42 -10.46 5.96
CA THR A 71 -14.25 -9.43 6.54
C THR A 71 -13.44 -8.18 6.86
N SER A 72 -13.81 -7.06 6.25
CA SER A 72 -13.11 -5.80 6.47
C SER A 72 -13.06 -5.46 7.95
N VAL A 73 -12.14 -4.57 8.32
CA VAL A 73 -11.99 -4.15 9.71
C VAL A 73 -12.49 -2.72 9.91
N ILE A 74 -13.48 -2.56 10.78
CA ILE A 74 -14.04 -1.25 11.07
C ILE A 74 -12.96 -0.19 11.12
N GLY A 75 -12.88 0.62 10.06
CA GLY A 75 -11.88 1.68 10.00
C GLY A 75 -10.92 1.51 8.84
N ARG A 76 -10.47 0.28 8.62
CA ARG A 76 -9.55 -0.01 7.53
C ARG A 76 -10.29 -0.13 6.20
N CYS A 77 -9.56 0.05 5.11
CA CYS A 77 -10.15 -0.04 3.78
C CYS A 77 -9.39 -1.03 2.91
N TYR A 78 -10.11 -1.95 2.29
CA TYR A 78 -9.50 -2.97 1.44
C TYR A 78 -9.76 -2.66 -0.03
N VAL A 79 -8.71 -2.73 -0.85
CA VAL A 79 -8.83 -2.46 -2.27
C VAL A 79 -7.91 -3.37 -3.07
N GLN A 80 -8.35 -3.74 -4.28
CA GLN A 80 -7.57 -4.60 -5.15
C GLN A 80 -6.17 -4.03 -5.37
N PRO A 81 -5.22 -4.91 -5.71
CA PRO A 81 -3.83 -4.52 -5.96
C PRO A 81 -3.67 -3.72 -7.25
N GLN A 82 -4.78 -3.56 -7.98
CA GLN A 82 -4.77 -2.81 -9.23
C GLN A 82 -4.95 -1.32 -8.98
N TRP A 83 -5.65 -1.00 -7.89
CA TRP A 83 -5.89 0.40 -7.53
C TRP A 83 -4.59 1.21 -7.58
N VAL A 84 -3.47 0.53 -7.34
CA VAL A 84 -2.17 1.19 -7.36
C VAL A 84 -1.61 1.26 -8.77
N PHE A 85 -1.97 0.28 -9.59
CA PHE A 85 -1.50 0.24 -10.97
C PHE A 85 -2.18 1.31 -11.82
N ASP A 86 -3.47 1.54 -11.55
CA ASP A 86 -4.22 2.55 -12.28
C ASP A 86 -4.01 3.93 -11.69
N SER A 87 -3.62 3.98 -10.42
CA SER A 87 -3.39 5.25 -9.74
C SER A 87 -2.01 5.80 -10.08
N VAL A 88 -0.99 4.95 -9.99
CA VAL A 88 0.37 5.35 -10.30
C VAL A 88 0.48 5.90 -11.71
N ASN A 89 -0.26 5.31 -12.64
CA ASN A 89 -0.25 5.73 -14.03
C ASN A 89 -0.92 7.11 -14.19
N ALA A 90 -1.93 7.36 -13.37
CA ALA A 90 -2.66 8.63 -13.41
C ALA A 90 -2.11 9.59 -12.37
N ARG A 91 -0.94 9.28 -11.83
CA ARG A 91 -0.32 10.13 -10.81
C ARG A 91 -1.37 10.74 -9.89
N LEU A 92 -2.37 9.93 -9.55
CA LEU A 92 -3.45 10.40 -8.67
C LEU A 92 -3.98 9.26 -7.81
N LEU A 93 -4.70 9.60 -6.75
CA LEU A 93 -5.27 8.60 -5.85
C LEU A 93 -6.71 8.28 -6.23
N LEU A 94 -6.88 7.42 -7.23
CA LEU A 94 -8.20 7.03 -7.69
C LEU A 94 -9.10 6.65 -6.52
N PRO A 95 -10.42 6.76 -6.73
CA PRO A 95 -11.40 6.44 -5.69
C PRO A 95 -11.47 4.95 -5.41
N VAL A 96 -11.17 4.56 -4.18
CA VAL A 96 -11.20 3.17 -3.78
C VAL A 96 -12.59 2.56 -3.98
N ALA A 97 -13.61 3.40 -3.84
CA ALA A 97 -15.00 2.95 -4.01
C ALA A 97 -15.13 2.05 -5.23
N GLU A 98 -14.64 2.52 -6.37
CA GLU A 98 -14.72 1.75 -7.60
C GLU A 98 -13.99 0.42 -7.46
N TYR A 99 -12.85 0.45 -6.77
CA TYR A 99 -12.06 -0.76 -6.56
C TYR A 99 -12.39 -1.40 -5.22
N PHE A 100 -13.67 -1.51 -4.92
CA PHE A 100 -14.12 -2.11 -3.67
C PHE A 100 -15.08 -3.27 -3.93
N GLY A 1 24.44 1.09 5.63
CA GLY A 1 24.26 1.98 4.50
C GLY A 1 22.81 2.40 4.33
N SER A 2 22.60 3.70 4.14
CA SER A 2 21.25 4.24 3.96
C SER A 2 21.30 5.59 3.26
N SER A 3 20.28 5.85 2.44
CA SER A 3 20.20 7.10 1.70
C SER A 3 18.84 7.76 1.89
N GLY A 4 18.71 8.99 1.40
CA GLY A 4 17.46 9.71 1.53
C GLY A 4 17.66 11.21 1.59
N SER A 5 16.61 11.96 1.24
CA SER A 5 16.67 13.42 1.25
C SER A 5 15.28 14.02 1.36
N SER A 6 15.14 15.01 2.23
CA SER A 6 13.86 15.68 2.42
C SER A 6 13.45 16.46 1.18
N GLY A 7 12.18 16.31 0.78
CA GLY A 7 11.68 17.00 -0.39
C GLY A 7 10.61 18.00 -0.06
N LYS A 8 10.35 18.93 -0.97
CA LYS A 8 9.33 19.95 -0.77
C LYS A 8 8.12 19.69 -1.66
N HIS A 9 7.75 18.42 -1.79
CA HIS A 9 6.61 18.03 -2.60
C HIS A 9 6.01 16.71 -2.12
N LYS A 10 4.72 16.75 -1.77
CA LYS A 10 4.04 15.56 -1.29
C LYS A 10 4.27 14.37 -2.23
N LYS A 11 4.04 13.17 -1.72
CA LYS A 11 4.22 11.95 -2.51
C LYS A 11 2.88 11.30 -2.81
N LEU A 12 2.75 10.76 -4.03
CA LEU A 12 1.52 10.10 -4.44
C LEU A 12 0.97 9.22 -3.31
N PHE A 13 1.87 8.57 -2.58
CA PHE A 13 1.48 7.70 -1.47
C PHE A 13 2.01 8.23 -0.15
N GLU A 14 1.78 9.52 0.10
CA GLU A 14 2.24 10.15 1.34
C GLU A 14 1.20 9.98 2.45
N GLY A 15 1.68 9.67 3.65
CA GLY A 15 0.78 9.49 4.78
C GLY A 15 -0.25 8.42 4.54
N LEU A 16 0.19 7.31 3.95
CA LEU A 16 -0.71 6.19 3.65
C LEU A 16 -0.02 4.86 3.89
N LYS A 17 -0.57 4.06 4.79
CA LYS A 17 0.00 2.75 5.10
C LYS A 17 -0.67 1.66 4.28
N PHE A 18 0.12 1.00 3.44
CA PHE A 18 -0.39 -0.08 2.59
C PHE A 18 0.06 -1.44 3.10
N PHE A 19 -0.68 -2.48 2.72
CA PHE A 19 -0.36 -3.84 3.14
C PHE A 19 -0.58 -4.83 2.01
N LEU A 20 0.49 -5.53 1.62
CA LEU A 20 0.42 -6.50 0.55
C LEU A 20 0.20 -7.91 1.10
N ASN A 21 -0.59 -8.70 0.39
CA ASN A 21 -0.88 -10.07 0.81
C ASN A 21 -0.04 -11.07 0.02
N ARG A 22 -0.20 -12.35 0.33
CA ARG A 22 0.54 -13.40 -0.35
C ARG A 22 -0.07 -13.70 -1.72
N GLU A 23 -1.37 -13.48 -1.84
CA GLU A 23 -2.07 -13.72 -3.10
C GLU A 23 -1.72 -12.66 -4.13
N VAL A 24 -1.13 -11.56 -3.66
CA VAL A 24 -0.74 -10.46 -4.55
C VAL A 24 0.77 -10.37 -4.66
N PRO A 25 1.25 -9.87 -5.82
CA PRO A 25 2.68 -9.72 -6.09
C PRO A 25 3.30 -8.61 -5.24
N ARG A 26 4.22 -8.99 -4.36
CA ARG A 26 4.90 -8.03 -3.49
C ARG A 26 5.97 -7.26 -4.26
N GLU A 27 7.04 -7.97 -4.62
CA GLU A 27 8.15 -7.35 -5.36
C GLU A 27 7.62 -6.29 -6.33
N ALA A 28 6.55 -6.63 -7.04
CA ALA A 28 5.95 -5.71 -8.01
C ALA A 28 5.42 -4.47 -7.31
N LEU A 29 4.42 -4.65 -6.46
CA LEU A 29 3.82 -3.54 -5.72
C LEU A 29 4.86 -2.82 -4.88
N ALA A 30 5.42 -3.53 -3.91
CA ALA A 30 6.43 -2.97 -3.02
C ALA A 30 7.34 -2.01 -3.78
N PHE A 31 7.89 -2.48 -4.89
CA PHE A 31 8.79 -1.66 -5.70
C PHE A 31 8.09 -0.40 -6.18
N ILE A 32 6.82 -0.54 -6.57
CA ILE A 32 6.04 0.59 -7.04
C ILE A 32 5.78 1.59 -5.92
N ILE A 33 5.03 1.16 -4.90
CA ILE A 33 4.72 2.02 -3.76
C ILE A 33 5.97 2.72 -3.25
N ARG A 34 7.07 1.98 -3.17
CA ARG A 34 8.33 2.53 -2.69
C ARG A 34 8.89 3.55 -3.67
N SER A 35 8.75 3.26 -4.96
CA SER A 35 9.24 4.15 -6.01
C SER A 35 8.44 5.45 -6.03
N PHE A 36 7.22 5.39 -5.53
CA PHE A 36 6.34 6.56 -5.50
C PHE A 36 6.23 7.12 -4.09
N GLY A 37 7.24 6.83 -3.27
CA GLY A 37 7.24 7.32 -1.90
C GLY A 37 6.01 6.89 -1.13
N GLY A 38 5.86 5.59 -0.93
CA GLY A 38 4.71 5.08 -0.21
C GLY A 38 5.10 4.03 0.83
N GLU A 39 4.26 3.87 1.85
CA GLU A 39 4.53 2.91 2.91
C GLU A 39 3.87 1.57 2.59
N VAL A 40 4.65 0.49 2.71
CA VAL A 40 4.15 -0.85 2.44
C VAL A 40 4.81 -1.88 3.35
N SER A 41 3.99 -2.74 3.96
CA SER A 41 4.49 -3.77 4.86
C SER A 41 3.92 -5.13 4.50
N TRP A 42 4.55 -6.19 5.00
CA TRP A 42 4.10 -7.55 4.73
C TRP A 42 4.09 -8.38 6.01
N ASP A 43 3.67 -9.63 5.89
CA ASP A 43 3.60 -10.53 7.04
C ASP A 43 5.00 -10.93 7.50
N LYS A 44 5.43 -10.36 8.63
CA LYS A 44 6.75 -10.64 9.17
C LYS A 44 7.13 -12.10 8.93
N SER A 45 6.18 -13.01 9.17
CA SER A 45 6.42 -14.44 8.98
C SER A 45 6.83 -14.73 7.54
N LEU A 46 6.03 -14.26 6.59
CA LEU A 46 6.31 -14.48 5.18
C LEU A 46 7.73 -14.07 4.83
N CYS A 47 8.11 -12.87 5.26
CA CYS A 47 9.45 -12.35 5.00
C CYS A 47 9.80 -11.23 5.96
N ILE A 48 11.07 -11.15 6.34
CA ILE A 48 11.53 -10.11 7.27
C ILE A 48 11.57 -8.75 6.58
N GLY A 49 11.91 -7.72 7.35
CA GLY A 49 11.99 -6.38 6.81
C GLY A 49 10.69 -5.61 6.98
N ALA A 50 9.61 -6.34 7.27
CA ALA A 50 8.31 -5.72 7.46
C ALA A 50 8.35 -4.65 8.54
N THR A 51 7.20 -4.07 8.84
CA THR A 51 7.12 -3.02 9.85
C THR A 51 5.96 -3.29 10.83
N TYR A 52 4.74 -3.21 10.31
CA TYR A 52 3.55 -3.45 11.13
C TYR A 52 2.77 -4.65 10.62
N ASP A 53 1.98 -5.25 11.50
CA ASP A 53 1.18 -6.41 11.14
C ASP A 53 -0.20 -5.99 10.64
N VAL A 54 -0.94 -6.94 10.07
CA VAL A 54 -2.27 -6.67 9.55
C VAL A 54 -3.23 -6.31 10.68
N THR A 55 -2.91 -6.74 11.90
CA THR A 55 -3.74 -6.47 13.06
C THR A 55 -3.43 -5.09 13.65
N ASP A 56 -2.94 -4.19 12.81
CA ASP A 56 -2.60 -2.84 13.25
C ASP A 56 -3.56 -1.82 12.65
N SER A 57 -4.42 -1.26 13.49
CA SER A 57 -5.40 -0.27 13.06
C SER A 57 -4.74 0.78 12.17
N ARG A 58 -3.52 1.17 12.52
CA ARG A 58 -2.77 2.16 11.77
C ARG A 58 -2.97 1.97 10.27
N ILE A 59 -2.94 0.72 9.83
CA ILE A 59 -3.12 0.39 8.43
C ILE A 59 -4.23 1.23 7.80
N THR A 60 -4.00 1.71 6.58
CA THR A 60 -4.98 2.52 5.88
C THR A 60 -5.61 1.74 4.72
N HIS A 61 -4.87 0.78 4.19
CA HIS A 61 -5.36 -0.03 3.08
C HIS A 61 -4.69 -1.40 3.08
N GLN A 62 -5.49 -2.45 2.92
CA GLN A 62 -4.97 -3.81 2.91
C GLN A 62 -5.13 -4.44 1.53
N ILE A 63 -4.08 -4.33 0.71
CA ILE A 63 -4.10 -4.89 -0.64
C ILE A 63 -4.45 -6.37 -0.62
N VAL A 64 -5.72 -6.69 -0.86
CA VAL A 64 -6.17 -8.07 -0.87
C VAL A 64 -6.80 -8.44 -2.21
N ASP A 65 -6.52 -9.64 -2.68
CA ASP A 65 -7.06 -10.12 -3.96
C ASP A 65 -8.55 -9.86 -4.05
N ARG A 66 -9.26 -10.13 -2.95
CA ARG A 66 -10.70 -9.91 -2.91
C ARG A 66 -11.10 -9.11 -1.68
N PRO A 67 -11.07 -7.78 -1.81
CA PRO A 67 -11.41 -6.87 -0.72
C PRO A 67 -12.91 -6.89 -0.40
N GLY A 68 -13.68 -7.54 -1.26
CA GLY A 68 -15.12 -7.64 -1.04
C GLY A 68 -15.49 -8.78 -0.13
N GLN A 69 -14.82 -9.91 -0.28
CA GLN A 69 -15.10 -11.09 0.54
C GLN A 69 -14.58 -10.89 1.96
N GLN A 70 -13.30 -10.54 2.07
CA GLN A 70 -12.69 -10.32 3.38
C GLN A 70 -13.59 -9.49 4.27
N THR A 71 -13.62 -9.83 5.56
CA THR A 71 -14.44 -9.11 6.53
C THR A 71 -13.89 -7.72 6.81
N SER A 72 -14.50 -6.71 6.18
CA SER A 72 -14.06 -5.33 6.35
C SER A 72 -14.01 -4.96 7.83
N VAL A 73 -13.39 -3.82 8.13
CA VAL A 73 -13.26 -3.35 9.50
C VAL A 73 -13.69 -1.89 9.63
N ILE A 74 -14.48 -1.61 10.65
CA ILE A 74 -14.97 -0.25 10.88
C ILE A 74 -13.80 0.73 11.03
N GLY A 75 -13.33 1.24 9.90
CA GLY A 75 -12.23 2.19 9.91
C GLY A 75 -11.19 1.88 8.86
N ARG A 76 -11.08 0.60 8.49
CA ARG A 76 -10.11 0.18 7.48
C ARG A 76 -10.78 0.02 6.12
N CYS A 77 -9.99 0.10 5.06
CA CYS A 77 -10.50 -0.03 3.70
C CYS A 77 -9.68 -1.04 2.90
N TYR A 78 -10.34 -2.06 2.37
CA TYR A 78 -9.67 -3.08 1.59
C TYR A 78 -9.78 -2.81 0.10
N VAL A 79 -8.64 -2.67 -0.57
CA VAL A 79 -8.61 -2.40 -2.00
C VAL A 79 -7.73 -3.42 -2.73
N GLN A 80 -7.90 -3.48 -4.06
CA GLN A 80 -7.12 -4.41 -4.87
C GLN A 80 -5.79 -3.79 -5.29
N PRO A 81 -4.84 -4.65 -5.70
CA PRO A 81 -3.51 -4.20 -6.13
C PRO A 81 -3.56 -3.46 -7.46
N GLN A 82 -4.74 -3.40 -8.07
CA GLN A 82 -4.92 -2.72 -9.35
C GLN A 82 -5.11 -1.22 -9.14
N TRP A 83 -5.37 -0.84 -7.90
CA TRP A 83 -5.57 0.58 -7.58
C TRP A 83 -4.23 1.31 -7.49
N VAL A 84 -3.15 0.55 -7.44
CA VAL A 84 -1.81 1.14 -7.36
C VAL A 84 -1.24 1.38 -8.75
N PHE A 85 -1.46 0.43 -9.66
CA PHE A 85 -0.97 0.55 -11.02
C PHE A 85 -1.76 1.60 -11.79
N ASP A 86 -3.04 1.70 -11.50
CA ASP A 86 -3.90 2.67 -12.17
C ASP A 86 -3.61 4.09 -11.68
N SER A 87 -3.49 4.24 -10.37
CA SER A 87 -3.22 5.55 -9.77
C SER A 87 -1.86 6.08 -10.25
N VAL A 88 -0.82 5.30 -10.01
CA VAL A 88 0.54 5.69 -10.41
C VAL A 88 0.57 6.13 -11.87
N ASN A 89 -0.12 5.38 -12.73
CA ASN A 89 -0.17 5.69 -14.15
C ASN A 89 -0.99 6.96 -14.40
N ALA A 90 -2.07 7.12 -13.65
CA ALA A 90 -2.94 8.28 -13.79
C ALA A 90 -2.48 9.42 -12.88
N ARG A 91 -1.30 9.27 -12.29
CA ARG A 91 -0.75 10.28 -11.40
C ARG A 91 -1.86 10.90 -10.54
N LEU A 92 -2.73 10.06 -10.02
CA LEU A 92 -3.83 10.53 -9.19
C LEU A 92 -4.29 9.44 -8.22
N LEU A 93 -4.65 9.86 -7.00
CA LEU A 93 -5.10 8.91 -5.99
C LEU A 93 -6.57 8.55 -6.20
N LEU A 94 -6.82 7.73 -7.20
CA LEU A 94 -8.18 7.29 -7.51
C LEU A 94 -8.96 6.98 -6.23
N PRO A 95 -10.29 7.14 -6.30
CA PRO A 95 -11.18 6.88 -5.16
C PRO A 95 -11.26 5.40 -4.82
N VAL A 96 -10.61 5.00 -3.73
CA VAL A 96 -10.61 3.62 -3.29
C VAL A 96 -12.04 3.07 -3.21
N ALA A 97 -13.00 3.98 -3.07
CA ALA A 97 -14.40 3.59 -3.00
C ALA A 97 -14.79 2.65 -4.13
N GLU A 98 -14.20 2.90 -5.30
CA GLU A 98 -14.49 2.07 -6.48
C GLU A 98 -13.90 0.67 -6.32
N TYR A 99 -12.72 0.59 -5.72
CA TYR A 99 -12.05 -0.68 -5.50
C TYR A 99 -12.43 -1.28 -4.15
N PHE A 100 -13.71 -1.17 -3.81
CA PHE A 100 -14.21 -1.69 -2.53
C PHE A 100 -15.70 -1.99 -2.62
#